data_1RNN
# 
_entry.id   1RNN 
# 
_audit_conform.dict_name       mmcif_pdbx.dic 
_audit_conform.dict_version    5.397 
_audit_conform.dict_location   http://mmcif.pdb.org/dictionaries/ascii/mmcif_pdbx.dic 
# 
loop_
_database_2.database_id 
_database_2.database_code 
_database_2.pdbx_database_accession 
_database_2.pdbx_DOI 
PDB   1RNN         pdb_00001rnn 10.2210/pdb1rnn/pdb 
WWPDB D_1000176141 ?            ?                   
# 
loop_
_pdbx_audit_revision_history.ordinal 
_pdbx_audit_revision_history.data_content_type 
_pdbx_audit_revision_history.major_revision 
_pdbx_audit_revision_history.minor_revision 
_pdbx_audit_revision_history.revision_date 
1 'Structure model' 1 0 1996-04-03 
2 'Structure model' 1 1 2008-03-24 
3 'Structure model' 1 2 2011-07-13 
4 'Structure model' 1 3 2019-07-17 
5 'Structure model' 1 4 2019-08-14 
6 'Structure model' 1 5 2024-10-30 
# 
_pdbx_audit_revision_details.ordinal             1 
_pdbx_audit_revision_details.revision_ordinal    1 
_pdbx_audit_revision_details.data_content_type   'Structure model' 
_pdbx_audit_revision_details.provider            repository 
_pdbx_audit_revision_details.type                'Initial release' 
_pdbx_audit_revision_details.description         ? 
_pdbx_audit_revision_details.details             ? 
# 
loop_
_pdbx_audit_revision_group.ordinal 
_pdbx_audit_revision_group.revision_ordinal 
_pdbx_audit_revision_group.data_content_type 
_pdbx_audit_revision_group.group 
1  2 'Structure model' 'Version format compliance' 
2  3 'Structure model' 'Version format compliance' 
3  4 'Structure model' 'Data collection'           
4  4 'Structure model' 'Refinement description'    
5  5 'Structure model' 'Data collection'           
6  5 'Structure model' 'Refinement description'    
7  6 'Structure model' 'Data collection'           
8  6 'Structure model' 'Database references'       
9  6 'Structure model' 'Derived calculations'      
10 6 'Structure model' 'Structure summary'         
# 
loop_
_pdbx_audit_revision_category.ordinal 
_pdbx_audit_revision_category.revision_ordinal 
_pdbx_audit_revision_category.data_content_type 
_pdbx_audit_revision_category.category 
1 4 'Structure model' software                  
2 5 'Structure model' software                  
3 6 'Structure model' chem_comp_atom            
4 6 'Structure model' chem_comp_bond            
5 6 'Structure model' database_2                
6 6 'Structure model' pdbx_entry_details        
7 6 'Structure model' pdbx_modification_feature 
8 6 'Structure model' struct_site               
# 
loop_
_pdbx_audit_revision_item.ordinal 
_pdbx_audit_revision_item.revision_ordinal 
_pdbx_audit_revision_item.data_content_type 
_pdbx_audit_revision_item.item 
1 4 'Structure model' '_software.classification'            
2 4 'Structure model' '_software.name'                      
3 5 'Structure model' '_software.classification'            
4 5 'Structure model' '_software.name'                      
5 6 'Structure model' '_database_2.pdbx_DOI'                
6 6 'Structure model' '_database_2.pdbx_database_accession' 
7 6 'Structure model' '_struct_site.pdbx_auth_asym_id'      
8 6 'Structure model' '_struct_site.pdbx_auth_comp_id'      
9 6 'Structure model' '_struct_site.pdbx_auth_seq_id'       
# 
_pdbx_database_status.status_code                     REL 
_pdbx_database_status.entry_id                        1RNN 
_pdbx_database_status.recvd_initial_deposition_date   1995-11-08 
_pdbx_database_status.deposit_site                    ? 
_pdbx_database_status.process_site                    BNL 
_pdbx_database_status.SG_entry                        . 
_pdbx_database_status.pdb_format_compatible           Y 
_pdbx_database_status.status_code_mr                  ? 
_pdbx_database_status.status_code_sf                  ? 
_pdbx_database_status.status_code_cs                  ? 
_pdbx_database_status.methods_development_category    ? 
_pdbx_database_status.status_code_nmr_data            ? 
# 
loop_
_audit_author.name 
_audit_author.pdbx_ordinal 
'Fedorov, A.A.' 1 
'Almo, S.C.'    2 
# 
_citation.id                        primary 
_citation.title                     'Structure of the Crystalline Complex of Bovine Pancreatic Ribonuclease A and Cytidylic Acid' 
_citation.journal_abbrev            'To be Published' 
_citation.journal_volume            ? 
_citation.page_first                ? 
_citation.page_last                 ? 
_citation.year                      ? 
_citation.journal_id_ASTM           ? 
_citation.country                   ? 
_citation.journal_id_ISSN           ? 
_citation.journal_id_CSD            0353 
_citation.book_publisher            ? 
_citation.pdbx_database_id_PubMed   ? 
_citation.pdbx_database_id_DOI      ? 
# 
loop_
_citation_author.citation_id 
_citation_author.name 
_citation_author.ordinal 
_citation_author.identifier_ORCID 
primary 'Fedorov, A.A.'      1 ? 
primary 'Josef-Mccarthy, D.' 2 ? 
primary 'Graf, I.'           3 ? 
primary 'Anguelova, D.'      4 ? 
primary 'Fedorov, E.V.'      5 ? 
primary 'Almo, S.C.'         6 ? 
# 
loop_
_entity.id 
_entity.type 
_entity.src_method 
_entity.pdbx_description 
_entity.formula_weight 
_entity.pdbx_number_of_molecules 
_entity.pdbx_ec 
_entity.pdbx_mutation 
_entity.pdbx_fragment 
_entity.details 
1 polymer     nat 'RIBONUCLEASE A'            13708.326 1   3.1.27.5 ? ? ? 
2 non-polymer syn "CYTIDINE-5'-MONOPHOSPHATE" 323.197   1   ?        ? ? ? 
3 non-polymer syn 'FORMIC ACID'               46.025    1   ?        ? ? ? 
4 water       nat water                       18.015    103 ?        ? ? ? 
# 
_entity_name_com.entity_id   1 
_entity_name_com.name        
;RNASE A/5'-CMP
;
# 
_entity_poly.entity_id                      1 
_entity_poly.type                           'polypeptide(L)' 
_entity_poly.nstd_linkage                   no 
_entity_poly.nstd_monomer                   no 
_entity_poly.pdbx_seq_one_letter_code       
;KETAAAKFERQHMDSSTSAASSSNYCNQMMKSRNLTKDRCKPVNTFVHESLADVQAVCSQKNVACKNGQTNCYQSYSTMS
ITDCRETGSSKYPNCAYKTTQANKHIIVACEGNPYVPVHFDASV
;
_entity_poly.pdbx_seq_one_letter_code_can   
;KETAAAKFERQHMDSSTSAASSSNYCNQMMKSRNLTKDRCKPVNTFVHESLADVQAVCSQKNVACKNGQTNCYQSYSTMS
ITDCRETGSSKYPNCAYKTTQANKHIIVACEGNPYVPVHFDASV
;
_entity_poly.pdbx_strand_id                 E 
_entity_poly.pdbx_target_identifier         ? 
# 
loop_
_pdbx_entity_nonpoly.entity_id 
_pdbx_entity_nonpoly.name 
_pdbx_entity_nonpoly.comp_id 
2 "CYTIDINE-5'-MONOPHOSPHATE" C5P 
3 'FORMIC ACID'               FMT 
4 water                       HOH 
# 
loop_
_entity_poly_seq.entity_id 
_entity_poly_seq.num 
_entity_poly_seq.mon_id 
_entity_poly_seq.hetero 
1 1   LYS n 
1 2   GLU n 
1 3   THR n 
1 4   ALA n 
1 5   ALA n 
1 6   ALA n 
1 7   LYS n 
1 8   PHE n 
1 9   GLU n 
1 10  ARG n 
1 11  GLN n 
1 12  HIS n 
1 13  MET n 
1 14  ASP n 
1 15  SER n 
1 16  SER n 
1 17  THR n 
1 18  SER n 
1 19  ALA n 
1 20  ALA n 
1 21  SER n 
1 22  SER n 
1 23  SER n 
1 24  ASN n 
1 25  TYR n 
1 26  CYS n 
1 27  ASN n 
1 28  GLN n 
1 29  MET n 
1 30  MET n 
1 31  LYS n 
1 32  SER n 
1 33  ARG n 
1 34  ASN n 
1 35  LEU n 
1 36  THR n 
1 37  LYS n 
1 38  ASP n 
1 39  ARG n 
1 40  CYS n 
1 41  LYS n 
1 42  PRO n 
1 43  VAL n 
1 44  ASN n 
1 45  THR n 
1 46  PHE n 
1 47  VAL n 
1 48  HIS n 
1 49  GLU n 
1 50  SER n 
1 51  LEU n 
1 52  ALA n 
1 53  ASP n 
1 54  VAL n 
1 55  GLN n 
1 56  ALA n 
1 57  VAL n 
1 58  CYS n 
1 59  SER n 
1 60  GLN n 
1 61  LYS n 
1 62  ASN n 
1 63  VAL n 
1 64  ALA n 
1 65  CYS n 
1 66  LYS n 
1 67  ASN n 
1 68  GLY n 
1 69  GLN n 
1 70  THR n 
1 71  ASN n 
1 72  CYS n 
1 73  TYR n 
1 74  GLN n 
1 75  SER n 
1 76  TYR n 
1 77  SER n 
1 78  THR n 
1 79  MET n 
1 80  SER n 
1 81  ILE n 
1 82  THR n 
1 83  ASP n 
1 84  CYS n 
1 85  ARG n 
1 86  GLU n 
1 87  THR n 
1 88  GLY n 
1 89  SER n 
1 90  SER n 
1 91  LYS n 
1 92  TYR n 
1 93  PRO n 
1 94  ASN n 
1 95  CYS n 
1 96  ALA n 
1 97  TYR n 
1 98  LYS n 
1 99  THR n 
1 100 THR n 
1 101 GLN n 
1 102 ALA n 
1 103 ASN n 
1 104 LYS n 
1 105 HIS n 
1 106 ILE n 
1 107 ILE n 
1 108 VAL n 
1 109 ALA n 
1 110 CYS n 
1 111 GLU n 
1 112 GLY n 
1 113 ASN n 
1 114 PRO n 
1 115 TYR n 
1 116 VAL n 
1 117 PRO n 
1 118 VAL n 
1 119 HIS n 
1 120 PHE n 
1 121 ASP n 
1 122 ALA n 
1 123 SER n 
1 124 VAL n 
# 
_entity_src_nat.entity_id                  1 
_entity_src_nat.pdbx_src_id                1 
_entity_src_nat.pdbx_alt_source_flag       sample 
_entity_src_nat.pdbx_beg_seq_num           ? 
_entity_src_nat.pdbx_end_seq_num           ? 
_entity_src_nat.common_name                cattle 
_entity_src_nat.pdbx_organism_scientific   'Bos taurus' 
_entity_src_nat.pdbx_ncbi_taxonomy_id      9913 
_entity_src_nat.genus                      Bos 
_entity_src_nat.species                    ? 
_entity_src_nat.strain                     ? 
_entity_src_nat.tissue                     ? 
_entity_src_nat.tissue_fraction            ? 
_entity_src_nat.pdbx_secretion             ? 
_entity_src_nat.pdbx_fragment              ? 
_entity_src_nat.pdbx_variant               ? 
_entity_src_nat.pdbx_cell_line             ? 
_entity_src_nat.pdbx_atcc                  ? 
_entity_src_nat.pdbx_cellular_location     ? 
_entity_src_nat.pdbx_organ                 PANCREAS 
_entity_src_nat.pdbx_organelle             ? 
_entity_src_nat.pdbx_cell                  ? 
_entity_src_nat.pdbx_plasmid_name          ? 
_entity_src_nat.pdbx_plasmid_details       ? 
_entity_src_nat.details                    ? 
# 
loop_
_chem_comp.id 
_chem_comp.type 
_chem_comp.mon_nstd_flag 
_chem_comp.name 
_chem_comp.pdbx_synonyms 
_chem_comp.formula 
_chem_comp.formula_weight 
ALA 'L-peptide linking' y ALANINE                     ? 'C3 H7 N O2'     89.093  
ARG 'L-peptide linking' y ARGININE                    ? 'C6 H15 N4 O2 1' 175.209 
ASN 'L-peptide linking' y ASPARAGINE                  ? 'C4 H8 N2 O3'    132.118 
ASP 'L-peptide linking' y 'ASPARTIC ACID'             ? 'C4 H7 N O4'     133.103 
C5P non-polymer         . "CYTIDINE-5'-MONOPHOSPHATE" ? 'C9 H14 N3 O8 P' 323.197 
CYS 'L-peptide linking' y CYSTEINE                    ? 'C3 H7 N O2 S'   121.158 
FMT non-polymer         . 'FORMIC ACID'               ? 'C H2 O2'        46.025  
GLN 'L-peptide linking' y GLUTAMINE                   ? 'C5 H10 N2 O3'   146.144 
GLU 'L-peptide linking' y 'GLUTAMIC ACID'             ? 'C5 H9 N O4'     147.129 
GLY 'peptide linking'   y GLYCINE                     ? 'C2 H5 N O2'     75.067  
HIS 'L-peptide linking' y HISTIDINE                   ? 'C6 H10 N3 O2 1' 156.162 
HOH non-polymer         . WATER                       ? 'H2 O'           18.015  
ILE 'L-peptide linking' y ISOLEUCINE                  ? 'C6 H13 N O2'    131.173 
LEU 'L-peptide linking' y LEUCINE                     ? 'C6 H13 N O2'    131.173 
LYS 'L-peptide linking' y LYSINE                      ? 'C6 H15 N2 O2 1' 147.195 
MET 'L-peptide linking' y METHIONINE                  ? 'C5 H11 N O2 S'  149.211 
PHE 'L-peptide linking' y PHENYLALANINE               ? 'C9 H11 N O2'    165.189 
PRO 'L-peptide linking' y PROLINE                     ? 'C5 H9 N O2'     115.130 
SER 'L-peptide linking' y SERINE                      ? 'C3 H7 N O3'     105.093 
THR 'L-peptide linking' y THREONINE                   ? 'C4 H9 N O3'     119.119 
TYR 'L-peptide linking' y TYROSINE                    ? 'C9 H11 N O3'    181.189 
VAL 'L-peptide linking' y VALINE                      ? 'C5 H11 N O2'    117.146 
# 
loop_
_pdbx_poly_seq_scheme.asym_id 
_pdbx_poly_seq_scheme.entity_id 
_pdbx_poly_seq_scheme.seq_id 
_pdbx_poly_seq_scheme.mon_id 
_pdbx_poly_seq_scheme.ndb_seq_num 
_pdbx_poly_seq_scheme.pdb_seq_num 
_pdbx_poly_seq_scheme.auth_seq_num 
_pdbx_poly_seq_scheme.pdb_mon_id 
_pdbx_poly_seq_scheme.auth_mon_id 
_pdbx_poly_seq_scheme.pdb_strand_id 
_pdbx_poly_seq_scheme.pdb_ins_code 
_pdbx_poly_seq_scheme.hetero 
A 1 1   LYS 1   1   1   LYS LYS E . n 
A 1 2   GLU 2   2   2   GLU GLU E . n 
A 1 3   THR 3   3   3   THR THR E . n 
A 1 4   ALA 4   4   4   ALA ALA E . n 
A 1 5   ALA 5   5   5   ALA ALA E . n 
A 1 6   ALA 6   6   6   ALA ALA E . n 
A 1 7   LYS 7   7   7   LYS LYS E . n 
A 1 8   PHE 8   8   8   PHE PHE E . n 
A 1 9   GLU 9   9   9   GLU GLU E . n 
A 1 10  ARG 10  10  10  ARG ARG E . n 
A 1 11  GLN 11  11  11  GLN GLN E . n 
A 1 12  HIS 12  12  12  HIS HIS E . n 
A 1 13  MET 13  13  13  MET MET E . n 
A 1 14  ASP 14  14  14  ASP ASP E . n 
A 1 15  SER 15  15  15  SER SER E . n 
A 1 16  SER 16  16  16  SER SER E . n 
A 1 17  THR 17  17  17  THR THR E . n 
A 1 18  SER 18  18  18  SER SER E . n 
A 1 19  ALA 19  19  19  ALA ALA E . n 
A 1 20  ALA 20  20  20  ALA ALA E . n 
A 1 21  SER 21  21  21  SER SER E . n 
A 1 22  SER 22  22  22  SER SER E . n 
A 1 23  SER 23  23  23  SER SER E . n 
A 1 24  ASN 24  24  24  ASN ASN E . n 
A 1 25  TYR 25  25  25  TYR TYR E . n 
A 1 26  CYS 26  26  26  CYS CYS E . n 
A 1 27  ASN 27  27  27  ASN ASN E . n 
A 1 28  GLN 28  28  28  GLN GLN E . n 
A 1 29  MET 29  29  29  MET MET E . n 
A 1 30  MET 30  30  30  MET MET E . n 
A 1 31  LYS 31  31  31  LYS LYS E . n 
A 1 32  SER 32  32  32  SER SER E . n 
A 1 33  ARG 33  33  33  ARG ARG E . n 
A 1 34  ASN 34  34  34  ASN ASN E . n 
A 1 35  LEU 35  35  35  LEU LEU E . n 
A 1 36  THR 36  36  36  THR THR E . n 
A 1 37  LYS 37  37  37  LYS LYS E . n 
A 1 38  ASP 38  38  38  ASP ASP E . n 
A 1 39  ARG 39  39  39  ARG ARG E . n 
A 1 40  CYS 40  40  40  CYS CYS E . n 
A 1 41  LYS 41  41  41  LYS LYS E . n 
A 1 42  PRO 42  42  42  PRO PRO E . n 
A 1 43  VAL 43  43  43  VAL VAL E . n 
A 1 44  ASN 44  44  44  ASN ASN E . n 
A 1 45  THR 45  45  45  THR THR E . n 
A 1 46  PHE 46  46  46  PHE PHE E . n 
A 1 47  VAL 47  47  47  VAL VAL E . n 
A 1 48  HIS 48  48  48  HIS HIS E . n 
A 1 49  GLU 49  49  49  GLU GLU E . n 
A 1 50  SER 50  50  50  SER SER E . n 
A 1 51  LEU 51  51  51  LEU LEU E . n 
A 1 52  ALA 52  52  52  ALA ALA E . n 
A 1 53  ASP 53  53  53  ASP ASP E . n 
A 1 54  VAL 54  54  54  VAL VAL E . n 
A 1 55  GLN 55  55  55  GLN GLN E . n 
A 1 56  ALA 56  56  56  ALA ALA E . n 
A 1 57  VAL 57  57  57  VAL VAL E . n 
A 1 58  CYS 58  58  58  CYS CYS E . n 
A 1 59  SER 59  59  59  SER SER E . n 
A 1 60  GLN 60  60  60  GLN GLN E . n 
A 1 61  LYS 61  61  61  LYS LYS E . n 
A 1 62  ASN 62  62  62  ASN ASN E . n 
A 1 63  VAL 63  63  63  VAL VAL E . n 
A 1 64  ALA 64  64  64  ALA ALA E . n 
A 1 65  CYS 65  65  65  CYS CYS E . n 
A 1 66  LYS 66  66  66  LYS LYS E . n 
A 1 67  ASN 67  67  67  ASN ASN E . n 
A 1 68  GLY 68  68  68  GLY GLY E . n 
A 1 69  GLN 69  69  69  GLN GLN E . n 
A 1 70  THR 70  70  70  THR THR E . n 
A 1 71  ASN 71  71  71  ASN ASN E . n 
A 1 72  CYS 72  72  72  CYS CYS E . n 
A 1 73  TYR 73  73  73  TYR TYR E . n 
A 1 74  GLN 74  74  74  GLN GLN E . n 
A 1 75  SER 75  75  75  SER SER E . n 
A 1 76  TYR 76  76  76  TYR TYR E . n 
A 1 77  SER 77  77  77  SER SER E . n 
A 1 78  THR 78  78  78  THR THR E . n 
A 1 79  MET 79  79  79  MET MET E . n 
A 1 80  SER 80  80  80  SER SER E . n 
A 1 81  ILE 81  81  81  ILE ILE E . n 
A 1 82  THR 82  82  82  THR THR E . n 
A 1 83  ASP 83  83  83  ASP ASP E . n 
A 1 84  CYS 84  84  84  CYS CYS E . n 
A 1 85  ARG 85  85  85  ARG ARG E . n 
A 1 86  GLU 86  86  86  GLU GLU E . n 
A 1 87  THR 87  87  87  THR THR E . n 
A 1 88  GLY 88  88  88  GLY GLY E . n 
A 1 89  SER 89  89  89  SER SER E . n 
A 1 90  SER 90  90  90  SER SER E . n 
A 1 91  LYS 91  91  91  LYS LYS E . n 
A 1 92  TYR 92  92  92  TYR TYR E . n 
A 1 93  PRO 93  93  93  PRO PRO E . n 
A 1 94  ASN 94  94  94  ASN ASN E . n 
A 1 95  CYS 95  95  95  CYS CYS E . n 
A 1 96  ALA 96  96  96  ALA ALA E . n 
A 1 97  TYR 97  97  97  TYR TYR E . n 
A 1 98  LYS 98  98  98  LYS LYS E . n 
A 1 99  THR 99  99  99  THR THR E . n 
A 1 100 THR 100 100 100 THR THR E . n 
A 1 101 GLN 101 101 101 GLN GLN E . n 
A 1 102 ALA 102 102 102 ALA ALA E . n 
A 1 103 ASN 103 103 103 ASN ASN E . n 
A 1 104 LYS 104 104 104 LYS LYS E . n 
A 1 105 HIS 105 105 105 HIS HIS E . n 
A 1 106 ILE 106 106 106 ILE ILE E . n 
A 1 107 ILE 107 107 107 ILE ILE E . n 
A 1 108 VAL 108 108 108 VAL VAL E . n 
A 1 109 ALA 109 109 109 ALA ALA E . n 
A 1 110 CYS 110 110 110 CYS CYS E . n 
A 1 111 GLU 111 111 111 GLU GLU E . n 
A 1 112 GLY 112 112 112 GLY GLY E . n 
A 1 113 ASN 113 113 113 ASN ASN E . n 
A 1 114 PRO 114 114 114 PRO PRO E . n 
A 1 115 TYR 115 115 115 TYR TYR E . n 
A 1 116 VAL 116 116 116 VAL VAL E . n 
A 1 117 PRO 117 117 117 PRO PRO E . n 
A 1 118 VAL 118 118 118 VAL VAL E . n 
A 1 119 HIS 119 119 119 HIS HIS E . n 
A 1 120 PHE 120 120 120 PHE PHE E . n 
A 1 121 ASP 121 121 121 ASP ASP E . n 
A 1 122 ALA 122 122 122 ALA ALA E . n 
A 1 123 SER 123 123 123 SER SER E . n 
A 1 124 VAL 124 124 124 VAL VAL E . n 
# 
loop_
_pdbx_nonpoly_scheme.asym_id 
_pdbx_nonpoly_scheme.entity_id 
_pdbx_nonpoly_scheme.mon_id 
_pdbx_nonpoly_scheme.ndb_seq_num 
_pdbx_nonpoly_scheme.pdb_seq_num 
_pdbx_nonpoly_scheme.auth_seq_num 
_pdbx_nonpoly_scheme.pdb_mon_id 
_pdbx_nonpoly_scheme.auth_mon_id 
_pdbx_nonpoly_scheme.pdb_strand_id 
_pdbx_nonpoly_scheme.pdb_ins_code 
B 2 C5P 1   200 200 C5P C   E . 
C 3 FMT 1   131 131 FMT FMT E . 
D 4 HOH 1   201 201 HOH HOH E . 
D 4 HOH 2   202 202 HOH HOH E . 
D 4 HOH 3   203 203 HOH HOH E . 
D 4 HOH 4   204 204 HOH HOH E . 
D 4 HOH 5   205 205 HOH HOH E . 
D 4 HOH 6   206 206 HOH HOH E . 
D 4 HOH 7   207 207 HOH HOH E . 
D 4 HOH 8   208 208 HOH HOH E . 
D 4 HOH 9   209 209 HOH HOH E . 
D 4 HOH 10  210 210 HOH HOH E . 
D 4 HOH 11  211 211 HOH HOH E . 
D 4 HOH 12  212 212 HOH HOH E . 
D 4 HOH 13  213 213 HOH HOH E . 
D 4 HOH 14  214 214 HOH HOH E . 
D 4 HOH 15  215 215 HOH HOH E . 
D 4 HOH 16  216 216 HOH HOH E . 
D 4 HOH 17  217 217 HOH HOH E . 
D 4 HOH 18  218 218 HOH HOH E . 
D 4 HOH 19  219 219 HOH HOH E . 
D 4 HOH 20  220 220 HOH HOH E . 
D 4 HOH 21  221 221 HOH HOH E . 
D 4 HOH 22  222 222 HOH HOH E . 
D 4 HOH 23  223 223 HOH HOH E . 
D 4 HOH 24  224 224 HOH HOH E . 
D 4 HOH 25  225 225 HOH HOH E . 
D 4 HOH 26  226 226 HOH HOH E . 
D 4 HOH 27  227 227 HOH HOH E . 
D 4 HOH 28  228 228 HOH HOH E . 
D 4 HOH 29  229 229 HOH HOH E . 
D 4 HOH 30  230 230 HOH HOH E . 
D 4 HOH 31  231 231 HOH HOH E . 
D 4 HOH 32  232 232 HOH HOH E . 
D 4 HOH 33  233 233 HOH HOH E . 
D 4 HOH 34  234 234 HOH HOH E . 
D 4 HOH 35  235 235 HOH HOH E . 
D 4 HOH 36  236 236 HOH HOH E . 
D 4 HOH 37  237 237 HOH HOH E . 
D 4 HOH 38  238 238 HOH HOH E . 
D 4 HOH 39  239 239 HOH HOH E . 
D 4 HOH 40  240 240 HOH HOH E . 
D 4 HOH 41  241 241 HOH HOH E . 
D 4 HOH 42  242 242 HOH HOH E . 
D 4 HOH 43  243 243 HOH HOH E . 
D 4 HOH 44  244 244 HOH HOH E . 
D 4 HOH 45  245 245 HOH HOH E . 
D 4 HOH 46  246 246 HOH HOH E . 
D 4 HOH 47  247 247 HOH HOH E . 
D 4 HOH 48  248 248 HOH HOH E . 
D 4 HOH 49  249 249 HOH HOH E . 
D 4 HOH 50  250 250 HOH HOH E . 
D 4 HOH 51  251 251 HOH HOH E . 
D 4 HOH 52  252 252 HOH HOH E . 
D 4 HOH 53  253 253 HOH HOH E . 
D 4 HOH 54  254 254 HOH HOH E . 
D 4 HOH 55  255 255 HOH HOH E . 
D 4 HOH 56  256 256 HOH HOH E . 
D 4 HOH 57  257 257 HOH HOH E . 
D 4 HOH 58  258 258 HOH HOH E . 
D 4 HOH 59  259 259 HOH HOH E . 
D 4 HOH 60  260 260 HOH HOH E . 
D 4 HOH 61  261 261 HOH HOH E . 
D 4 HOH 62  262 262 HOH HOH E . 
D 4 HOH 63  263 263 HOH HOH E . 
D 4 HOH 64  264 264 HOH HOH E . 
D 4 HOH 65  265 265 HOH HOH E . 
D 4 HOH 66  266 266 HOH HOH E . 
D 4 HOH 67  267 267 HOH HOH E . 
D 4 HOH 68  268 268 HOH HOH E . 
D 4 HOH 69  269 269 HOH HOH E . 
D 4 HOH 70  270 270 HOH HOH E . 
D 4 HOH 71  271 271 HOH HOH E . 
D 4 HOH 72  272 272 HOH HOH E . 
D 4 HOH 73  273 273 HOH HOH E . 
D 4 HOH 74  274 274 HOH HOH E . 
D 4 HOH 75  275 275 HOH HOH E . 
D 4 HOH 76  276 276 HOH HOH E . 
D 4 HOH 77  277 277 HOH HOH E . 
D 4 HOH 78  278 278 HOH HOH E . 
D 4 HOH 79  279 279 HOH HOH E . 
D 4 HOH 80  280 280 HOH HOH E . 
D 4 HOH 81  281 281 HOH HOH E . 
D 4 HOH 82  282 282 HOH HOH E . 
D 4 HOH 83  283 283 HOH HOH E . 
D 4 HOH 84  284 284 HOH HOH E . 
D 4 HOH 85  285 285 HOH HOH E . 
D 4 HOH 86  286 286 HOH HOH E . 
D 4 HOH 87  287 287 HOH HOH E . 
D 4 HOH 88  288 288 HOH HOH E . 
D 4 HOH 89  289 289 HOH HOH E . 
D 4 HOH 90  290 290 HOH HOH E . 
D 4 HOH 91  291 291 HOH HOH E . 
D 4 HOH 92  292 292 HOH HOH E . 
D 4 HOH 93  293 293 HOH HOH E . 
D 4 HOH 94  294 294 HOH HOH E . 
D 4 HOH 95  295 295 HOH HOH E . 
D 4 HOH 96  296 296 HOH HOH E . 
D 4 HOH 97  297 297 HOH HOH E . 
D 4 HOH 98  298 298 HOH HOH E . 
D 4 HOH 99  299 299 HOH HOH E . 
D 4 HOH 100 300 300 HOH HOH E . 
D 4 HOH 101 301 301 HOH HOH E . 
D 4 HOH 102 302 302 HOH HOH E . 
D 4 HOH 103 303 303 HOH HOH E . 
# 
loop_
_software.name 
_software.classification 
_software.version 
_software.citation_id 
_software.pdbx_ordinal 
XDS    'data scaling'   . ? 1 
X-PLOR 'model building' . ? 2 
PROFFT refinement       . ? 3 
X-PLOR refinement       . ? 4 
XDS    'data reduction' . ? 5 
X-PLOR phasing          . ? 6 
# 
_cell.entry_id           1RNN 
_cell.length_a           65.114 
_cell.length_b           65.114 
_cell.length_c           65.272 
_cell.angle_alpha        90.00 
_cell.angle_beta         90.00 
_cell.angle_gamma        120.00 
_cell.Z_PDB              6 
_cell.pdbx_unique_axis   ? 
# 
_symmetry.entry_id                         1RNN 
_symmetry.space_group_name_H-M             'P 32 2 1' 
_symmetry.pdbx_full_space_group_name_H-M   ? 
_symmetry.cell_setting                     ? 
_symmetry.Int_Tables_number                154 
# 
_exptl.entry_id          1RNN 
_exptl.method            'X-RAY DIFFRACTION' 
_exptl.crystals_number   ? 
# 
_exptl_crystal.id                    1 
_exptl_crystal.density_meas          ? 
_exptl_crystal.density_Matthews      2.91 
_exptl_crystal.density_percent_sol   57.78 
_exptl_crystal.description           ? 
# 
_exptl_crystal_grow.crystal_id      1 
_exptl_crystal_grow.method          ? 
_exptl_crystal_grow.temp            ? 
_exptl_crystal_grow.temp_details    ? 
_exptl_crystal_grow.pH              5.5 
_exptl_crystal_grow.pdbx_pH_range   ? 
_exptl_crystal_grow.pdbx_details    'pH 5.5' 
# 
_diffrn.id                     1 
_diffrn.ambient_temp           290 
_diffrn.ambient_temp_details   ? 
_diffrn.crystal_id             1 
# 
_diffrn_detector.diffrn_id              1 
_diffrn_detector.detector               'AREA DETECTOR' 
_diffrn_detector.type                   'SIEMENS-NICOLET X100' 
_diffrn_detector.pdbx_collection_date   1993 
_diffrn_detector.details                ? 
# 
_diffrn_radiation.diffrn_id                        1 
_diffrn_radiation.wavelength_id                    1 
_diffrn_radiation.pdbx_monochromatic_or_laue_m_l   M 
_diffrn_radiation.monochromator                    ? 
_diffrn_radiation.pdbx_diffrn_protocol             ? 
_diffrn_radiation.pdbx_scattering_type             x-ray 
# 
_diffrn_radiation_wavelength.id           1 
_diffrn_radiation_wavelength.wavelength   1.5418 
_diffrn_radiation_wavelength.wt           1.0 
# 
_diffrn_source.diffrn_id                   1 
_diffrn_source.source                      'ROTATING ANODE' 
_diffrn_source.type                        'RIGAKU RU200' 
_diffrn_source.pdbx_synchrotron_site       ? 
_diffrn_source.pdbx_synchrotron_beamline   ? 
_diffrn_source.pdbx_wavelength             1.5418 
_diffrn_source.pdbx_wavelength_list        ? 
# 
_reflns.entry_id                     1RNN 
_reflns.observed_criterion_sigma_I   ? 
_reflns.observed_criterion_sigma_F   ? 
_reflns.d_resolution_low             9.0 
_reflns.d_resolution_high            1.8 
_reflns.number_obs                   13300 
_reflns.number_all                   ? 
_reflns.percent_possible_obs         87.3 
_reflns.pdbx_Rmerge_I_obs            0.041 
_reflns.pdbx_Rsym_value              ? 
_reflns.pdbx_netI_over_sigmaI        ? 
_reflns.B_iso_Wilson_estimate        ? 
_reflns.pdbx_redundancy              2.52 
_reflns.pdbx_diffrn_id               1 
_reflns.pdbx_ordinal                 1 
# 
_reflns_shell.d_res_high             1.80 
_reflns_shell.d_res_low              1.88 
_reflns_shell.percent_possible_all   54.7 
_reflns_shell.Rmerge_I_obs           0.261 
_reflns_shell.pdbx_Rsym_value        ? 
_reflns_shell.meanI_over_sigI_obs    3.93 
_reflns_shell.pdbx_redundancy        1.51 
_reflns_shell.pdbx_diffrn_id         ? 
_reflns_shell.pdbx_ordinal           1 
# 
_refine.entry_id                                 1RNN 
_refine.ls_number_reflns_obs                     12259 
_refine.ls_number_reflns_all                     ? 
_refine.pdbx_ls_sigma_I                          ? 
_refine.pdbx_ls_sigma_F                          2. 
_refine.pdbx_data_cutoff_high_absF               ? 
_refine.pdbx_data_cutoff_low_absF                ? 
_refine.pdbx_data_cutoff_high_rms_absF           ? 
_refine.ls_d_res_low                             8. 
_refine.ls_d_res_high                            1.80 
_refine.ls_percent_reflns_obs                    ? 
_refine.ls_R_factor_obs                          0.17 
_refine.ls_R_factor_all                          ? 
_refine.ls_R_factor_R_work                       0.17 
_refine.ls_R_factor_R_free                       ? 
_refine.ls_R_factor_R_free_error                 ? 
_refine.ls_R_factor_R_free_error_details         ? 
_refine.ls_percent_reflns_R_free                 ? 
_refine.ls_number_reflns_R_free                  ? 
_refine.ls_number_parameters                     ? 
_refine.ls_number_restraints                     ? 
_refine.occupancy_min                            ? 
_refine.occupancy_max                            ? 
_refine.B_iso_mean                               ? 
_refine.aniso_B[1][1]                            ? 
_refine.aniso_B[2][2]                            ? 
_refine.aniso_B[3][3]                            ? 
_refine.aniso_B[1][2]                            ? 
_refine.aniso_B[1][3]                            ? 
_refine.aniso_B[2][3]                            ? 
_refine.solvent_model_details                    ? 
_refine.solvent_model_param_ksol                 ? 
_refine.solvent_model_param_bsol                 ? 
_refine.pdbx_ls_cross_valid_method               ? 
_refine.details                                  ? 
_refine.pdbx_starting_model                      ? 
_refine.pdbx_method_to_determine_struct          ? 
_refine.pdbx_isotropic_thermal_model             ? 
_refine.pdbx_stereochemistry_target_values       ? 
_refine.pdbx_stereochem_target_val_spec_case     ? 
_refine.pdbx_R_Free_selection_details            ? 
_refine.pdbx_overall_ESU_R                       ? 
_refine.pdbx_overall_ESU_R_Free                  ? 
_refine.overall_SU_ML                            ? 
_refine.overall_SU_B                             ? 
_refine.pdbx_refine_id                           'X-RAY DIFFRACTION' 
_refine.pdbx_diffrn_id                           1 
_refine.pdbx_TLS_residual_ADP_flag               ? 
_refine.correlation_coeff_Fo_to_Fc               ? 
_refine.correlation_coeff_Fo_to_Fc_free          ? 
_refine.pdbx_solvent_vdw_probe_radii             ? 
_refine.pdbx_solvent_ion_probe_radii             ? 
_refine.pdbx_solvent_shrinkage_radii             ? 
_refine.pdbx_overall_phase_error                 ? 
_refine.overall_SU_R_Cruickshank_DPI             ? 
_refine.pdbx_overall_SU_R_free_Cruickshank_DPI   ? 
_refine.pdbx_overall_SU_R_Blow_DPI               ? 
_refine.pdbx_overall_SU_R_free_Blow_DPI          ? 
# 
_refine_hist.pdbx_refine_id                   'X-RAY DIFFRACTION' 
_refine_hist.cycle_id                         LAST 
_refine_hist.pdbx_number_atoms_protein        951 
_refine_hist.pdbx_number_atoms_nucleic_acid   0 
_refine_hist.pdbx_number_atoms_ligand         21 
_refine_hist.number_atoms_solvent             106 
_refine_hist.number_atoms_total               1078 
_refine_hist.d_res_high                       1.80 
_refine_hist.d_res_low                        8. 
# 
loop_
_refine_ls_restr.type 
_refine_ls_restr.dev_ideal 
_refine_ls_restr.dev_ideal_target 
_refine_ls_restr.weight 
_refine_ls_restr.number 
_refine_ls_restr.pdbx_refine_id 
_refine_ls_restr.pdbx_restraint_function 
x_bond_d                0.011 ? ? ? 'X-RAY DIFFRACTION' ? 
x_bond_d_na             ?     ? ? ? 'X-RAY DIFFRACTION' ? 
x_bond_d_prot           ?     ? ? ? 'X-RAY DIFFRACTION' ? 
x_angle_d               ?     ? ? ? 'X-RAY DIFFRACTION' ? 
x_angle_d_na            ?     ? ? ? 'X-RAY DIFFRACTION' ? 
x_angle_d_prot          ?     ? ? ? 'X-RAY DIFFRACTION' ? 
x_angle_deg             2.58  ? ? ? 'X-RAY DIFFRACTION' ? 
x_angle_deg_na          ?     ? ? ? 'X-RAY DIFFRACTION' ? 
x_angle_deg_prot        ?     ? ? ? 'X-RAY DIFFRACTION' ? 
x_dihedral_angle_d      ?     ? ? ? 'X-RAY DIFFRACTION' ? 
x_dihedral_angle_d_na   ?     ? ? ? 'X-RAY DIFFRACTION' ? 
x_dihedral_angle_d_prot ?     ? ? ? 'X-RAY DIFFRACTION' ? 
x_improper_angle_d      ?     ? ? ? 'X-RAY DIFFRACTION' ? 
x_improper_angle_d_na   ?     ? ? ? 'X-RAY DIFFRACTION' ? 
x_improper_angle_d_prot ?     ? ? ? 'X-RAY DIFFRACTION' ? 
x_mcbond_it             ?     ? ? ? 'X-RAY DIFFRACTION' ? 
x_mcangle_it            ?     ? ? ? 'X-RAY DIFFRACTION' ? 
x_scbond_it             ?     ? ? ? 'X-RAY DIFFRACTION' ? 
x_scangle_it            ?     ? ? ? 'X-RAY DIFFRACTION' ? 
# 
_struct.entry_id                  1RNN 
_struct.title                     
;RIBONUCLEASE A COMPLEX WITH CYTIDYLIC ACID (5'CMP) CRYSTALLIZED FROM 8M SODIUM FORMATE
;
_struct.pdbx_model_details        ? 
_struct.pdbx_CASP_flag            ? 
_struct.pdbx_model_type_details   ? 
# 
_struct_keywords.entry_id        1RNN 
_struct_keywords.pdbx_keywords   'COMPLEX (HYDROLASE/CYTIDYLIC ACID)' 
_struct_keywords.text            'COMPLEX (HYDROLASE-CYTIDYLIC ACID), COMPLEX (HYDROLASE-CYTIDYLIC ACID) complex' 
# 
loop_
_struct_asym.id 
_struct_asym.pdbx_blank_PDB_chainid_flag 
_struct_asym.pdbx_modified 
_struct_asym.entity_id 
_struct_asym.details 
A N N 1 ? 
B N N 2 ? 
C N N 3 ? 
D N N 4 ? 
# 
_struct_ref.id                         1 
_struct_ref.db_name                    UNP 
_struct_ref.db_code                    RNAS1_BOVIN 
_struct_ref.entity_id                  1 
_struct_ref.pdbx_db_accession          P61823 
_struct_ref.pdbx_align_begin           1 
_struct_ref.pdbx_seq_one_letter_code   
;MALKSLVLLSLLVLVLLLVRVQPSLGKETAAAKFERQHMDSSTSAASSSNYCNQMMKSRNLTKDRCKPVNTFVHESLADV
QAVCSQKNVACKNGQTNCYQSYSTMSITDCRETGSSKYPNCAYKTTQANKHIIVACEGNPYVPVHFDASV
;
_struct_ref.pdbx_db_isoform            ? 
# 
_struct_ref_seq.align_id                      1 
_struct_ref_seq.ref_id                        1 
_struct_ref_seq.pdbx_PDB_id_code              1RNN 
_struct_ref_seq.pdbx_strand_id                E 
_struct_ref_seq.seq_align_beg                 1 
_struct_ref_seq.pdbx_seq_align_beg_ins_code   ? 
_struct_ref_seq.seq_align_end                 124 
_struct_ref_seq.pdbx_seq_align_end_ins_code   ? 
_struct_ref_seq.pdbx_db_accession             P61823 
_struct_ref_seq.db_align_beg                  27 
_struct_ref_seq.pdbx_db_align_beg_ins_code    ? 
_struct_ref_seq.db_align_end                  150 
_struct_ref_seq.pdbx_db_align_end_ins_code    ? 
_struct_ref_seq.pdbx_auth_seq_align_beg       1 
_struct_ref_seq.pdbx_auth_seq_align_end       124 
# 
_pdbx_struct_assembly.id                   1 
_pdbx_struct_assembly.details              author_defined_assembly 
_pdbx_struct_assembly.method_details       ? 
_pdbx_struct_assembly.oligomeric_details   monomeric 
_pdbx_struct_assembly.oligomeric_count     1 
# 
_pdbx_struct_assembly_gen.assembly_id       1 
_pdbx_struct_assembly_gen.oper_expression   1 
_pdbx_struct_assembly_gen.asym_id_list      A,B,C,D 
# 
_pdbx_struct_oper_list.id                   1 
_pdbx_struct_oper_list.type                 'identity operation' 
_pdbx_struct_oper_list.name                 1_555 
_pdbx_struct_oper_list.symmetry_operation   x,y,z 
_pdbx_struct_oper_list.matrix[1][1]         1.0000000000 
_pdbx_struct_oper_list.matrix[1][2]         0.0000000000 
_pdbx_struct_oper_list.matrix[1][3]         0.0000000000 
_pdbx_struct_oper_list.vector[1]            0.0000000000 
_pdbx_struct_oper_list.matrix[2][1]         0.0000000000 
_pdbx_struct_oper_list.matrix[2][2]         1.0000000000 
_pdbx_struct_oper_list.matrix[2][3]         0.0000000000 
_pdbx_struct_oper_list.vector[2]            0.0000000000 
_pdbx_struct_oper_list.matrix[3][1]         0.0000000000 
_pdbx_struct_oper_list.matrix[3][2]         0.0000000000 
_pdbx_struct_oper_list.matrix[3][3]         1.0000000000 
_pdbx_struct_oper_list.vector[3]            0.0000000000 
# 
_struct_biol.id   1 
# 
loop_
_struct_conf.conf_type_id 
_struct_conf.id 
_struct_conf.pdbx_PDB_helix_id 
_struct_conf.beg_label_comp_id 
_struct_conf.beg_label_asym_id 
_struct_conf.beg_label_seq_id 
_struct_conf.pdbx_beg_PDB_ins_code 
_struct_conf.end_label_comp_id 
_struct_conf.end_label_asym_id 
_struct_conf.end_label_seq_id 
_struct_conf.pdbx_end_PDB_ins_code 
_struct_conf.beg_auth_comp_id 
_struct_conf.beg_auth_asym_id 
_struct_conf.beg_auth_seq_id 
_struct_conf.end_auth_comp_id 
_struct_conf.end_auth_asym_id 
_struct_conf.end_auth_seq_id 
_struct_conf.pdbx_PDB_helix_class 
_struct_conf.details 
_struct_conf.pdbx_PDB_helix_length 
HELX_P HELX_P1 H1 THR A 3  ? MET A 13 ? THR E 3  MET E 13 1 ?                               11 
HELX_P HELX_P2 H2 ASN A 24 ? ASN A 34 ? ASN E 24 ASN E 34 1 'RESIDUE 34 IN 3/10 CONFIG'     11 
HELX_P HELX_P3 H3 SER A 50 ? GLN A 60 ? SER E 50 GLN E 60 1 'RESIDUES 56-60 IN 3/10 CONFIG' 11 
# 
_struct_conf_type.id          HELX_P 
_struct_conf_type.criteria    ? 
_struct_conf_type.reference   ? 
# 
loop_
_struct_conn.id 
_struct_conn.conn_type_id 
_struct_conn.pdbx_leaving_atom_flag 
_struct_conn.pdbx_PDB_id 
_struct_conn.ptnr1_label_asym_id 
_struct_conn.ptnr1_label_comp_id 
_struct_conn.ptnr1_label_seq_id 
_struct_conn.ptnr1_label_atom_id 
_struct_conn.pdbx_ptnr1_label_alt_id 
_struct_conn.pdbx_ptnr1_PDB_ins_code 
_struct_conn.pdbx_ptnr1_standard_comp_id 
_struct_conn.ptnr1_symmetry 
_struct_conn.ptnr2_label_asym_id 
_struct_conn.ptnr2_label_comp_id 
_struct_conn.ptnr2_label_seq_id 
_struct_conn.ptnr2_label_atom_id 
_struct_conn.pdbx_ptnr2_label_alt_id 
_struct_conn.pdbx_ptnr2_PDB_ins_code 
_struct_conn.ptnr1_auth_asym_id 
_struct_conn.ptnr1_auth_comp_id 
_struct_conn.ptnr1_auth_seq_id 
_struct_conn.ptnr2_auth_asym_id 
_struct_conn.ptnr2_auth_comp_id 
_struct_conn.ptnr2_auth_seq_id 
_struct_conn.ptnr2_symmetry 
_struct_conn.pdbx_ptnr3_label_atom_id 
_struct_conn.pdbx_ptnr3_label_seq_id 
_struct_conn.pdbx_ptnr3_label_comp_id 
_struct_conn.pdbx_ptnr3_label_asym_id 
_struct_conn.pdbx_ptnr3_label_alt_id 
_struct_conn.pdbx_ptnr3_PDB_ins_code 
_struct_conn.details 
_struct_conn.pdbx_dist_value 
_struct_conn.pdbx_value_order 
_struct_conn.pdbx_role 
disulf1 disulf ? ? A CYS 26 SG ? ? ? 1_555 A CYS 84  SG ? ? E CYS 26 E CYS 84  1_555 ? ? ? ? ? ? ? 2.018 ? ? 
disulf2 disulf ? ? A CYS 40 SG ? ? ? 1_555 A CYS 95  SG ? ? E CYS 40 E CYS 95  1_555 ? ? ? ? ? ? ? 1.993 ? ? 
disulf3 disulf ? ? A CYS 58 SG ? ? ? 1_555 A CYS 110 SG ? ? E CYS 58 E CYS 110 1_555 ? ? ? ? ? ? ? 1.973 ? ? 
disulf4 disulf ? ? A CYS 65 SG ? ? ? 1_555 A CYS 72  SG ? ? E CYS 65 E CYS 72  1_555 ? ? ? ? ? ? ? 2.026 ? ? 
# 
_struct_conn_type.id          disulf 
_struct_conn_type.criteria    ? 
_struct_conn_type.reference   ? 
# 
loop_
_pdbx_modification_feature.ordinal 
_pdbx_modification_feature.label_comp_id 
_pdbx_modification_feature.label_asym_id 
_pdbx_modification_feature.label_seq_id 
_pdbx_modification_feature.label_alt_id 
_pdbx_modification_feature.modified_residue_label_comp_id 
_pdbx_modification_feature.modified_residue_label_asym_id 
_pdbx_modification_feature.modified_residue_label_seq_id 
_pdbx_modification_feature.modified_residue_label_alt_id 
_pdbx_modification_feature.auth_comp_id 
_pdbx_modification_feature.auth_asym_id 
_pdbx_modification_feature.auth_seq_id 
_pdbx_modification_feature.PDB_ins_code 
_pdbx_modification_feature.symmetry 
_pdbx_modification_feature.modified_residue_auth_comp_id 
_pdbx_modification_feature.modified_residue_auth_asym_id 
_pdbx_modification_feature.modified_residue_auth_seq_id 
_pdbx_modification_feature.modified_residue_PDB_ins_code 
_pdbx_modification_feature.modified_residue_symmetry 
_pdbx_modification_feature.comp_id_linking_atom 
_pdbx_modification_feature.modified_residue_id_linking_atom 
_pdbx_modification_feature.modified_residue_id 
_pdbx_modification_feature.ref_pcm_id 
_pdbx_modification_feature.ref_comp_id 
_pdbx_modification_feature.type 
_pdbx_modification_feature.category 
1 CYS A 26 ? CYS A 84  ? CYS E 26 ? 1_555 CYS E 84  ? 1_555 SG SG . . . None 'Disulfide bridge' 
2 CYS A 40 ? CYS A 95  ? CYS E 40 ? 1_555 CYS E 95  ? 1_555 SG SG . . . None 'Disulfide bridge' 
3 CYS A 58 ? CYS A 110 ? CYS E 58 ? 1_555 CYS E 110 ? 1_555 SG SG . . . None 'Disulfide bridge' 
4 CYS A 65 ? CYS A 72  ? CYS E 65 ? 1_555 CYS E 72  ? 1_555 SG SG . . . None 'Disulfide bridge' 
# 
loop_
_struct_mon_prot_cis.pdbx_id 
_struct_mon_prot_cis.label_comp_id 
_struct_mon_prot_cis.label_seq_id 
_struct_mon_prot_cis.label_asym_id 
_struct_mon_prot_cis.label_alt_id 
_struct_mon_prot_cis.pdbx_PDB_ins_code 
_struct_mon_prot_cis.auth_comp_id 
_struct_mon_prot_cis.auth_seq_id 
_struct_mon_prot_cis.auth_asym_id 
_struct_mon_prot_cis.pdbx_label_comp_id_2 
_struct_mon_prot_cis.pdbx_label_seq_id_2 
_struct_mon_prot_cis.pdbx_label_asym_id_2 
_struct_mon_prot_cis.pdbx_PDB_ins_code_2 
_struct_mon_prot_cis.pdbx_auth_comp_id_2 
_struct_mon_prot_cis.pdbx_auth_seq_id_2 
_struct_mon_prot_cis.pdbx_auth_asym_id_2 
_struct_mon_prot_cis.pdbx_PDB_model_num 
_struct_mon_prot_cis.pdbx_omega_angle 
1 TYR 92  A . ? TYR 92  E PRO 93  A ? PRO 93  E 1 2.36 
2 ASN 113 A . ? ASN 113 E PRO 114 A ? PRO 114 E 1 0.19 
# 
loop_
_struct_sheet.id 
_struct_sheet.type 
_struct_sheet.number_strands 
_struct_sheet.details 
S1A ? 3 ? 
S1B ? 3 ? 
S2A ? 4 ? 
S2B ? 4 ? 
# 
loop_
_struct_sheet_order.sheet_id 
_struct_sheet_order.range_id_1 
_struct_sheet_order.range_id_2 
_struct_sheet_order.offset 
_struct_sheet_order.sense 
S1A 1 2 ? anti-parallel 
S1A 2 3 ? anti-parallel 
S1B 1 2 ? anti-parallel 
S1B 2 3 ? anti-parallel 
S2A 1 2 ? anti-parallel 
S2A 2 3 ? anti-parallel 
S2A 3 4 ? anti-parallel 
S2B 1 2 ? anti-parallel 
S2B 2 3 ? anti-parallel 
S2B 3 4 ? anti-parallel 
# 
loop_
_struct_sheet_range.sheet_id 
_struct_sheet_range.id 
_struct_sheet_range.beg_label_comp_id 
_struct_sheet_range.beg_label_asym_id 
_struct_sheet_range.beg_label_seq_id 
_struct_sheet_range.pdbx_beg_PDB_ins_code 
_struct_sheet_range.end_label_comp_id 
_struct_sheet_range.end_label_asym_id 
_struct_sheet_range.end_label_seq_id 
_struct_sheet_range.pdbx_end_PDB_ins_code 
_struct_sheet_range.beg_auth_comp_id 
_struct_sheet_range.beg_auth_asym_id 
_struct_sheet_range.beg_auth_seq_id 
_struct_sheet_range.end_auth_comp_id 
_struct_sheet_range.end_auth_asym_id 
_struct_sheet_range.end_auth_seq_id 
S1A 1 LYS A 41  ? HIS A 48  ? LYS E 41  HIS E 48  
S1A 2 MET A 79  ? THR A 87  ? MET E 79  THR E 87  
S1A 3 ASN A 94  ? LYS A 104 ? ASN E 94  LYS E 104 
S1B 1 LYS A 41  ? HIS A 48  ? LYS E 41  HIS E 48  
S1B 2 SER A 90  ? LYS A 91  ? SER E 90  LYS E 91  
S1B 3 ASN A 94  ? LYS A 104 ? ASN E 94  LYS E 104 
S2A 1 LYS A 61  ? ALA A 64  ? LYS E 61  ALA E 64  
S2A 2 ASN A 71  ? SER A 75  ? ASN E 71  SER E 75  
S2A 3 HIS A 105 ? ASN A 113 ? HIS E 105 ASN E 113 
S2A 4 PRO A 114 ? HIS A 119 ? PRO E 114 HIS E 119 
S2B 1 LYS A 61  ? ALA A 64  ? LYS E 61  ALA E 64  
S2B 2 ASN A 71  ? SER A 75  ? ASN E 71  SER E 75  
S2B 3 HIS A 105 ? ASN A 113 ? HIS E 105 ASN E 113 
S2B 4 ASP A 121 ? VAL A 124 ? ASP E 121 VAL E 124 
# 
loop_
_pdbx_struct_sheet_hbond.sheet_id 
_pdbx_struct_sheet_hbond.range_id_1 
_pdbx_struct_sheet_hbond.range_id_2 
_pdbx_struct_sheet_hbond.range_1_label_atom_id 
_pdbx_struct_sheet_hbond.range_1_label_comp_id 
_pdbx_struct_sheet_hbond.range_1_label_asym_id 
_pdbx_struct_sheet_hbond.range_1_label_seq_id 
_pdbx_struct_sheet_hbond.range_1_PDB_ins_code 
_pdbx_struct_sheet_hbond.range_1_auth_atom_id 
_pdbx_struct_sheet_hbond.range_1_auth_comp_id 
_pdbx_struct_sheet_hbond.range_1_auth_asym_id 
_pdbx_struct_sheet_hbond.range_1_auth_seq_id 
_pdbx_struct_sheet_hbond.range_2_label_atom_id 
_pdbx_struct_sheet_hbond.range_2_label_comp_id 
_pdbx_struct_sheet_hbond.range_2_label_asym_id 
_pdbx_struct_sheet_hbond.range_2_label_seq_id 
_pdbx_struct_sheet_hbond.range_2_PDB_ins_code 
_pdbx_struct_sheet_hbond.range_2_auth_atom_id 
_pdbx_struct_sheet_hbond.range_2_auth_comp_id 
_pdbx_struct_sheet_hbond.range_2_auth_asym_id 
_pdbx_struct_sheet_hbond.range_2_auth_seq_id 
S1A 1 2 O PRO A 42  ? O PRO E 42  N GLU A 86  ? N GLU E 86  
S1A 2 3 N MET A 79  ? N MET E 79  O LYS A 104 ? O LYS E 104 
S1B 2 3 N LYS A 91  ? N LYS E 91  O ASN A 94  ? O ASN E 94  
S2A 1 2 N VAL A 63  ? N VAL E 63  O CYS A 72  ? O CYS E 72  
S2A 2 3 N TYR A 73  ? N TYR E 73  O VAL A 108 ? O VAL E 108 
S2A 3 4 N GLU A 111 ? N GLU E 111 O VAL A 116 ? O VAL E 116 
S2B 1 2 N VAL A 63  ? N VAL E 63  O CYS A 72  ? O CYS E 72  
S2B 2 3 N TYR A 73  ? N TYR E 73  O VAL A 108 ? O VAL E 108 
S2B 3 4 O HIS A 105 ? O HIS E 105 N VAL A 124 ? N VAL E 124 
# 
loop_
_struct_site.id 
_struct_site.pdbx_evidence_code 
_struct_site.pdbx_auth_asym_id 
_struct_site.pdbx_auth_comp_id 
_struct_site.pdbx_auth_seq_id 
_struct_site.pdbx_auth_ins_code 
_struct_site.pdbx_num_residues 
_struct_site.details 
AC1 Software E C5P 200 ? 10 'BINDING SITE FOR RESIDUE C5P E 200' 
AC2 Software E FMT 131 ? 5  'BINDING SITE FOR RESIDUE FMT E 131' 
# 
loop_
_struct_site_gen.id 
_struct_site_gen.site_id 
_struct_site_gen.pdbx_num_res 
_struct_site_gen.label_comp_id 
_struct_site_gen.label_asym_id 
_struct_site_gen.label_seq_id 
_struct_site_gen.pdbx_auth_ins_code 
_struct_site_gen.auth_comp_id 
_struct_site_gen.auth_asym_id 
_struct_site_gen.auth_seq_id 
_struct_site_gen.label_atom_id 
_struct_site_gen.label_alt_id 
_struct_site_gen.symmetry 
_struct_site_gen.details 
1  AC1 10 HIS A 12  ? HIS E 12  . ? 1_555 ? 
2  AC1 10 LYS A 41  ? LYS E 41  . ? 1_555 ? 
3  AC1 10 VAL A 43  ? VAL E 43  . ? 1_555 ? 
4  AC1 10 ASN A 44  ? ASN E 44  . ? 1_555 ? 
5  AC1 10 THR A 45  ? THR E 45  . ? 1_555 ? 
6  AC1 10 HIS A 119 ? HIS E 119 . ? 1_555 ? 
7  AC1 10 PHE A 120 ? PHE E 120 . ? 1_555 ? 
8  AC1 10 FMT C .   ? FMT E 131 . ? 1_555 ? 
9  AC1 10 HOH D .   ? HOH E 255 . ? 4_556 ? 
10 AC1 10 HOH D .   ? HOH E 262 . ? 1_555 ? 
11 AC2 5  GLN A 11  ? GLN E 11  . ? 1_555 ? 
12 AC2 5  HIS A 12  ? HIS E 12  . ? 1_555 ? 
13 AC2 5  HIS A 119 ? HIS E 119 . ? 1_555 ? 
14 AC2 5  PHE A 120 ? PHE E 120 . ? 1_555 ? 
15 AC2 5  C5P B .   ? C5P E 200 . ? 1_555 ? 
# 
_pdbx_entry_details.entry_id                   1RNN 
_pdbx_entry_details.compound_details           ? 
_pdbx_entry_details.source_details             ? 
_pdbx_entry_details.nonpolymer_details         ? 
_pdbx_entry_details.sequence_details           ? 
_pdbx_entry_details.has_ligand_of_interest     ? 
_pdbx_entry_details.has_protein_modification   Y 
# 
loop_
_pdbx_validate_torsion.id 
_pdbx_validate_torsion.PDB_model_num 
_pdbx_validate_torsion.auth_comp_id 
_pdbx_validate_torsion.auth_asym_id 
_pdbx_validate_torsion.auth_seq_id 
_pdbx_validate_torsion.PDB_ins_code 
_pdbx_validate_torsion.label_alt_id 
_pdbx_validate_torsion.phi 
_pdbx_validate_torsion.psi 
1 1 HIS E 48 ? ? -104.33 59.67   
2 1 GLN E 60 ? ? -103.86 -140.33 
# 
loop_
_chem_comp_atom.comp_id 
_chem_comp_atom.atom_id 
_chem_comp_atom.type_symbol 
_chem_comp_atom.pdbx_aromatic_flag 
_chem_comp_atom.pdbx_stereo_config 
_chem_comp_atom.pdbx_ordinal 
ALA N      N N N 1   
ALA CA     C N S 2   
ALA C      C N N 3   
ALA O      O N N 4   
ALA CB     C N N 5   
ALA OXT    O N N 6   
ALA H      H N N 7   
ALA H2     H N N 8   
ALA HA     H N N 9   
ALA HB1    H N N 10  
ALA HB2    H N N 11  
ALA HB3    H N N 12  
ALA HXT    H N N 13  
ARG N      N N N 14  
ARG CA     C N S 15  
ARG C      C N N 16  
ARG O      O N N 17  
ARG CB     C N N 18  
ARG CG     C N N 19  
ARG CD     C N N 20  
ARG NE     N N N 21  
ARG CZ     C N N 22  
ARG NH1    N N N 23  
ARG NH2    N N N 24  
ARG OXT    O N N 25  
ARG H      H N N 26  
ARG H2     H N N 27  
ARG HA     H N N 28  
ARG HB2    H N N 29  
ARG HB3    H N N 30  
ARG HG2    H N N 31  
ARG HG3    H N N 32  
ARG HD2    H N N 33  
ARG HD3    H N N 34  
ARG HE     H N N 35  
ARG HH11   H N N 36  
ARG HH12   H N N 37  
ARG HH21   H N N 38  
ARG HH22   H N N 39  
ARG HXT    H N N 40  
ASN N      N N N 41  
ASN CA     C N S 42  
ASN C      C N N 43  
ASN O      O N N 44  
ASN CB     C N N 45  
ASN CG     C N N 46  
ASN OD1    O N N 47  
ASN ND2    N N N 48  
ASN OXT    O N N 49  
ASN H      H N N 50  
ASN H2     H N N 51  
ASN HA     H N N 52  
ASN HB2    H N N 53  
ASN HB3    H N N 54  
ASN HD21   H N N 55  
ASN HD22   H N N 56  
ASN HXT    H N N 57  
ASP N      N N N 58  
ASP CA     C N S 59  
ASP C      C N N 60  
ASP O      O N N 61  
ASP CB     C N N 62  
ASP CG     C N N 63  
ASP OD1    O N N 64  
ASP OD2    O N N 65  
ASP OXT    O N N 66  
ASP H      H N N 67  
ASP H2     H N N 68  
ASP HA     H N N 69  
ASP HB2    H N N 70  
ASP HB3    H N N 71  
ASP HD2    H N N 72  
ASP HXT    H N N 73  
C5P O3P    O N N 74  
C5P P      P N N 75  
C5P O1P    O N N 76  
C5P O2P    O N N 77  
C5P "O5'"  O N N 78  
C5P "C5'"  C N N 79  
C5P "C4'"  C N R 80  
C5P "O4'"  O N N 81  
C5P "C3'"  C N S 82  
C5P "O3'"  O N N 83  
C5P "C2'"  C N R 84  
C5P "O2'"  O N N 85  
C5P "C1'"  C N R 86  
C5P N1     N N N 87  
C5P C2     C N N 88  
C5P N3     N N N 89  
C5P C4     C N N 90  
C5P C5     C N N 91  
C5P C6     C N N 92  
C5P O2     O N N 93  
C5P N4     N N N 94  
C5P HOP3   H N N 95  
C5P HOP2   H N N 96  
C5P "H5'1" H N N 97  
C5P "H5'2" H N N 98  
C5P "H4'"  H N N 99  
C5P "H3'"  H N N 100 
C5P "HO3'" H N N 101 
C5P "H2'1" H N N 102 
C5P "HO2'" H N N 103 
C5P "H1'"  H N N 104 
C5P H5     H N N 105 
C5P H6     H N N 106 
C5P HN41   H N N 107 
C5P HN42   H N N 108 
CYS N      N N N 109 
CYS CA     C N R 110 
CYS C      C N N 111 
CYS O      O N N 112 
CYS CB     C N N 113 
CYS SG     S N N 114 
CYS OXT    O N N 115 
CYS H      H N N 116 
CYS H2     H N N 117 
CYS HA     H N N 118 
CYS HB2    H N N 119 
CYS HB3    H N N 120 
CYS HG     H N N 121 
CYS HXT    H N N 122 
FMT C      C N N 123 
FMT O1     O N N 124 
FMT O2     O N N 125 
FMT H      H N N 126 
FMT HO2    H N N 127 
GLN N      N N N 128 
GLN CA     C N S 129 
GLN C      C N N 130 
GLN O      O N N 131 
GLN CB     C N N 132 
GLN CG     C N N 133 
GLN CD     C N N 134 
GLN OE1    O N N 135 
GLN NE2    N N N 136 
GLN OXT    O N N 137 
GLN H      H N N 138 
GLN H2     H N N 139 
GLN HA     H N N 140 
GLN HB2    H N N 141 
GLN HB3    H N N 142 
GLN HG2    H N N 143 
GLN HG3    H N N 144 
GLN HE21   H N N 145 
GLN HE22   H N N 146 
GLN HXT    H N N 147 
GLU N      N N N 148 
GLU CA     C N S 149 
GLU C      C N N 150 
GLU O      O N N 151 
GLU CB     C N N 152 
GLU CG     C N N 153 
GLU CD     C N N 154 
GLU OE1    O N N 155 
GLU OE2    O N N 156 
GLU OXT    O N N 157 
GLU H      H N N 158 
GLU H2     H N N 159 
GLU HA     H N N 160 
GLU HB2    H N N 161 
GLU HB3    H N N 162 
GLU HG2    H N N 163 
GLU HG3    H N N 164 
GLU HE2    H N N 165 
GLU HXT    H N N 166 
GLY N      N N N 167 
GLY CA     C N N 168 
GLY C      C N N 169 
GLY O      O N N 170 
GLY OXT    O N N 171 
GLY H      H N N 172 
GLY H2     H N N 173 
GLY HA2    H N N 174 
GLY HA3    H N N 175 
GLY HXT    H N N 176 
HIS N      N N N 177 
HIS CA     C N S 178 
HIS C      C N N 179 
HIS O      O N N 180 
HIS CB     C N N 181 
HIS CG     C Y N 182 
HIS ND1    N Y N 183 
HIS CD2    C Y N 184 
HIS CE1    C Y N 185 
HIS NE2    N Y N 186 
HIS OXT    O N N 187 
HIS H      H N N 188 
HIS H2     H N N 189 
HIS HA     H N N 190 
HIS HB2    H N N 191 
HIS HB3    H N N 192 
HIS HD1    H N N 193 
HIS HD2    H N N 194 
HIS HE1    H N N 195 
HIS HE2    H N N 196 
HIS HXT    H N N 197 
HOH O      O N N 198 
HOH H1     H N N 199 
HOH H2     H N N 200 
ILE N      N N N 201 
ILE CA     C N S 202 
ILE C      C N N 203 
ILE O      O N N 204 
ILE CB     C N S 205 
ILE CG1    C N N 206 
ILE CG2    C N N 207 
ILE CD1    C N N 208 
ILE OXT    O N N 209 
ILE H      H N N 210 
ILE H2     H N N 211 
ILE HA     H N N 212 
ILE HB     H N N 213 
ILE HG12   H N N 214 
ILE HG13   H N N 215 
ILE HG21   H N N 216 
ILE HG22   H N N 217 
ILE HG23   H N N 218 
ILE HD11   H N N 219 
ILE HD12   H N N 220 
ILE HD13   H N N 221 
ILE HXT    H N N 222 
LEU N      N N N 223 
LEU CA     C N S 224 
LEU C      C N N 225 
LEU O      O N N 226 
LEU CB     C N N 227 
LEU CG     C N N 228 
LEU CD1    C N N 229 
LEU CD2    C N N 230 
LEU OXT    O N N 231 
LEU H      H N N 232 
LEU H2     H N N 233 
LEU HA     H N N 234 
LEU HB2    H N N 235 
LEU HB3    H N N 236 
LEU HG     H N N 237 
LEU HD11   H N N 238 
LEU HD12   H N N 239 
LEU HD13   H N N 240 
LEU HD21   H N N 241 
LEU HD22   H N N 242 
LEU HD23   H N N 243 
LEU HXT    H N N 244 
LYS N      N N N 245 
LYS CA     C N S 246 
LYS C      C N N 247 
LYS O      O N N 248 
LYS CB     C N N 249 
LYS CG     C N N 250 
LYS CD     C N N 251 
LYS CE     C N N 252 
LYS NZ     N N N 253 
LYS OXT    O N N 254 
LYS H      H N N 255 
LYS H2     H N N 256 
LYS HA     H N N 257 
LYS HB2    H N N 258 
LYS HB3    H N N 259 
LYS HG2    H N N 260 
LYS HG3    H N N 261 
LYS HD2    H N N 262 
LYS HD3    H N N 263 
LYS HE2    H N N 264 
LYS HE3    H N N 265 
LYS HZ1    H N N 266 
LYS HZ2    H N N 267 
LYS HZ3    H N N 268 
LYS HXT    H N N 269 
MET N      N N N 270 
MET CA     C N S 271 
MET C      C N N 272 
MET O      O N N 273 
MET CB     C N N 274 
MET CG     C N N 275 
MET SD     S N N 276 
MET CE     C N N 277 
MET OXT    O N N 278 
MET H      H N N 279 
MET H2     H N N 280 
MET HA     H N N 281 
MET HB2    H N N 282 
MET HB3    H N N 283 
MET HG2    H N N 284 
MET HG3    H N N 285 
MET HE1    H N N 286 
MET HE2    H N N 287 
MET HE3    H N N 288 
MET HXT    H N N 289 
PHE N      N N N 290 
PHE CA     C N S 291 
PHE C      C N N 292 
PHE O      O N N 293 
PHE CB     C N N 294 
PHE CG     C Y N 295 
PHE CD1    C Y N 296 
PHE CD2    C Y N 297 
PHE CE1    C Y N 298 
PHE CE2    C Y N 299 
PHE CZ     C Y N 300 
PHE OXT    O N N 301 
PHE H      H N N 302 
PHE H2     H N N 303 
PHE HA     H N N 304 
PHE HB2    H N N 305 
PHE HB3    H N N 306 
PHE HD1    H N N 307 
PHE HD2    H N N 308 
PHE HE1    H N N 309 
PHE HE2    H N N 310 
PHE HZ     H N N 311 
PHE HXT    H N N 312 
PRO N      N N N 313 
PRO CA     C N S 314 
PRO C      C N N 315 
PRO O      O N N 316 
PRO CB     C N N 317 
PRO CG     C N N 318 
PRO CD     C N N 319 
PRO OXT    O N N 320 
PRO H      H N N 321 
PRO HA     H N N 322 
PRO HB2    H N N 323 
PRO HB3    H N N 324 
PRO HG2    H N N 325 
PRO HG3    H N N 326 
PRO HD2    H N N 327 
PRO HD3    H N N 328 
PRO HXT    H N N 329 
SER N      N N N 330 
SER CA     C N S 331 
SER C      C N N 332 
SER O      O N N 333 
SER CB     C N N 334 
SER OG     O N N 335 
SER OXT    O N N 336 
SER H      H N N 337 
SER H2     H N N 338 
SER HA     H N N 339 
SER HB2    H N N 340 
SER HB3    H N N 341 
SER HG     H N N 342 
SER HXT    H N N 343 
THR N      N N N 344 
THR CA     C N S 345 
THR C      C N N 346 
THR O      O N N 347 
THR CB     C N R 348 
THR OG1    O N N 349 
THR CG2    C N N 350 
THR OXT    O N N 351 
THR H      H N N 352 
THR H2     H N N 353 
THR HA     H N N 354 
THR HB     H N N 355 
THR HG1    H N N 356 
THR HG21   H N N 357 
THR HG22   H N N 358 
THR HG23   H N N 359 
THR HXT    H N N 360 
TYR N      N N N 361 
TYR CA     C N S 362 
TYR C      C N N 363 
TYR O      O N N 364 
TYR CB     C N N 365 
TYR CG     C Y N 366 
TYR CD1    C Y N 367 
TYR CD2    C Y N 368 
TYR CE1    C Y N 369 
TYR CE2    C Y N 370 
TYR CZ     C Y N 371 
TYR OH     O N N 372 
TYR OXT    O N N 373 
TYR H      H N N 374 
TYR H2     H N N 375 
TYR HA     H N N 376 
TYR HB2    H N N 377 
TYR HB3    H N N 378 
TYR HD1    H N N 379 
TYR HD2    H N N 380 
TYR HE1    H N N 381 
TYR HE2    H N N 382 
TYR HH     H N N 383 
TYR HXT    H N N 384 
VAL N      N N N 385 
VAL CA     C N S 386 
VAL C      C N N 387 
VAL O      O N N 388 
VAL CB     C N N 389 
VAL CG1    C N N 390 
VAL CG2    C N N 391 
VAL OXT    O N N 392 
VAL H      H N N 393 
VAL H2     H N N 394 
VAL HA     H N N 395 
VAL HB     H N N 396 
VAL HG11   H N N 397 
VAL HG12   H N N 398 
VAL HG13   H N N 399 
VAL HG21   H N N 400 
VAL HG22   H N N 401 
VAL HG23   H N N 402 
VAL HXT    H N N 403 
# 
loop_
_chem_comp_bond.comp_id 
_chem_comp_bond.atom_id_1 
_chem_comp_bond.atom_id_2 
_chem_comp_bond.value_order 
_chem_comp_bond.pdbx_aromatic_flag 
_chem_comp_bond.pdbx_stereo_config 
_chem_comp_bond.pdbx_ordinal 
ALA N     CA     sing N N 1   
ALA N     H      sing N N 2   
ALA N     H2     sing N N 3   
ALA CA    C      sing N N 4   
ALA CA    CB     sing N N 5   
ALA CA    HA     sing N N 6   
ALA C     O      doub N N 7   
ALA C     OXT    sing N N 8   
ALA CB    HB1    sing N N 9   
ALA CB    HB2    sing N N 10  
ALA CB    HB3    sing N N 11  
ALA OXT   HXT    sing N N 12  
ARG N     CA     sing N N 13  
ARG N     H      sing N N 14  
ARG N     H2     sing N N 15  
ARG CA    C      sing N N 16  
ARG CA    CB     sing N N 17  
ARG CA    HA     sing N N 18  
ARG C     O      doub N N 19  
ARG C     OXT    sing N N 20  
ARG CB    CG     sing N N 21  
ARG CB    HB2    sing N N 22  
ARG CB    HB3    sing N N 23  
ARG CG    CD     sing N N 24  
ARG CG    HG2    sing N N 25  
ARG CG    HG3    sing N N 26  
ARG CD    NE     sing N N 27  
ARG CD    HD2    sing N N 28  
ARG CD    HD3    sing N N 29  
ARG NE    CZ     sing N N 30  
ARG NE    HE     sing N N 31  
ARG CZ    NH1    sing N N 32  
ARG CZ    NH2    doub N N 33  
ARG NH1   HH11   sing N N 34  
ARG NH1   HH12   sing N N 35  
ARG NH2   HH21   sing N N 36  
ARG NH2   HH22   sing N N 37  
ARG OXT   HXT    sing N N 38  
ASN N     CA     sing N N 39  
ASN N     H      sing N N 40  
ASN N     H2     sing N N 41  
ASN CA    C      sing N N 42  
ASN CA    CB     sing N N 43  
ASN CA    HA     sing N N 44  
ASN C     O      doub N N 45  
ASN C     OXT    sing N N 46  
ASN CB    CG     sing N N 47  
ASN CB    HB2    sing N N 48  
ASN CB    HB3    sing N N 49  
ASN CG    OD1    doub N N 50  
ASN CG    ND2    sing N N 51  
ASN ND2   HD21   sing N N 52  
ASN ND2   HD22   sing N N 53  
ASN OXT   HXT    sing N N 54  
ASP N     CA     sing N N 55  
ASP N     H      sing N N 56  
ASP N     H2     sing N N 57  
ASP CA    C      sing N N 58  
ASP CA    CB     sing N N 59  
ASP CA    HA     sing N N 60  
ASP C     O      doub N N 61  
ASP C     OXT    sing N N 62  
ASP CB    CG     sing N N 63  
ASP CB    HB2    sing N N 64  
ASP CB    HB3    sing N N 65  
ASP CG    OD1    doub N N 66  
ASP CG    OD2    sing N N 67  
ASP OD2   HD2    sing N N 68  
ASP OXT   HXT    sing N N 69  
C5P O3P   P      sing N N 70  
C5P O3P   HOP3   sing N N 71  
C5P P     O1P    doub N N 72  
C5P P     O2P    sing N N 73  
C5P P     "O5'"  sing N N 74  
C5P O2P   HOP2   sing N N 75  
C5P "O5'" "C5'"  sing N N 76  
C5P "C5'" "C4'"  sing N N 77  
C5P "C5'" "H5'1" sing N N 78  
C5P "C5'" "H5'2" sing N N 79  
C5P "C4'" "O4'"  sing N N 80  
C5P "C4'" "C3'"  sing N N 81  
C5P "C4'" "H4'"  sing N N 82  
C5P "O4'" "C1'"  sing N N 83  
C5P "C3'" "O3'"  sing N N 84  
C5P "C3'" "C2'"  sing N N 85  
C5P "C3'" "H3'"  sing N N 86  
C5P "O3'" "HO3'" sing N N 87  
C5P "C2'" "O2'"  sing N N 88  
C5P "C2'" "C1'"  sing N N 89  
C5P "C2'" "H2'1" sing N N 90  
C5P "O2'" "HO2'" sing N N 91  
C5P "C1'" N1     sing N N 92  
C5P "C1'" "H1'"  sing N N 93  
C5P N1    C2     sing N N 94  
C5P N1    C6     sing N N 95  
C5P C2    N3     sing N N 96  
C5P C2    O2     doub N N 97  
C5P N3    C4     doub N N 98  
C5P C4    C5     sing N N 99  
C5P C4    N4     sing N N 100 
C5P C5    C6     doub N N 101 
C5P C5    H5     sing N N 102 
C5P C6    H6     sing N N 103 
C5P N4    HN41   sing N N 104 
C5P N4    HN42   sing N N 105 
CYS N     CA     sing N N 106 
CYS N     H      sing N N 107 
CYS N     H2     sing N N 108 
CYS CA    C      sing N N 109 
CYS CA    CB     sing N N 110 
CYS CA    HA     sing N N 111 
CYS C     O      doub N N 112 
CYS C     OXT    sing N N 113 
CYS CB    SG     sing N N 114 
CYS CB    HB2    sing N N 115 
CYS CB    HB3    sing N N 116 
CYS SG    HG     sing N N 117 
CYS OXT   HXT    sing N N 118 
FMT C     O1     doub N N 119 
FMT C     O2     sing N N 120 
FMT C     H      sing N N 121 
FMT O2    HO2    sing N N 122 
GLN N     CA     sing N N 123 
GLN N     H      sing N N 124 
GLN N     H2     sing N N 125 
GLN CA    C      sing N N 126 
GLN CA    CB     sing N N 127 
GLN CA    HA     sing N N 128 
GLN C     O      doub N N 129 
GLN C     OXT    sing N N 130 
GLN CB    CG     sing N N 131 
GLN CB    HB2    sing N N 132 
GLN CB    HB3    sing N N 133 
GLN CG    CD     sing N N 134 
GLN CG    HG2    sing N N 135 
GLN CG    HG3    sing N N 136 
GLN CD    OE1    doub N N 137 
GLN CD    NE2    sing N N 138 
GLN NE2   HE21   sing N N 139 
GLN NE2   HE22   sing N N 140 
GLN OXT   HXT    sing N N 141 
GLU N     CA     sing N N 142 
GLU N     H      sing N N 143 
GLU N     H2     sing N N 144 
GLU CA    C      sing N N 145 
GLU CA    CB     sing N N 146 
GLU CA    HA     sing N N 147 
GLU C     O      doub N N 148 
GLU C     OXT    sing N N 149 
GLU CB    CG     sing N N 150 
GLU CB    HB2    sing N N 151 
GLU CB    HB3    sing N N 152 
GLU CG    CD     sing N N 153 
GLU CG    HG2    sing N N 154 
GLU CG    HG3    sing N N 155 
GLU CD    OE1    doub N N 156 
GLU CD    OE2    sing N N 157 
GLU OE2   HE2    sing N N 158 
GLU OXT   HXT    sing N N 159 
GLY N     CA     sing N N 160 
GLY N     H      sing N N 161 
GLY N     H2     sing N N 162 
GLY CA    C      sing N N 163 
GLY CA    HA2    sing N N 164 
GLY CA    HA3    sing N N 165 
GLY C     O      doub N N 166 
GLY C     OXT    sing N N 167 
GLY OXT   HXT    sing N N 168 
HIS N     CA     sing N N 169 
HIS N     H      sing N N 170 
HIS N     H2     sing N N 171 
HIS CA    C      sing N N 172 
HIS CA    CB     sing N N 173 
HIS CA    HA     sing N N 174 
HIS C     O      doub N N 175 
HIS C     OXT    sing N N 176 
HIS CB    CG     sing N N 177 
HIS CB    HB2    sing N N 178 
HIS CB    HB3    sing N N 179 
HIS CG    ND1    sing Y N 180 
HIS CG    CD2    doub Y N 181 
HIS ND1   CE1    doub Y N 182 
HIS ND1   HD1    sing N N 183 
HIS CD2   NE2    sing Y N 184 
HIS CD2   HD2    sing N N 185 
HIS CE1   NE2    sing Y N 186 
HIS CE1   HE1    sing N N 187 
HIS NE2   HE2    sing N N 188 
HIS OXT   HXT    sing N N 189 
HOH O     H1     sing N N 190 
HOH O     H2     sing N N 191 
ILE N     CA     sing N N 192 
ILE N     H      sing N N 193 
ILE N     H2     sing N N 194 
ILE CA    C      sing N N 195 
ILE CA    CB     sing N N 196 
ILE CA    HA     sing N N 197 
ILE C     O      doub N N 198 
ILE C     OXT    sing N N 199 
ILE CB    CG1    sing N N 200 
ILE CB    CG2    sing N N 201 
ILE CB    HB     sing N N 202 
ILE CG1   CD1    sing N N 203 
ILE CG1   HG12   sing N N 204 
ILE CG1   HG13   sing N N 205 
ILE CG2   HG21   sing N N 206 
ILE CG2   HG22   sing N N 207 
ILE CG2   HG23   sing N N 208 
ILE CD1   HD11   sing N N 209 
ILE CD1   HD12   sing N N 210 
ILE CD1   HD13   sing N N 211 
ILE OXT   HXT    sing N N 212 
LEU N     CA     sing N N 213 
LEU N     H      sing N N 214 
LEU N     H2     sing N N 215 
LEU CA    C      sing N N 216 
LEU CA    CB     sing N N 217 
LEU CA    HA     sing N N 218 
LEU C     O      doub N N 219 
LEU C     OXT    sing N N 220 
LEU CB    CG     sing N N 221 
LEU CB    HB2    sing N N 222 
LEU CB    HB3    sing N N 223 
LEU CG    CD1    sing N N 224 
LEU CG    CD2    sing N N 225 
LEU CG    HG     sing N N 226 
LEU CD1   HD11   sing N N 227 
LEU CD1   HD12   sing N N 228 
LEU CD1   HD13   sing N N 229 
LEU CD2   HD21   sing N N 230 
LEU CD2   HD22   sing N N 231 
LEU CD2   HD23   sing N N 232 
LEU OXT   HXT    sing N N 233 
LYS N     CA     sing N N 234 
LYS N     H      sing N N 235 
LYS N     H2     sing N N 236 
LYS CA    C      sing N N 237 
LYS CA    CB     sing N N 238 
LYS CA    HA     sing N N 239 
LYS C     O      doub N N 240 
LYS C     OXT    sing N N 241 
LYS CB    CG     sing N N 242 
LYS CB    HB2    sing N N 243 
LYS CB    HB3    sing N N 244 
LYS CG    CD     sing N N 245 
LYS CG    HG2    sing N N 246 
LYS CG    HG3    sing N N 247 
LYS CD    CE     sing N N 248 
LYS CD    HD2    sing N N 249 
LYS CD    HD3    sing N N 250 
LYS CE    NZ     sing N N 251 
LYS CE    HE2    sing N N 252 
LYS CE    HE3    sing N N 253 
LYS NZ    HZ1    sing N N 254 
LYS NZ    HZ2    sing N N 255 
LYS NZ    HZ3    sing N N 256 
LYS OXT   HXT    sing N N 257 
MET N     CA     sing N N 258 
MET N     H      sing N N 259 
MET N     H2     sing N N 260 
MET CA    C      sing N N 261 
MET CA    CB     sing N N 262 
MET CA    HA     sing N N 263 
MET C     O      doub N N 264 
MET C     OXT    sing N N 265 
MET CB    CG     sing N N 266 
MET CB    HB2    sing N N 267 
MET CB    HB3    sing N N 268 
MET CG    SD     sing N N 269 
MET CG    HG2    sing N N 270 
MET CG    HG3    sing N N 271 
MET SD    CE     sing N N 272 
MET CE    HE1    sing N N 273 
MET CE    HE2    sing N N 274 
MET CE    HE3    sing N N 275 
MET OXT   HXT    sing N N 276 
PHE N     CA     sing N N 277 
PHE N     H      sing N N 278 
PHE N     H2     sing N N 279 
PHE CA    C      sing N N 280 
PHE CA    CB     sing N N 281 
PHE CA    HA     sing N N 282 
PHE C     O      doub N N 283 
PHE C     OXT    sing N N 284 
PHE CB    CG     sing N N 285 
PHE CB    HB2    sing N N 286 
PHE CB    HB3    sing N N 287 
PHE CG    CD1    doub Y N 288 
PHE CG    CD2    sing Y N 289 
PHE CD1   CE1    sing Y N 290 
PHE CD1   HD1    sing N N 291 
PHE CD2   CE2    doub Y N 292 
PHE CD2   HD2    sing N N 293 
PHE CE1   CZ     doub Y N 294 
PHE CE1   HE1    sing N N 295 
PHE CE2   CZ     sing Y N 296 
PHE CE2   HE2    sing N N 297 
PHE CZ    HZ     sing N N 298 
PHE OXT   HXT    sing N N 299 
PRO N     CA     sing N N 300 
PRO N     CD     sing N N 301 
PRO N     H      sing N N 302 
PRO CA    C      sing N N 303 
PRO CA    CB     sing N N 304 
PRO CA    HA     sing N N 305 
PRO C     O      doub N N 306 
PRO C     OXT    sing N N 307 
PRO CB    CG     sing N N 308 
PRO CB    HB2    sing N N 309 
PRO CB    HB3    sing N N 310 
PRO CG    CD     sing N N 311 
PRO CG    HG2    sing N N 312 
PRO CG    HG3    sing N N 313 
PRO CD    HD2    sing N N 314 
PRO CD    HD3    sing N N 315 
PRO OXT   HXT    sing N N 316 
SER N     CA     sing N N 317 
SER N     H      sing N N 318 
SER N     H2     sing N N 319 
SER CA    C      sing N N 320 
SER CA    CB     sing N N 321 
SER CA    HA     sing N N 322 
SER C     O      doub N N 323 
SER C     OXT    sing N N 324 
SER CB    OG     sing N N 325 
SER CB    HB2    sing N N 326 
SER CB    HB3    sing N N 327 
SER OG    HG     sing N N 328 
SER OXT   HXT    sing N N 329 
THR N     CA     sing N N 330 
THR N     H      sing N N 331 
THR N     H2     sing N N 332 
THR CA    C      sing N N 333 
THR CA    CB     sing N N 334 
THR CA    HA     sing N N 335 
THR C     O      doub N N 336 
THR C     OXT    sing N N 337 
THR CB    OG1    sing N N 338 
THR CB    CG2    sing N N 339 
THR CB    HB     sing N N 340 
THR OG1   HG1    sing N N 341 
THR CG2   HG21   sing N N 342 
THR CG2   HG22   sing N N 343 
THR CG2   HG23   sing N N 344 
THR OXT   HXT    sing N N 345 
TYR N     CA     sing N N 346 
TYR N     H      sing N N 347 
TYR N     H2     sing N N 348 
TYR CA    C      sing N N 349 
TYR CA    CB     sing N N 350 
TYR CA    HA     sing N N 351 
TYR C     O      doub N N 352 
TYR C     OXT    sing N N 353 
TYR CB    CG     sing N N 354 
TYR CB    HB2    sing N N 355 
TYR CB    HB3    sing N N 356 
TYR CG    CD1    doub Y N 357 
TYR CG    CD2    sing Y N 358 
TYR CD1   CE1    sing Y N 359 
TYR CD1   HD1    sing N N 360 
TYR CD2   CE2    doub Y N 361 
TYR CD2   HD2    sing N N 362 
TYR CE1   CZ     doub Y N 363 
TYR CE1   HE1    sing N N 364 
TYR CE2   CZ     sing Y N 365 
TYR CE2   HE2    sing N N 366 
TYR CZ    OH     sing N N 367 
TYR OH    HH     sing N N 368 
TYR OXT   HXT    sing N N 369 
VAL N     CA     sing N N 370 
VAL N     H      sing N N 371 
VAL N     H2     sing N N 372 
VAL CA    C      sing N N 373 
VAL CA    CB     sing N N 374 
VAL CA    HA     sing N N 375 
VAL C     O      doub N N 376 
VAL C     OXT    sing N N 377 
VAL CB    CG1    sing N N 378 
VAL CB    CG2    sing N N 379 
VAL CB    HB     sing N N 380 
VAL CG1   HG11   sing N N 381 
VAL CG1   HG12   sing N N 382 
VAL CG1   HG13   sing N N 383 
VAL CG2   HG21   sing N N 384 
VAL CG2   HG22   sing N N 385 
VAL CG2   HG23   sing N N 386 
VAL OXT   HXT    sing N N 387 
# 
_atom_sites.entry_id                    1RNN 
_atom_sites.fract_transf_matrix[1][1]   0.00934172 
_atom_sites.fract_transf_matrix[1][2]   -0.00737443 
_atom_sites.fract_transf_matrix[1][3]   0.01314694 
_atom_sites.fract_transf_matrix[2][1]   -0.00773262 
_atom_sites.fract_transf_matrix[2][2]   -0.01162470 
_atom_sites.fract_transf_matrix[2][3]   0.01093470 
_atom_sites.fract_transf_matrix[3][1]   0.00406102 
_atom_sites.fract_transf_matrix[3][2]   -0.01146488 
_atom_sites.fract_transf_matrix[3][3]   -0.00931653 
_atom_sites.fract_transf_vector[1]      0.487496 
_atom_sites.fract_transf_vector[2]      0.327740 
_atom_sites.fract_transf_vector[3]      0.405569 
# 
loop_
_atom_sites_footnote.id 
_atom_sites_footnote.text 
1 'CIS PROLINE - PRO E    93' 
2 'CIS PROLINE - PRO E   114' 
# 
loop_
_atom_type.symbol 
C 
N 
O 
P 
S 
# 
loop_
_atom_site.group_PDB 
_atom_site.id 
_atom_site.type_symbol 
_atom_site.label_atom_id 
_atom_site.label_alt_id 
_atom_site.label_comp_id 
_atom_site.label_asym_id 
_atom_site.label_entity_id 
_atom_site.label_seq_id 
_atom_site.pdbx_PDB_ins_code 
_atom_site.Cartn_x 
_atom_site.Cartn_y 
_atom_site.Cartn_z 
_atom_site.occupancy 
_atom_site.B_iso_or_equiv 
_atom_site.pdbx_formal_charge 
_atom_site.auth_seq_id 
_atom_site.auth_comp_id 
_atom_site.auth_asym_id 
_atom_site.auth_atom_id 
_atom_site.pdbx_PDB_model_num 
ATOM   1    N N     . LYS A 1 1   ? 9.188   16.697  -8.174  1.00 48.41 ? 1   LYS E N     1 
ATOM   2    C CA    . LYS A 1 1   ? 8.097   16.384  -7.202  1.00 47.40 ? 1   LYS E CA    1 
ATOM   3    C C     . LYS A 1 1   ? 8.599   15.459  -6.092  1.00 43.82 ? 1   LYS E C     1 
ATOM   4    O O     . LYS A 1 1   ? 9.215   15.889  -5.118  1.00 46.05 ? 1   LYS E O     1 
ATOM   5    C CB    . LYS A 1 1   ? 6.933   15.707  -7.950  1.00 51.82 ? 1   LYS E CB    1 
ATOM   6    C CG    . LYS A 1 1   ? 5.571   15.682  -7.246  1.00 56.26 ? 1   LYS E CG    1 
ATOM   7    C CD    . LYS A 1 1   ? 4.612   14.649  -7.844  1.00 59.68 ? 1   LYS E CD    1 
ATOM   8    C CE    . LYS A 1 1   ? 5.111   13.218  -7.678  1.00 60.19 ? 1   LYS E CE    1 
ATOM   9    N NZ    . LYS A 1 1   ? 4.225   12.161  -8.212  1.00 60.22 ? 1   LYS E NZ    1 
ATOM   10   N N     . GLU A 1 2   ? 8.352   14.184  -6.252  1.00 36.20 ? 2   GLU E N     1 
ATOM   11   C CA    . GLU A 1 2   ? 8.657   13.042  -5.421  1.00 30.05 ? 2   GLU E CA    1 
ATOM   12   C C     . GLU A 1 2   ? 9.132   11.922  -6.348  1.00 27.60 ? 2   GLU E C     1 
ATOM   13   O O     . GLU A 1 2   ? 8.518   11.759  -7.403  1.00 26.60 ? 2   GLU E O     1 
ATOM   14   C CB    . GLU A 1 2   ? 7.325   12.561  -4.842  1.00 28.08 ? 2   GLU E CB    1 
ATOM   15   C CG    . GLU A 1 2   ? 7.263   11.857  -3.550  1.00 29.69 ? 2   GLU E CG    1 
ATOM   16   C CD    . GLU A 1 2   ? 5.884   11.853  -2.892  1.00 30.66 ? 2   GLU E CD    1 
ATOM   17   O OE1   . GLU A 1 2   ? 4.859   11.938  -3.593  1.00 25.93 ? 2   GLU E OE1   1 
ATOM   18   O OE2   . GLU A 1 2   ? 5.855   11.768  -1.641  1.00 28.04 ? 2   GLU E OE2   1 
ATOM   19   N N     . THR A 1 3   ? 10.197  11.198  -6.035  1.00 26.18 ? 3   THR E N     1 
ATOM   20   C CA    . THR A 1 3   ? 10.606  10.110  -6.921  1.00 23.34 ? 3   THR E CA    1 
ATOM   21   C C     . THR A 1 3   ? 9.505   9.034   -6.795  1.00 23.09 ? 3   THR E C     1 
ATOM   22   O O     . THR A 1 3   ? 8.669   9.096   -5.885  1.00 20.15 ? 3   THR E O     1 
ATOM   23   C CB    . THR A 1 3   ? 11.909  9.434   -6.499  1.00 22.33 ? 3   THR E CB    1 
ATOM   24   O OG1   . THR A 1 3   ? 11.712  8.881   -5.186  1.00 22.64 ? 3   THR E OG1   1 
ATOM   25   C CG2   . THR A 1 3   ? 13.111  10.352  -6.557  1.00 21.73 ? 3   THR E CG2   1 
ATOM   26   N N     . ALA A 1 4   ? 9.470   8.081   -7.722  1.00 22.62 ? 4   ALA E N     1 
ATOM   27   C CA    . ALA A 1 4   ? 8.464   7.026   -7.699  1.00 21.32 ? 4   ALA E CA    1 
ATOM   28   C C     . ALA A 1 4   ? 8.664   6.132   -6.479  1.00 22.24 ? 4   ALA E C     1 
ATOM   29   O O     . ALA A 1 4   ? 7.652   5.705   -5.901  1.00 23.03 ? 4   ALA E O     1 
ATOM   30   C CB    . ALA A 1 4   ? 8.525   6.191   -8.964  1.00 23.05 ? 4   ALA E CB    1 
ATOM   31   N N     . ALA A 1 5   ? 9.904   5.851   -6.064  1.00 21.94 ? 5   ALA E N     1 
ATOM   32   C CA    . ALA A 1 5   ? 10.147  5.020   -4.893  1.00 22.17 ? 5   ALA E CA    1 
ATOM   33   C C     . ALA A 1 5   ? 9.720   5.769   -3.630  1.00 22.08 ? 5   ALA E C     1 
ATOM   34   O O     . ALA A 1 5   ? 9.187   5.129   -2.719  1.00 21.86 ? 5   ALA E O     1 
ATOM   35   C CB    . ALA A 1 5   ? 11.618  4.659   -4.711  1.00 21.52 ? 5   ALA E CB    1 
ATOM   36   N N     . ALA A 1 6   ? 9.964   7.082   -3.561  1.00 21.36 ? 6   ALA E N     1 
ATOM   37   C CA    . ALA A 1 6   ? 9.560   7.857   -2.383  1.00 19.75 ? 6   ALA E CA    1 
ATOM   38   C C     . ALA A 1 6   ? 8.040   7.963   -2.285  1.00 20.08 ? 6   ALA E C     1 
ATOM   39   O O     . ALA A 1 6   ? 7.494   7.928   -1.180  1.00 19.19 ? 6   ALA E O     1 
ATOM   40   C CB    . ALA A 1 6   ? 10.113  9.260   -2.430  1.00 17.67 ? 6   ALA E CB    1 
ATOM   41   N N     . LYS A 1 7   ? 7.343   8.072   -3.410  1.00 19.51 ? 7   LYS E N     1 
ATOM   42   C CA    . LYS A 1 7   ? 5.888   8.157   -3.408  1.00 20.25 ? 7   LYS E CA    1 
ATOM   43   C C     . LYS A 1 7   ? 5.260   6.853   -2.925  1.00 20.80 ? 7   LYS E C     1 
ATOM   44   O O     . LYS A 1 7   ? 4.290   6.818   -2.157  1.00 20.55 ? 7   LYS E O     1 
ATOM   45   C CB    . LYS A 1 7   ? 5.394   8.511   -4.799  1.00 21.83 ? 7   LYS E CB    1 
ATOM   46   C CG    . LYS A 1 7   ? 3.881   8.407   -4.945  1.00 26.74 ? 7   LYS E CG    1 
ATOM   47   C CD    . LYS A 1 7   ? 3.422   9.578   -5.781  1.00 34.88 ? 7   LYS E CD    1 
ATOM   48   C CE    . LYS A 1 7   ? 2.170   9.254   -6.572  1.00 43.13 ? 7   LYS E CE    1 
ATOM   49   N NZ    . LYS A 1 7   ? 2.498   8.432   -7.791  1.00 48.46 ? 7   LYS E NZ    1 
ATOM   50   N N     . PHE A 1 8   ? 5.801   5.719   -3.353  1.00 20.29 ? 8   PHE E N     1 
ATOM   51   C CA    . PHE A 1 8   ? 5.349   4.400   -2.926  1.00 16.62 ? 8   PHE E CA    1 
ATOM   52   C C     . PHE A 1 8   ? 5.519   4.319   -1.412  1.00 18.98 ? 8   PHE E C     1 
ATOM   53   O O     . PHE A 1 8   ? 4.629   3.884   -0.674  1.00 17.81 ? 8   PHE E O     1 
ATOM   54   C CB    . PHE A 1 8   ? 6.201   3.307   -3.604  1.00 17.24 ? 8   PHE E CB    1 
ATOM   55   C CG    . PHE A 1 8   ? 5.960   1.949   -3.024  1.00 15.54 ? 8   PHE E CG    1 
ATOM   56   C CD1   . PHE A 1 8   ? 6.690   1.492   -1.951  1.00 16.86 ? 8   PHE E CD1   1 
ATOM   57   C CD2   . PHE A 1 8   ? 4.993   1.124   -3.559  1.00 18.22 ? 8   PHE E CD2   1 
ATOM   58   C CE1   . PHE A 1 8   ? 6.445   0.274   -1.333  1.00 15.49 ? 8   PHE E CE1   1 
ATOM   59   C CE2   . PHE A 1 8   ? 4.748   -0.125  -2.976  1.00 18.17 ? 8   PHE E CE2   1 
ATOM   60   C CZ    . PHE A 1 8   ? 5.459   -0.528  -1.859  1.00 18.24 ? 8   PHE E CZ    1 
ATOM   61   N N     . GLU A 1 9   ? 6.668   4.700   -0.843  1.00 17.64 ? 9   GLU E N     1 
ATOM   62   C CA    . GLU A 1 9   ? 6.839   4.619   0.610   1.00 19.38 ? 9   GLU E CA    1 
ATOM   63   C C     . GLU A 1 9   ? 5.857   5.508   1.373   1.00 19.20 ? 9   GLU E C     1 
ATOM   64   O O     . GLU A 1 9   ? 5.281   5.122   2.402   1.00 18.49 ? 9   GLU E O     1 
ATOM   65   C CB    . GLU A 1 9   ? 8.274   5.095   0.960   1.00 19.41 ? 9   GLU E CB    1 
ATOM   66   C CG    . GLU A 1 9   ? 9.336   4.217   0.367   1.00 21.78 ? 9   GLU E CG    1 
ATOM   67   C CD    . GLU A 1 9   ? 10.741  4.724   0.399   1.00 21.66 ? 9   GLU E CD    1 
ATOM   68   O OE1   . GLU A 1 9   ? 11.064  5.889   0.685   1.00 21.98 ? 9   GLU E OE1   1 
ATOM   69   O OE2   . GLU A 1 9   ? 11.617  3.883   0.087   1.00 24.65 ? 9   GLU E OE2   1 
ATOM   70   N N     . ARG A 1 10  ? 5.660   6.748   0.878   1.00 17.98 ? 10  ARG E N     1 
ATOM   71   C CA    . ARG A 1 10  ? 4.762   7.659   1.576   1.00 17.88 ? 10  ARG E CA    1 
ATOM   72   C C     . ARG A 1 10  ? 3.355   7.093   1.552   1.00 20.07 ? 10  ARG E C     1 
ATOM   73   O O     . ARG A 1 10  ? 2.688   7.129   2.602   1.00 22.33 ? 10  ARG E O     1 
ATOM   74   C CB    . ARG A 1 10  ? 4.776   9.045   0.983   1.00 15.98 ? 10  ARG E CB    1 
ATOM   75   C CG    . ARG A 1 10  ? 3.695   9.958   1.556   1.00 19.00 ? 10  ARG E CG    1 
ATOM   76   C CD    . ARG A 1 10  ? 3.814   11.340  0.969   1.00 22.11 ? 10  ARG E CD    1 
ATOM   77   N NE    . ARG A 1 10  ? 3.607   11.385  -0.464  1.00 24.13 ? 10  ARG E NE    1 
ATOM   78   C CZ    . ARG A 1 10  ? 2.482   11.387  -1.139  1.00 25.78 ? 10  ARG E CZ    1 
ATOM   79   N NH1   . ARG A 1 10  ? 1.297   11.365  -0.545  1.00 28.98 ? 10  ARG E NH1   1 
ATOM   80   N NH2   . ARG A 1 10  ? 2.492   11.314  -2.472  1.00 27.68 ? 10  ARG E NH2   1 
ATOM   81   N N     . GLN A 1 11  ? 2.896   6.554   0.427   1.00 20.13 ? 11  GLN E N     1 
ATOM   82   C CA    . GLN A 1 11  ? 1.551   5.997   0.356   1.00 19.60 ? 11  GLN E CA    1 
ATOM   83   C C     . GLN A 1 11  ? 1.317   4.635   0.984   1.00 18.83 ? 11  GLN E C     1 
ATOM   84   O O     . GLN A 1 11  ? 0.212   4.329   1.459   1.00 20.64 ? 11  GLN E O     1 
ATOM   85   C CB    . GLN A 1 11  ? 1.160   5.812   -1.113  1.00 19.23 ? 11  GLN E CB    1 
ATOM   86   C CG    . GLN A 1 11  ? 1.208   7.081   -1.934  1.00 21.16 ? 11  GLN E CG    1 
ATOM   87   C CD    . GLN A 1 11  ? 0.512   6.779   -3.251  1.00 29.98 ? 11  GLN E CD    1 
ATOM   88   O OE1   . GLN A 1 11  ? -0.352  7.556   -3.640  1.00 37.85 ? 11  GLN E OE1   1 
ATOM   89   N NE2   . GLN A 1 11  ? 0.790   5.671   -3.912  1.00 31.75 ? 11  GLN E NE2   1 
ATOM   90   N N     . HIS A 1 12  ? 2.317   3.761   1.046   1.00 19.71 ? 12  HIS E N     1 
ATOM   91   C CA    . HIS A 1 12  ? 2.116   2.413   1.565   1.00 19.25 ? 12  HIS E CA    1 
ATOM   92   C C     . HIS A 1 12  ? 2.940   1.913   2.722   1.00 19.60 ? 12  HIS E C     1 
ATOM   93   O O     . HIS A 1 12  ? 2.613   0.811   3.249   1.00 19.24 ? 12  HIS E O     1 
ATOM   94   C CB    . HIS A 1 12  ? 2.362   1.438   0.372   1.00 16.37 ? 12  HIS E CB    1 
ATOM   95   C CG    . HIS A 1 12  ? 1.508   1.771   -0.820  1.00 16.61 ? 12  HIS E CG    1 
ATOM   96   N ND1   . HIS A 1 12  ? 0.134   1.651   -0.839  1.00 15.15 ? 12  HIS E ND1   1 
ATOM   97   C CD2   . HIS A 1 12  ? 1.851   2.254   -2.047  1.00 16.62 ? 12  HIS E CD2   1 
ATOM   98   C CE1   . HIS A 1 12  ? -0.341  2.030   -2.008  1.00 14.50 ? 12  HIS E CE1   1 
ATOM   99   N NE2   . HIS A 1 12  ? 0.690   2.398   -2.763  1.00 16.10 ? 12  HIS E NE2   1 
ATOM   100  N N     . MET A 1 13  ? 3.974   2.629   3.173   1.00 18.77 ? 13  MET E N     1 
ATOM   101  C CA    . MET A 1 13  ? 4.727   2.059   4.288   1.00 19.16 ? 13  MET E CA    1 
ATOM   102  C C     . MET A 1 13  ? 4.361   2.552   5.669   1.00 18.76 ? 13  MET E C     1 
ATOM   103  O O     . MET A 1 13  ? 4.335   3.748   5.925   1.00 20.12 ? 13  MET E O     1 
ATOM   104  C CB    . MET A 1 13  ? 6.228   2.293   4.053   1.00 16.46 ? 13  MET E CB    1 
ATOM   105  C CG    . MET A 1 13  ? 6.706   1.570   2.790   1.00 17.97 ? 13  MET E CG    1 
ATOM   106  S SD    . MET A 1 13  ? 6.682   -0.229  2.954   1.00 20.32 ? 13  MET E SD    1 
ATOM   107  C CE    . MET A 1 13  ? 7.302   -0.494  4.602   1.00 21.20 ? 13  MET E CE    1 
ATOM   108  N N     . ASP A 1 14  ? 4.100   1.618   6.586   1.00 18.92 ? 14  ASP E N     1 
ATOM   109  C CA    . ASP A 1 14  ? 3.812   1.956   7.976   1.00 21.07 ? 14  ASP E CA    1 
ATOM   110  C C     . ASP A 1 14  ? 4.436   0.894   8.870   1.00 19.43 ? 14  ASP E C     1 
ATOM   111  O O     . ASP A 1 14  ? 3.769   0.039   9.427   1.00 20.42 ? 14  ASP E O     1 
ATOM   112  C CB    . ASP A 1 14  ? 2.342   2.142   8.342   1.00 22.85 ? 14  ASP E CB    1 
ATOM   113  C CG    . ASP A 1 14  ? 2.117   2.556   9.784   1.00 24.92 ? 14  ASP E CG    1 
ATOM   114  O OD1   . ASP A 1 14  ? 3.048   2.969   10.487  1.00 27.02 ? 14  ASP E OD1   1 
ATOM   115  O OD2   . ASP A 1 14  ? 0.986   2.434   10.289  1.00 27.99 ? 14  ASP E OD2   1 
ATOM   116  N N     . SER A 1 15  ? 5.745   0.914   8.985   1.00 20.53 ? 15  SER E N     1 
ATOM   117  C CA    . SER A 1 15  ? 6.480   -0.034  9.795   1.00 26.15 ? 15  SER E CA    1 
ATOM   118  C C     . SER A 1 15  ? 6.487   0.320   11.274  1.00 28.20 ? 15  SER E C     1 
ATOM   119  O O     . SER A 1 15  ? 7.010   -0.478  12.066  1.00 32.15 ? 15  SER E O     1 
ATOM   120  C CB    . SER A 1 15  ? 7.979   -0.041  9.395   1.00 24.25 ? 15  SER E CB    1 
ATOM   121  O OG    . SER A 1 15  ? 8.043   -0.055  7.980   1.00 30.66 ? 15  SER E OG    1 
ATOM   122  N N     . SER A 1 16  ? 6.002   1.478   11.667  1.00 29.61 ? 16  SER E N     1 
ATOM   123  C CA    . SER A 1 16  ? 6.062   1.828   13.097  1.00 32.17 ? 16  SER E CA    1 
ATOM   124  C C     . SER A 1 16  ? 5.060   1.003   13.880  1.00 33.30 ? 16  SER E C     1 
ATOM   125  O O     . SER A 1 16  ? 5.142   0.840   15.093  1.00 33.25 ? 16  SER E O     1 
ATOM   126  C CB    . SER A 1 16  ? 5.752   3.311   13.283  1.00 32.64 ? 16  SER E CB    1 
ATOM   127  O OG    . SER A 1 16  ? 4.343   3.547   13.078  1.00 35.18 ? 16  SER E OG    1 
ATOM   128  N N     . THR A 1 17  ? 4.059   0.471   13.175  1.00 34.19 ? 17  THR E N     1 
ATOM   129  C CA    . THR A 1 17  ? 3.080   -0.331  13.907  1.00 36.45 ? 17  THR E CA    1 
ATOM   130  C C     . THR A 1 17  ? 2.959   -1.714  13.301  1.00 36.87 ? 17  THR E C     1 
ATOM   131  O O     . THR A 1 17  ? 3.092   -1.881  12.094  1.00 37.65 ? 17  THR E O     1 
ATOM   132  C CB    . THR A 1 17  ? 1.708   0.347   13.977  1.00 38.20 ? 17  THR E CB    1 
ATOM   133  O OG1   . THR A 1 17  ? 0.930   -0.475  14.875  1.00 44.99 ? 17  THR E OG1   1 
ATOM   134  C CG2   . THR A 1 17  ? 1.028   0.479   12.649  1.00 34.75 ? 17  THR E CG2   1 
ATOM   135  N N     . SER A 1 18  ? 2.723   -2.703  14.169  1.00 36.72 ? 18  SER E N     1 
ATOM   136  C CA    . SER A 1 18  ? 2.622   -4.080  13.704  1.00 37.95 ? 18  SER E CA    1 
ATOM   137  C C     . SER A 1 18  ? 1.278   -4.399  13.073  1.00 35.52 ? 18  SER E C     1 
ATOM   138  O O     . SER A 1 18  ? 1.163   -5.362  12.296  1.00 33.66 ? 18  SER E O     1 
ATOM   139  C CB    . SER A 1 18  ? 2.882   -5.045  14.865  1.00 38.98 ? 18  SER E CB    1 
ATOM   140  O OG    . SER A 1 18  ? 1.847   -4.868  15.830  1.00 47.30 ? 18  SER E OG    1 
ATOM   141  N N     . ALA A 1 19  ? 0.280   -3.569  13.396  1.00 32.83 ? 19  ALA E N     1 
ATOM   142  C CA    . ALA A 1 19  ? -1.031  -3.812  12.823  1.00 34.59 ? 19  ALA E CA    1 
ATOM   143  C C     . ALA A 1 19  ? -1.988  -2.707  13.248  1.00 35.72 ? 19  ALA E C     1 
ATOM   144  O O     . ALA A 1 19  ? -1.706  -2.125  14.286  1.00 36.55 ? 19  ALA E O     1 
ATOM   145  C CB    . ALA A 1 19  ? -1.572  -5.128  13.382  1.00 34.25 ? 19  ALA E CB    1 
ATOM   146  N N     . ALA A 1 20  ? -3.038  -2.482  12.469  1.00 34.82 ? 20  ALA E N     1 
ATOM   147  C CA    . ALA A 1 20  ? -4.030  -1.484  12.828  1.00 36.60 ? 20  ALA E CA    1 
ATOM   148  C C     . ALA A 1 20  ? -4.848  -2.042  14.017  1.00 40.17 ? 20  ALA E C     1 
ATOM   149  O O     . ALA A 1 20  ? -5.179  -3.229  14.066  1.00 39.26 ? 20  ALA E O     1 
ATOM   150  C CB    . ALA A 1 20  ? -5.030  -1.287  11.710  1.00 31.99 ? 20  ALA E CB    1 
ATOM   151  N N     . SER A 1 21  ? -5.183  -1.157  14.949  1.00 43.35 ? 21  SER E N     1 
ATOM   152  C CA    . SER A 1 21  ? -5.972  -1.517  16.122  1.00 46.24 ? 21  SER E CA    1 
ATOM   153  C C     . SER A 1 21  ? -7.385  -0.923  16.084  1.00 45.72 ? 21  SER E C     1 
ATOM   154  O O     . SER A 1 21  ? -8.399  -1.630  16.223  1.00 50.21 ? 21  SER E O     1 
ATOM   155  C CB    . SER A 1 21  ? -5.335  -0.956  17.405  1.00 49.72 ? 21  SER E CB    1 
ATOM   156  O OG    . SER A 1 21  ? -4.016  -1.442  17.558  1.00 56.20 ? 21  SER E OG    1 
ATOM   157  N N     . SER A 1 22  ? -7.483  0.396   15.888  1.00 41.68 ? 22  SER E N     1 
ATOM   158  C CA    . SER A 1 22  ? -8.803  1.003   15.866  1.00 37.09 ? 22  SER E CA    1 
ATOM   159  C C     . SER A 1 22  ? -9.376  1.026   14.461  1.00 33.87 ? 22  SER E C     1 
ATOM   160  O O     . SER A 1 22  ? -8.610  1.011   13.504  1.00 32.89 ? 22  SER E O     1 
ATOM   161  C CB    . SER A 1 22  ? -8.710  2.482   16.286  1.00 37.96 ? 22  SER E CB    1 
ATOM   162  O OG    . SER A 1 22  ? -8.060  3.249   15.305  1.00 43.00 ? 22  SER E OG    1 
ATOM   163  N N     . SER A 1 23  ? -10.683 1.148   14.407  1.00 29.61 ? 23  SER E N     1 
ATOM   164  C CA    . SER A 1 23  ? -11.361 1.248   13.119  1.00 30.01 ? 23  SER E CA    1 
ATOM   165  C C     . SER A 1 23  ? -11.109 2.650   12.556  1.00 28.03 ? 23  SER E C     1 
ATOM   166  O O     . SER A 1 23  ? -11.543 3.046   11.481  1.00 27.02 ? 23  SER E O     1 
ATOM   167  C CB    . SER A 1 23  ? -12.859 1.042   13.331  1.00 30.30 ? 23  SER E CB    1 
ATOM   168  O OG    . SER A 1 23  ? -13.385 2.034   14.178  1.00 32.78 ? 23  SER E OG    1 
ATOM   169  N N     . ASN A 1 24  ? -10.346 3.414   13.333  1.00 28.89 ? 24  ASN E N     1 
ATOM   170  C CA    . ASN A 1 24  ? -10.008 4.782   12.977  1.00 30.16 ? 24  ASN E CA    1 
ATOM   171  C C     . ASN A 1 24  ? -8.645  4.908   12.299  1.00 27.62 ? 24  ASN E C     1 
ATOM   172  O O     . ASN A 1 24  ? -8.305  5.969   11.785  1.00 26.10 ? 24  ASN E O     1 
ATOM   173  C CB    . ASN A 1 24  ? -9.967  5.645   14.261  1.00 37.42 ? 24  ASN E CB    1 
ATOM   174  C CG    . ASN A 1 24  ? -10.945 6.795   13.988  1.00 47.47 ? 24  ASN E CG    1 
ATOM   175  O OD1   . ASN A 1 24  ? -10.526 7.860   13.504  1.00 52.19 ? 24  ASN E OD1   1 
ATOM   176  N ND2   . ASN A 1 24  ? -12.221 6.511   14.264  1.00 47.14 ? 24  ASN E ND2   1 
ATOM   177  N N     . TYR A 1 25  ? -7.904  3.799   12.323  1.00 24.70 ? 25  TYR E N     1 
ATOM   178  C CA    . TYR A 1 25  ? -6.600  3.778   11.704  1.00 23.66 ? 25  TYR E CA    1 
ATOM   179  C C     . TYR A 1 25  ? -6.600  4.351   10.291  1.00 22.54 ? 25  TYR E C     1 
ATOM   180  O O     . TYR A 1 25  ? -5.756  5.205   9.995   1.00 23.78 ? 25  TYR E O     1 
ATOM   181  C CB    . TYR A 1 25  ? -6.013  2.375   11.679  1.00 21.12 ? 25  TYR E CB    1 
ATOM   182  C CG    . TYR A 1 25  ? -4.678  2.289   10.940  1.00 23.22 ? 25  TYR E CG    1 
ATOM   183  C CD1   . TYR A 1 25  ? -4.647  2.079   9.560   1.00 18.61 ? 25  TYR E CD1   1 
ATOM   184  C CD2   . TYR A 1 25  ? -3.469  2.439   11.626  1.00 21.43 ? 25  TYR E CD2   1 
ATOM   185  C CE1   . TYR A 1 25  ? -3.443  2.018   8.892   1.00 18.51 ? 25  TYR E CE1   1 
ATOM   186  C CE2   . TYR A 1 25  ? -2.257  2.386   10.963  1.00 19.62 ? 25  TYR E CE2   1 
ATOM   187  C CZ    . TYR A 1 25  ? -2.261  2.169   9.597   1.00 21.08 ? 25  TYR E CZ    1 
ATOM   188  O OH    . TYR A 1 25  ? -1.065  2.097   8.920   1.00 23.20 ? 25  TYR E OH    1 
ATOM   189  N N     . CYS A 1 26  ? -7.483  3.943   9.389   1.00 21.69 ? 26  CYS E N     1 
ATOM   190  C CA    . CYS A 1 26  ? -7.452  4.449   8.038   1.00 21.28 ? 26  CYS E CA    1 
ATOM   191  C C     . CYS A 1 26  ? -7.784  5.914   7.916   1.00 22.52 ? 26  CYS E C     1 
ATOM   192  O O     . CYS A 1 26  ? -7.158  6.606   7.091   1.00 23.78 ? 26  CYS E O     1 
ATOM   193  C CB    . CYS A 1 26  ? -8.321  3.612   7.091   1.00 20.58 ? 26  CYS E CB    1 
ATOM   194  S SG    . CYS A 1 26  ? -7.620  1.960   6.746   1.00 18.99 ? 26  CYS E SG    1 
ATOM   195  N N     . ASN A 1 27  ? -8.752  6.435   8.645   1.00 22.49 ? 27  ASN E N     1 
ATOM   196  C CA    . ASN A 1 27  ? -9.068  7.867   8.516   1.00 23.16 ? 27  ASN E CA    1 
ATOM   197  C C     . ASN A 1 27  ? -7.876  8.744   8.891   1.00 23.57 ? 27  ASN E C     1 
ATOM   198  O O     . ASN A 1 27  ? -7.582  9.752   8.251   1.00 24.90 ? 27  ASN E O     1 
ATOM   199  C CB    . ASN A 1 27  ? -10.219 8.194   9.457   1.00 23.50 ? 27  ASN E CB    1 
ATOM   200  C CG    . ASN A 1 27  ? -11.515 7.631   8.922   1.00 28.22 ? 27  ASN E CG    1 
ATOM   201  O OD1   . ASN A 1 27  ? -12.419 7.229   9.665   1.00 33.71 ? 27  ASN E OD1   1 
ATOM   202  N ND2   . ASN A 1 27  ? -11.688 7.592   7.615   1.00 27.73 ? 27  ASN E ND2   1 
ATOM   203  N N     . GLN A 1 28  ? -7.173  8.380   9.945   1.00 24.99 ? 28  GLN E N     1 
ATOM   204  C CA    . GLN A 1 28  ? -5.996  9.080   10.414  1.00 27.03 ? 28  GLN E CA    1 
ATOM   205  C C     . GLN A 1 28  ? -4.819  8.998   9.449   1.00 28.45 ? 28  GLN E C     1 
ATOM   206  O O     . GLN A 1 28  ? -4.204  10.026  9.139   1.00 27.11 ? 28  GLN E O     1 
ATOM   207  C CB    . GLN A 1 28  ? -5.506  8.427   11.730  1.00 30.99 ? 28  GLN E CB    1 
ATOM   208  C CG    . GLN A 1 28  ? -6.463  8.646   12.868  1.00 42.66 ? 28  GLN E CG    1 
ATOM   209  C CD    . GLN A 1 28  ? -6.389  7.708   14.055  1.00 52.08 ? 28  GLN E CD    1 
ATOM   210  O OE1   . GLN A 1 28  ? -5.676  6.683   14.082  1.00 54.44 ? 28  GLN E OE1   1 
ATOM   211  N NE2   . GLN A 1 28  ? -7.195  8.051   15.085  1.00 52.53 ? 28  GLN E NE2   1 
ATOM   212  N N     . MET A 1 29  ? -4.497  7.783   8.970   1.00 26.73 ? 29  MET E N     1 
ATOM   213  C CA    . MET A 1 29  ? -3.370  7.584   8.075   1.00 23.65 ? 29  MET E CA    1 
ATOM   214  C C     . MET A 1 29  ? -3.577  8.143   6.694   1.00 21.93 ? 29  MET E C     1 
ATOM   215  O O     . MET A 1 29  ? -2.614  8.680   6.143   1.00 21.27 ? 29  MET E O     1 
ATOM   216  C CB    . MET A 1 29  ? -2.990  6.106   7.934   1.00 24.41 ? 29  MET E CB    1 
ATOM   217  C CG    . MET A 1 29  ? -2.385  5.568   9.225   1.00 24.84 ? 29  MET E CG    1 
ATOM   218  S SD    . MET A 1 29  ? -0.812  6.385   9.570   1.00 31.04 ? 29  MET E SD    1 
ATOM   219  C CE    . MET A 1 29  ? 0.195   5.775   8.216   1.00 28.79 ? 29  MET E CE    1 
ATOM   220  N N     . MET A 1 30  ? -4.774  8.032   6.159   1.00 21.22 ? 30  MET E N     1 
ATOM   221  C CA    . MET A 1 30  ? -5.016  8.567   4.827   1.00 23.61 ? 30  MET E CA    1 
ATOM   222  C C     . MET A 1 30  ? -4.848  10.089  4.863   1.00 27.56 ? 30  MET E C     1 
ATOM   223  O O     . MET A 1 30  ? -4.412  10.696  3.897   1.00 28.46 ? 30  MET E O     1 
ATOM   224  C CB    . MET A 1 30  ? -6.423  8.260   4.302   1.00 21.37 ? 30  MET E CB    1 
ATOM   225  C CG    . MET A 1 30  ? -6.701  6.774   4.099   1.00 22.52 ? 30  MET E CG    1 
ATOM   226  S SD    . MET A 1 30  ? -5.680  6.076   2.762   1.00 23.18 ? 30  MET E SD    1 
ATOM   227  C CE    . MET A 1 30  ? -6.351  6.887   1.321   1.00 19.33 ? 30  MET E CE    1 
ATOM   228  N N     . LYS A 1 31  ? -5.233  10.671  5.986   1.00 28.98 ? 31  LYS E N     1 
ATOM   229  C CA    . LYS A 1 31  ? -5.155  12.130  6.157   1.00 31.58 ? 31  LYS E CA    1 
ATOM   230  C C     . LYS A 1 31  ? -3.710  12.536  6.339   1.00 29.62 ? 31  LYS E C     1 
ATOM   231  O O     . LYS A 1 31  ? -3.173  13.398  5.643   1.00 30.66 ? 31  LYS E O     1 
ATOM   232  C CB    . LYS A 1 31  ? -5.975  12.446  7.396   1.00 36.06 ? 31  LYS E CB    1 
ATOM   233  C CG    . LYS A 1 31  ? -6.153  13.822  7.944   1.00 44.12 ? 31  LYS E CG    1 
ATOM   234  C CD    . LYS A 1 31  ? -7.266  14.596  7.268   1.00 51.09 ? 31  LYS E CD    1 
ATOM   235  C CE    . LYS A 1 31  ? -8.487  13.726  6.971   1.00 55.74 ? 31  LYS E CE    1 
ATOM   236  N NZ    . LYS A 1 31  ? -9.260  14.189  5.763   1.00 57.21 ? 31  LYS E NZ    1 
ATOM   237  N N     . SER A 1 32  ? -3.018  11.867  7.251   1.00 28.82 ? 32  SER E N     1 
ATOM   238  C CA    . SER A 1 32  ? -1.647  12.217  7.524   1.00 30.36 ? 32  SER E CA    1 
ATOM   239  C C     . SER A 1 32  ? -0.632  11.896  6.463   1.00 31.69 ? 32  SER E C     1 
ATOM   240  O O     . SER A 1 32  ? 0.506   12.371  6.567   1.00 33.03 ? 32  SER E O     1 
ATOM   241  C CB    . SER A 1 32  ? -1.256  11.697  8.894   1.00 29.96 ? 32  SER E CB    1 
ATOM   242  O OG    . SER A 1 32  ? -0.575  10.476  8.836   1.00 37.64 ? 32  SER E OG    1 
ATOM   243  N N     . ARG A 1 33  ? -0.953  11.125  5.437   1.00 32.00 ? 33  ARG E N     1 
ATOM   244  C CA    . ARG A 1 33  ? 0.002   10.812  4.370   1.00 31.95 ? 33  ARG E CA    1 
ATOM   245  C C     . ARG A 1 33  ? -0.463  11.568  3.108   1.00 32.45 ? 33  ARG E C     1 
ATOM   246  O O     . ARG A 1 33  ? -0.025  11.253  2.012   1.00 34.25 ? 33  ARG E O     1 
ATOM   247  C CB    . ARG A 1 33  ? 0.215   9.353   3.994   1.00 26.17 ? 33  ARG E CB    1 
ATOM   248  C CG    . ARG A 1 33  ? 0.845   8.493   5.080   1.00 22.24 ? 33  ARG E CG    1 
ATOM   249  C CD    . ARG A 1 33  ? 2.218   8.945   5.497   1.00 19.24 ? 33  ARG E CD    1 
ATOM   250  N NE    . ARG A 1 33  ? 2.850   8.067   6.466   1.00 20.75 ? 33  ARG E NE    1 
ATOM   251  C CZ    . ARG A 1 33  ? 3.408   6.879   6.293   1.00 23.22 ? 33  ARG E CZ    1 
ATOM   252  N NH1   . ARG A 1 33  ? 3.474   6.299   5.092   1.00 19.58 ? 33  ARG E NH1   1 
ATOM   253  N NH2   . ARG A 1 33  ? 3.878   6.211   7.342   1.00 22.74 ? 33  ARG E NH2   1 
ATOM   254  N N     . ASN A 1 34  ? -1.350  12.525  3.325   1.00 31.49 ? 34  ASN E N     1 
ATOM   255  C CA    . ASN A 1 34  ? -1.909  13.403  2.335   1.00 32.51 ? 34  ASN E CA    1 
ATOM   256  C C     . ASN A 1 34  ? -2.591  12.732  1.166   1.00 32.94 ? 34  ASN E C     1 
ATOM   257  O O     . ASN A 1 34  ? -2.506  13.215  0.030   1.00 33.61 ? 34  ASN E O     1 
ATOM   258  C CB    . ASN A 1 34  ? -0.829  14.391  1.825   1.00 34.92 ? 34  ASN E CB    1 
ATOM   259  C CG    . ASN A 1 34  ? -0.190  15.084  3.022   1.00 40.87 ? 34  ASN E CG    1 
ATOM   260  O OD1   . ASN A 1 34  ? -0.912  15.754  3.782   1.00 47.47 ? 34  ASN E OD1   1 
ATOM   261  N ND2   . ASN A 1 34  ? 1.107   14.919  3.318   1.00 43.94 ? 34  ASN E ND2   1 
ATOM   262  N N     . LEU A 1 35  ? -3.347  11.672  1.443   1.00 32.14 ? 35  LEU E N     1 
ATOM   263  C CA    . LEU A 1 35  ? -4.026  10.952  0.381   1.00 34.96 ? 35  LEU E CA    1 
ATOM   264  C C     . LEU A 1 35  ? -5.467  11.387  0.226   1.00 37.87 ? 35  LEU E C     1 
ATOM   265  O O     . LEU A 1 35  ? -6.257  10.855  -0.569  1.00 39.81 ? 35  LEU E O     1 
ATOM   266  C CB    . LEU A 1 35  ? -3.917  9.445   0.630   1.00 31.69 ? 35  LEU E CB    1 
ATOM   267  C CG    . LEU A 1 35  ? -2.465  8.971   0.816   1.00 30.36 ? 35  LEU E CG    1 
ATOM   268  C CD1   . LEU A 1 35  ? -2.376  7.543   1.291   1.00 32.38 ? 35  LEU E CD1   1 
ATOM   269  C CD2   . LEU A 1 35  ? -1.761  9.055   -0.527  1.00 32.75 ? 35  LEU E CD2   1 
ATOM   270  N N     . THR A 1 36  ? -5.855  12.403  0.996   1.00 39.93 ? 36  THR E N     1 
ATOM   271  C CA    . THR A 1 36  ? -7.248  12.885  0.880   1.00 42.40 ? 36  THR E CA    1 
ATOM   272  C C     . THR A 1 36  ? -7.230  14.368  0.512   1.00 45.43 ? 36  THR E C     1 
ATOM   273  O O     . THR A 1 36  ? -8.228  15.070  0.588   1.00 47.57 ? 36  THR E O     1 
ATOM   274  C CB    . THR A 1 36  ? -7.981  12.714  2.210   1.00 40.11 ? 36  THR E CB    1 
ATOM   275  O OG1   . THR A 1 36  ? -7.251  13.422  3.213   1.00 39.88 ? 36  THR E OG1   1 
ATOM   276  C CG2   . THR A 1 36  ? -8.074  11.254  2.613   1.00 41.15 ? 36  THR E CG2   1 
ATOM   277  N N     . LYS A 1 37  ? -6.071  14.844  0.099   1.00 48.06 ? 37  LYS E N     1 
ATOM   278  C CA    . LYS A 1 37  ? -5.748  16.195  -0.285  1.00 50.29 ? 37  LYS E CA    1 
ATOM   279  C C     . LYS A 1 37  ? -6.620  16.831  -1.340  1.00 50.65 ? 37  LYS E C     1 
ATOM   280  O O     . LYS A 1 37  ? -7.261  17.864  -1.088  1.00 49.56 ? 37  LYS E O     1 
ATOM   281  C CB    . LYS A 1 37  ? -4.282  16.226  -0.768  1.00 53.57 ? 37  LYS E CB    1 
ATOM   282  C CG    . LYS A 1 37  ? -3.754  17.611  -1.082  1.00 57.78 ? 37  LYS E CG    1 
ATOM   283  C CD    . LYS A 1 37  ? -2.241  17.642  -1.159  1.00 62.33 ? 37  LYS E CD    1 
ATOM   284  C CE    . LYS A 1 37  ? -1.692  19.055  -1.327  1.00 65.31 ? 37  LYS E CE    1 
ATOM   285  N NZ    . LYS A 1 37  ? -1.977  19.973  -0.177  1.00 65.86 ? 37  LYS E NZ    1 
ATOM   286  N N     . ASP A 1 38  ? -6.674  16.262  -2.541  1.00 51.70 ? 38  ASP E N     1 
ATOM   287  C CA    . ASP A 1 38  ? -7.497  16.847  -3.598  1.00 53.34 ? 38  ASP E CA    1 
ATOM   288  C C     . ASP A 1 38  ? -8.788  16.068  -3.794  1.00 51.15 ? 38  ASP E C     1 
ATOM   289  O O     . ASP A 1 38  ? -9.726  16.450  -4.480  1.00 52.05 ? 38  ASP E O     1 
ATOM   290  C CB    . ASP A 1 38  ? -6.732  16.753  -4.932  1.00 58.77 ? 38  ASP E CB    1 
ATOM   291  C CG    . ASP A 1 38  ? -5.569  17.741  -4.954  1.00 63.59 ? 38  ASP E CG    1 
ATOM   292  O OD1   . ASP A 1 38  ? -5.716  18.848  -4.373  1.00 64.60 ? 38  ASP E OD1   1 
ATOM   293  O OD2   . ASP A 1 38  ? -4.540  17.364  -5.576  1.00 67.99 ? 38  ASP E OD2   1 
ATOM   294  N N     . ARG A 1 39  ? -8.776  14.901  -3.179  1.00 47.99 ? 39  ARG E N     1 
ATOM   295  C CA    . ARG A 1 39  ? -9.915  13.997  -3.272  1.00 45.65 ? 39  ARG E CA    1 
ATOM   296  C C     . ARG A 1 39  ? -9.699  12.896  -2.241  1.00 40.85 ? 39  ARG E C     1 
ATOM   297  O O     . ARG A 1 39  ? -8.654  12.879  -1.593  1.00 40.00 ? 39  ARG E O     1 
ATOM   298  C CB    . ARG A 1 39  ? -9.918  13.301  -4.627  1.00 51.21 ? 39  ARG E CB    1 
ATOM   299  C CG    . ARG A 1 39  ? -8.618  12.886  -5.236  1.00 59.67 ? 39  ARG E CG    1 
ATOM   300  C CD    . ARG A 1 39  ? -7.578  12.214  -4.373  1.00 67.97 ? 39  ARG E CD    1 
ATOM   301  N NE    . ARG A 1 39  ? -6.663  13.107  -3.657  1.00 71.82 ? 39  ARG E NE    1 
ATOM   302  C CZ    . ARG A 1 39  ? -5.405  12.828  -3.292  1.00 71.83 ? 39  ARG E CZ    1 
ATOM   303  N NH1   . ARG A 1 39  ? -4.872  11.633  -3.573  1.00 71.90 ? 39  ARG E NH1   1 
ATOM   304  N NH2   . ARG A 1 39  ? -4.660  13.760  -2.697  1.00 71.33 ? 39  ARG E NH2   1 
ATOM   305  N N     . CYS A 1 40  ? -10.696 12.041  -2.171  1.00 36.78 ? 40  CYS E N     1 
ATOM   306  C CA    . CYS A 1 40  ? -10.532 10.921  -1.235  1.00 34.34 ? 40  CYS E CA    1 
ATOM   307  C C     . CYS A 1 40  ? -9.964  9.779   -2.075  1.00 33.00 ? 40  CYS E C     1 
ATOM   308  O O     . CYS A 1 40  ? -10.699 9.355   -2.999  1.00 36.26 ? 40  CYS E O     1 
ATOM   309  C CB    . CYS A 1 40  ? -11.897 10.485  -0.716  1.00 34.22 ? 40  CYS E CB    1 
ATOM   310  S SG    . CYS A 1 40  ? -12.834 11.800  0.103   1.00 34.36 ? 40  CYS E SG    1 
ATOM   311  N N     . LYS A 1 41  ? -8.749  9.318   -1.879  1.00 30.02 ? 41  LYS E N     1 
ATOM   312  C CA    . LYS A 1 41  ? -8.322  8.156   -2.721  1.00 25.87 ? 41  LYS E CA    1 
ATOM   313  C C     . LYS A 1 41  ? -9.230  6.996   -2.301  1.00 23.12 ? 41  LYS E C     1 
ATOM   314  O O     . LYS A 1 41  ? -9.417  6.728   -1.108  1.00 22.40 ? 41  LYS E O     1 
ATOM   315  C CB    . LYS A 1 41  ? -6.861  7.922   -2.430  1.00 26.43 ? 41  LYS E CB    1 
ATOM   316  C CG    . LYS A 1 41  ? -6.182  6.836   -3.233  1.00 26.82 ? 41  LYS E CG    1 
ATOM   317  C CD    . LYS A 1 41  ? -4.723  6.624   -2.874  1.00 27.10 ? 41  LYS E CD    1 
ATOM   318  C CE    . LYS A 1 41  ? -4.138  5.508   -3.757  1.00 28.06 ? 41  LYS E CE    1 
ATOM   319  N NZ    . LYS A 1 41  ? -2.709  5.204   -3.435  1.00 28.70 ? 41  LYS E NZ    1 
ATOM   320  N N     . PRO A 1 42  ? -9.896  6.289   -3.213  1.00 23.48 ? 42  PRO E N     1 
ATOM   321  C CA    . PRO A 1 42  ? -10.804 5.219   -2.871  1.00 22.45 ? 42  PRO E CA    1 
ATOM   322  C C     . PRO A 1 42  ? -10.216 3.993   -2.212  1.00 21.45 ? 42  PRO E C     1 
ATOM   323  O O     . PRO A 1 42  ? -10.862 3.440   -1.309  1.00 22.97 ? 42  PRO E O     1 
ATOM   324  C CB    . PRO A 1 42  ? -11.520 4.868   -4.179  1.00 24.08 ? 42  PRO E CB    1 
ATOM   325  C CG    . PRO A 1 42  ? -10.881 5.653   -5.243  1.00 25.81 ? 42  PRO E CG    1 
ATOM   326  C CD    . PRO A 1 42  ? -9.808  6.498   -4.656  1.00 23.46 ? 42  PRO E CD    1 
ATOM   327  N N     . VAL A 1 43  ? -9.063  3.508   -2.626  1.00 20.54 ? 43  VAL E N     1 
ATOM   328  C CA    . VAL A 1 43  ? -8.448  2.330   -2.035  1.00 20.56 ? 43  VAL E CA    1 
ATOM   329  C C     . VAL A 1 43  ? -6.973  2.538   -1.757  1.00 19.66 ? 43  VAL E C     1 
ATOM   330  O O     . VAL A 1 43  ? -6.279  3.055   -2.637  1.00 20.16 ? 43  VAL E O     1 
ATOM   331  C CB    . VAL A 1 43  ? -8.451  1.124   -3.044  1.00 19.48 ? 43  VAL E CB    1 
ATOM   332  C CG1   . VAL A 1 43  ? -8.030  -0.144  -2.320  1.00 18.24 ? 43  VAL E CG1   1 
ATOM   333  C CG2   . VAL A 1 43  ? -9.829  0.935   -3.616  1.00 19.74 ? 43  VAL E CG2   1 
ATOM   334  N N     . ASN A 1 44  ? -6.496  2.173   -0.573  1.00 19.11 ? 44  ASN E N     1 
ATOM   335  C CA    . ASN A 1 44  ? -5.053  2.332   -0.354  1.00 18.60 ? 44  ASN E CA    1 
ATOM   336  C C     . ASN A 1 44  ? -4.582  1.302   0.658   1.00 18.70 ? 44  ASN E C     1 
ATOM   337  O O     . ASN A 1 44  ? -5.199  1.187   1.710   1.00 19.66 ? 44  ASN E O     1 
ATOM   338  C CB    . ASN A 1 44  ? -4.672  3.749   0.087   1.00 17.03 ? 44  ASN E CB    1 
ATOM   339  C CG    . ASN A 1 44  ? -3.165  3.951   0.087   1.00 15.03 ? 44  ASN E CG    1 
ATOM   340  O OD1   . ASN A 1 44  ? -2.558  4.044   -0.976  1.00 18.43 ? 44  ASN E OD1   1 
ATOM   341  N ND2   . ASN A 1 44  ? -2.508  3.965   1.225   1.00 15.35 ? 44  ASN E ND2   1 
ATOM   342  N N     . THR A 1 45  ? -3.489  0.565   0.419   1.00 17.45 ? 45  THR E N     1 
ATOM   343  C CA    . THR A 1 45  ? -3.017  -0.407  1.403   1.00 15.77 ? 45  THR E CA    1 
ATOM   344  C C     . THR A 1 45  ? -1.758  0.063   2.125   1.00 16.65 ? 45  THR E C     1 
ATOM   345  O O     . THR A 1 45  ? -0.880  0.582   1.450   1.00 15.91 ? 45  THR E O     1 
ATOM   346  C CB    . THR A 1 45  ? -2.603  -1.731  0.700   1.00 16.75 ? 45  THR E CB    1 
ATOM   347  O OG1   . THR A 1 45  ? -3.748  -2.114  -0.078  1.00 17.70 ? 45  THR E OG1   1 
ATOM   348  C CG2   . THR A 1 45  ? -2.241  -2.856  1.652   1.00 14.42 ? 45  THR E CG2   1 
ATOM   349  N N     . PHE A 1 46  ? -1.704  -0.175  3.428   1.00 16.68 ? 46  PHE E N     1 
ATOM   350  C CA    . PHE A 1 46  ? -0.520  0.160   4.229   1.00 17.68 ? 46  PHE E CA    1 
ATOM   351  C C     . PHE A 1 46  ? 0.128   -1.166  4.621   1.00 18.86 ? 46  PHE E C     1 
ATOM   352  O O     . PHE A 1 46  ? -0.590  -2.125  4.951   1.00 17.77 ? 46  PHE E O     1 
ATOM   353  C CB    . PHE A 1 46  ? -0.856  0.933   5.517   1.00 16.16 ? 46  PHE E CB    1 
ATOM   354  C CG    . PHE A 1 46  ? -1.252  2.337   5.193   1.00 16.46 ? 46  PHE E CG    1 
ATOM   355  C CD1   . PHE A 1 46  ? -0.288  3.291   4.922   1.00 19.57 ? 46  PHE E CD1   1 
ATOM   356  C CD2   . PHE A 1 46  ? -2.588  2.704   5.124   1.00 18.56 ? 46  PHE E CD2   1 
ATOM   357  C CE1   . PHE A 1 46  ? -0.655  4.590   4.580   1.00 21.75 ? 46  PHE E CE1   1 
ATOM   358  C CE2   . PHE A 1 46  ? -2.973  3.999   4.801   1.00 19.49 ? 46  PHE E CE2   1 
ATOM   359  C CZ    . PHE A 1 46  ? -2.005  4.957   4.528   1.00 20.11 ? 46  PHE E CZ    1 
ATOM   360  N N     . VAL A 1 47  ? 1.461   -1.224  4.532   1.00 19.62 ? 47  VAL E N     1 
ATOM   361  C CA    . VAL A 1 47  ? 2.191   -2.448  4.864   1.00 19.75 ? 47  VAL E CA    1 
ATOM   362  C C     . VAL A 1 47  ? 2.961   -2.271  6.172   1.00 20.62 ? 47  VAL E C     1 
ATOM   363  O O     . VAL A 1 47  ? 3.654   -1.256  6.333   1.00 19.88 ? 47  VAL E O     1 
ATOM   364  C CB    . VAL A 1 47  ? 3.183   -2.874  3.760   1.00 21.46 ? 47  VAL E CB    1 
ATOM   365  C CG1   . VAL A 1 47  ? 3.746   -4.262  4.071   1.00 21.59 ? 47  VAL E CG1   1 
ATOM   366  C CG2   . VAL A 1 47  ? 2.473   -2.956  2.392   1.00 23.10 ? 47  VAL E CG2   1 
ATOM   367  N N     . HIS A 1 48  ? 2.781   -3.208  7.098   1.00 18.55 ? 48  HIS E N     1 
ATOM   368  C CA    . HIS A 1 48  ? 3.452   -3.068  8.388   1.00 21.66 ? 48  HIS E CA    1 
ATOM   369  C C     . HIS A 1 48  ? 4.628   -4.003  8.474   1.00 23.49 ? 48  HIS E C     1 
ATOM   370  O O     . HIS A 1 48  ? 4.628   -4.938  9.280   1.00 28.19 ? 48  HIS E O     1 
ATOM   371  C CB    . HIS A 1 48  ? 2.473   -3.382  9.539   1.00 21.22 ? 48  HIS E CB    1 
ATOM   372  C CG    . HIS A 1 48  ? 1.191   -2.600  9.436   1.00 22.20 ? 48  HIS E CG    1 
ATOM   373  N ND1   . HIS A 1 48  ? 1.131   -1.250  9.605   1.00 24.36 ? 48  HIS E ND1   1 
ATOM   374  C CD2   . HIS A 1 48  ? -0.086  -2.983  9.178   1.00 22.98 ? 48  HIS E CD2   1 
ATOM   375  C CE1   . HIS A 1 48  ? -0.117  -0.825  9.429   1.00 24.04 ? 48  HIS E CE1   1 
ATOM   376  N NE2   . HIS A 1 48  ? -0.884  -1.858  9.152   1.00 22.06 ? 48  HIS E NE2   1 
ATOM   377  N N     . GLU A 1 49  ? 5.597   -3.873  7.577   1.00 24.01 ? 49  GLU E N     1 
ATOM   378  C CA    . GLU A 1 49  ? 6.790   -4.717  7.579   1.00 21.59 ? 49  GLU E CA    1 
ATOM   379  C C     . GLU A 1 49  ? 7.928   -3.724  7.335   1.00 22.41 ? 49  GLU E C     1 
ATOM   380  O O     . GLU A 1 49  ? 7.591   -2.593  6.947   1.00 24.07 ? 49  GLU E O     1 
ATOM   381  C CB    . GLU A 1 49  ? 6.868   -5.725  6.471   1.00 21.61 ? 49  GLU E CB    1 
ATOM   382  C CG    . GLU A 1 49  ? 5.793   -6.783  6.498   1.00 24.61 ? 49  GLU E CG    1 
ATOM   383  C CD    . GLU A 1 49  ? 5.766   -7.659  7.714   1.00 25.30 ? 49  GLU E CD    1 
ATOM   384  O OE1   . GLU A 1 49  ? 6.749   -7.726  8.484   1.00 28.12 ? 49  GLU E OE1   1 
ATOM   385  O OE2   . GLU A 1 49  ? 4.728   -8.331  7.930   1.00 25.17 ? 49  GLU E OE2   1 
ATOM   386  N N     . SER A 1 50  ? 9.151   -4.145  7.561   1.00 22.76 ? 50  SER E N     1 
ATOM   387  C CA    . SER A 1 50  ? 10.234  -3.173  7.320   1.00 23.14 ? 50  SER E CA    1 
ATOM   388  C C     . SER A 1 50  ? 10.340  -2.911  5.819   1.00 23.17 ? 50  SER E C     1 
ATOM   389  O O     . SER A 1 50  ? 9.983   -3.736  4.962   1.00 22.86 ? 50  SER E O     1 
ATOM   390  C CB    . SER A 1 50  ? 11.581  -3.712  7.819   1.00 22.01 ? 50  SER E CB    1 
ATOM   391  O OG    . SER A 1 50  ? 11.842  -4.922  7.092   1.00 26.13 ? 50  SER E OG    1 
ATOM   392  N N     . LEU A 1 51  ? 10.882  -1.725  5.551   1.00 22.41 ? 51  LEU E N     1 
ATOM   393  C CA    . LEU A 1 51  ? 11.082  -1.299  4.180   1.00 23.23 ? 51  LEU E CA    1 
ATOM   394  C C     . LEU A 1 51  ? 11.962  -2.327  3.479   1.00 23.01 ? 51  LEU E C     1 
ATOM   395  O O     . LEU A 1 51  ? 11.697  -2.697  2.349   1.00 23.31 ? 51  LEU E O     1 
ATOM   396  C CB    . LEU A 1 51  ? 11.706  0.088   4.119   1.00 20.69 ? 51  LEU E CB    1 
ATOM   397  C CG    . LEU A 1 51  ? 12.027  0.611   2.716   1.00 19.98 ? 51  LEU E CG    1 
ATOM   398  C CD1   . LEU A 1 51  ? 10.822  0.627   1.816   1.00 21.20 ? 51  LEU E CD1   1 
ATOM   399  C CD2   . LEU A 1 51  ? 12.568  2.026   2.829   1.00 22.69 ? 51  LEU E CD2   1 
ATOM   400  N N     . ALA A 1 52  ? 12.988  -2.827  4.167   1.00 22.72 ? 52  ALA E N     1 
ATOM   401  C CA    . ALA A 1 52  ? 13.859  -3.827  3.565   1.00 23.35 ? 52  ALA E CA    1 
ATOM   402  C C     . ALA A 1 52  ? 13.098  -5.077  3.161   1.00 23.32 ? 52  ALA E C     1 
ATOM   403  O O     . ALA A 1 52  ? 13.361  -5.652  2.105   1.00 24.17 ? 52  ALA E O     1 
ATOM   404  C CB    . ALA A 1 52  ? 14.928  -4.250  4.584   1.00 26.22 ? 52  ALA E CB    1 
ATOM   405  N N     . ASP A 1 53  ? 12.157  -5.540  3.987   1.00 23.34 ? 53  ASP E N     1 
ATOM   406  C CA    . ASP A 1 53  ? 11.388  -6.728  3.663   1.00 22.42 ? 53  ASP E CA    1 
ATOM   407  C C     . ASP A 1 53  ? 10.472  -6.496  2.475   1.00 22.42 ? 53  ASP E C     1 
ATOM   408  O O     . ASP A 1 53  ? 10.250  -7.428  1.722   1.00 21.61 ? 53  ASP E O     1 
ATOM   409  C CB    . ASP A 1 53  ? 10.517  -7.200  4.832   1.00 26.39 ? 53  ASP E CB    1 
ATOM   410  C CG    . ASP A 1 53  ? 11.372  -8.009  5.801   1.00 31.09 ? 53  ASP E CG    1 
ATOM   411  O OD1   . ASP A 1 53  ? 12.564  -8.238  5.488   1.00 34.22 ? 53  ASP E OD1   1 
ATOM   412  O OD2   . ASP A 1 53  ? 10.905  -8.432  6.870   1.00 35.33 ? 53  ASP E OD2   1 
ATOM   413  N N     . VAL A 1 54  ? 9.942   -5.293  2.309   1.00 21.99 ? 54  VAL E N     1 
ATOM   414  C CA    . VAL A 1 54  ? 9.067   -5.018  1.160   1.00 21.99 ? 54  VAL E CA    1 
ATOM   415  C C     . VAL A 1 54  ? 9.884   -4.926  -0.121  1.00 21.58 ? 54  VAL E C     1 
ATOM   416  O O     . VAL A 1 54  ? 9.484   -5.434  -1.173  1.00 19.31 ? 54  VAL E O     1 
ATOM   417  C CB    . VAL A 1 54  ? 8.225   -3.740  1.410   1.00 20.80 ? 54  VAL E CB    1 
ATOM   418  C CG1   . VAL A 1 54  ? 7.313   -3.414  0.225   1.00 19.42 ? 54  VAL E CG1   1 
ATOM   419  C CG2   . VAL A 1 54  ? 7.332   -3.986  2.622   1.00 17.98 ? 54  VAL E CG2   1 
ATOM   420  N N     . GLN A 1 55  ? 11.054  -4.264  -0.073  1.00 21.64 ? 55  GLN E N     1 
ATOM   421  C CA    . GLN A 1 55  ? 11.939  -4.153  -1.240  1.00 19.98 ? 55  GLN E CA    1 
ATOM   422  C C     . GLN A 1 55  ? 12.428  -5.547  -1.662  1.00 19.52 ? 55  GLN E C     1 
ATOM   423  O O     . GLN A 1 55  ? 12.638  -5.750  -2.845  1.00 21.19 ? 55  GLN E O     1 
ATOM   424  C CB    . GLN A 1 55  ? 13.174  -3.323  -0.929  1.00 18.55 ? 55  GLN E CB    1 
ATOM   425  C CG    . GLN A 1 55  ? 12.850  -1.834  -0.884  1.00 26.01 ? 55  GLN E CG    1 
ATOM   426  C CD    . GLN A 1 55  ? 13.975  -0.950  -0.419  1.00 28.69 ? 55  GLN E CD    1 
ATOM   427  O OE1   . GLN A 1 55  ? 14.939  -1.406  0.208   1.00 32.80 ? 55  GLN E OE1   1 
ATOM   428  N NE2   . GLN A 1 55  ? 13.870  0.337   -0.718  1.00 30.41 ? 55  GLN E NE2   1 
ATOM   429  N N     . ALA A 1 56  ? 12.567  -6.488  -0.744  1.00 18.79 ? 56  ALA E N     1 
ATOM   430  C CA    . ALA A 1 56  ? 13.031  -7.824  -1.077  1.00 19.74 ? 56  ALA E CA    1 
ATOM   431  C C     . ALA A 1 56  ? 12.020  -8.518  -1.973  1.00 20.90 ? 56  ALA E C     1 
ATOM   432  O O     . ALA A 1 56  ? 12.408  -9.479  -2.628  1.00 22.10 ? 56  ALA E O     1 
ATOM   433  C CB    . ALA A 1 56  ? 13.177  -8.686  0.176   1.00 16.49 ? 56  ALA E CB    1 
ATOM   434  N N     . VAL A 1 57  ? 10.755  -8.080  -2.000  1.00 19.87 ? 57  VAL E N     1 
ATOM   435  C CA    . VAL A 1 57  ? 9.734   -8.718  -2.842  1.00 19.35 ? 57  VAL E CA    1 
ATOM   436  C C     . VAL A 1 57  ? 10.053  -8.570  -4.324  1.00 19.60 ? 57  VAL E C     1 
ATOM   437  O O     . VAL A 1 57  ? 9.558   -9.350  -5.156  1.00 20.42 ? 57  VAL E O     1 
ATOM   438  C CB    . VAL A 1 57  ? 8.329   -8.162  -2.559  1.00 18.65 ? 57  VAL E CB    1 
ATOM   439  C CG1   . VAL A 1 57  ? 7.239   -8.732  -3.450  1.00 14.33 ? 57  VAL E CG1   1 
ATOM   440  C CG2   . VAL A 1 57  ? 7.932   -8.496  -1.109  1.00 17.03 ? 57  VAL E CG2   1 
ATOM   441  N N     . CYS A 1 58  ? 10.878  -7.593  -4.704  1.00 18.99 ? 58  CYS E N     1 
ATOM   442  C CA    . CYS A 1 58  ? 11.211  -7.401  -6.104  1.00 20.07 ? 58  CYS E CA    1 
ATOM   443  C C     . CYS A 1 58  ? 12.078  -8.523  -6.664  1.00 20.74 ? 58  CYS E C     1 
ATOM   444  O O     . CYS A 1 58  ? 12.380  -8.562  -7.837  1.00 20.27 ? 58  CYS E O     1 
ATOM   445  C CB    . CYS A 1 58  ? 11.991  -6.091  -6.281  1.00 20.77 ? 58  CYS E CB    1 
ATOM   446  S SG    . CYS A 1 58  ? 10.946  -4.649  -6.000  1.00 23.13 ? 58  CYS E SG    1 
ATOM   447  N N     . SER A 1 59  ? 12.512  -9.437  -5.812  1.00 23.30 ? 59  SER E N     1 
ATOM   448  C CA    . SER A 1 59  ? 13.331  -10.554 -6.291  1.00 26.78 ? 59  SER E CA    1 
ATOM   449  C C     . SER A 1 59  ? 12.667  -11.879 -5.938  1.00 23.89 ? 59  SER E C     1 
ATOM   450  O O     . SER A 1 59  ? 13.253  -12.946 -5.872  1.00 25.13 ? 59  SER E O     1 
ATOM   451  C CB    . SER A 1 59  ? 14.737  -10.438 -5.704  1.00 30.21 ? 59  SER E CB    1 
ATOM   452  O OG    . SER A 1 59  ? 14.643  -10.780 -4.315  1.00 38.83 ? 59  SER E OG    1 
ATOM   453  N N     . GLN A 1 60  ? 11.357  -11.834 -5.728  1.00 23.00 ? 60  GLN E N     1 
ATOM   454  C CA    . GLN A 1 60  ? 10.566  -12.996 -5.383  1.00 21.40 ? 60  GLN E CA    1 
ATOM   455  C C     . GLN A 1 60  ? 9.765   -13.496 -6.555  1.00 23.27 ? 60  GLN E C     1 
ATOM   456  O O     . GLN A 1 60  ? 10.326  -13.481 -7.660  1.00 25.05 ? 60  GLN E O     1 
ATOM   457  C CB    . GLN A 1 60  ? 9.727   -12.774 -4.131  1.00 19.39 ? 60  GLN E CB    1 
ATOM   458  C CG    . GLN A 1 60  ? 10.647  -12.547 -2.937  1.00 19.19 ? 60  GLN E CG    1 
ATOM   459  C CD    . GLN A 1 60  ? 10.043  -12.352 -1.594  1.00 18.22 ? 60  GLN E CD    1 
ATOM   460  O OE1   . GLN A 1 60  ? 8.902   -12.657 -1.288  1.00 21.45 ? 60  GLN E OE1   1 
ATOM   461  N NE2   . GLN A 1 60  ? 10.861  -11.763 -0.718  1.00 21.55 ? 60  GLN E NE2   1 
ATOM   462  N N     . LYS A 1 61  ? 8.532   -13.932 -6.426  1.00 22.71 ? 61  LYS E N     1 
ATOM   463  C CA    . LYS A 1 61  ? 7.768   -14.495 -7.538  1.00 22.49 ? 61  LYS E CA    1 
ATOM   464  C C     . LYS A 1 61  ? 7.280   -13.538 -8.594  1.00 22.50 ? 61  LYS E C     1 
ATOM   465  O O     . LYS A 1 61  ? 6.400   -12.690 -8.359  1.00 23.31 ? 61  LYS E O     1 
ATOM   466  C CB    . LYS A 1 61  ? 6.597   -15.255 -6.888  1.00 22.45 ? 61  LYS E CB    1 
ATOM   467  C CG    . LYS A 1 61  ? 5.698   -16.034 -7.812  1.00 27.84 ? 61  LYS E CG    1 
ATOM   468  C CD    . LYS A 1 61  ? 6.462   -17.208 -8.427  1.00 29.67 ? 61  LYS E CD    1 
ATOM   469  C CE    . LYS A 1 61  ? 5.630   -17.870 -9.500  1.00 32.39 ? 61  LYS E CE    1 
ATOM   470  N NZ    . LYS A 1 61  ? 6.452   -18.854 -10.249 1.00 35.86 ? 61  LYS E NZ    1 
ATOM   471  N N     . ASN A 1 62  ? 7.801   -13.621 -9.823  1.00 21.05 ? 62  ASN E N     1 
ATOM   472  C CA    . ASN A 1 62  ? 7.395   -12.745 -10.916 1.00 19.68 ? 62  ASN E CA    1 
ATOM   473  C C     . ASN A 1 62  ? 6.019   -13.101 -11.453 1.00 21.92 ? 62  ASN E C     1 
ATOM   474  O O     . ASN A 1 62  ? 5.737   -14.240 -11.839 1.00 22.17 ? 62  ASN E O     1 
ATOM   475  C CB    . ASN A 1 62  ? 8.440   -12.816 -12.017 1.00 19.85 ? 62  ASN E CB    1 
ATOM   476  C CG    . ASN A 1 62  ? 8.266   -11.882 -13.188 1.00 26.61 ? 62  ASN E CG    1 
ATOM   477  O OD1   . ASN A 1 62  ? 8.445   -12.312 -14.340 1.00 27.32 ? 62  ASN E OD1   1 
ATOM   478  N ND2   . ASN A 1 62  ? 7.918   -10.606 -12.955 1.00 24.68 ? 62  ASN E ND2   1 
ATOM   479  N N     . VAL A 1 63  ? 5.077   -12.156 -11.471 1.00 21.50 ? 63  VAL E N     1 
ATOM   480  C CA    . VAL A 1 63  ? 3.722   -12.378 -11.971 1.00 20.79 ? 63  VAL E CA    1 
ATOM   481  C C     . VAL A 1 63  ? 3.325   -11.174 -12.810 1.00 22.59 ? 63  VAL E C     1 
ATOM   482  O O     . VAL A 1 63  ? 4.004   -10.147 -12.747 1.00 24.59 ? 63  VAL E O     1 
ATOM   483  C CB    . VAL A 1 63  ? 2.716   -12.475 -10.809 1.00 21.81 ? 63  VAL E CB    1 
ATOM   484  C CG1   . VAL A 1 63  ? 2.891   -13.786 -10.041 1.00 22.68 ? 63  VAL E CG1   1 
ATOM   485  C CG2   . VAL A 1 63  ? 2.866   -11.292 -9.849  1.00 20.22 ? 63  VAL E CG2   1 
ATOM   486  N N     . ALA A 1 64  ? 2.312   -11.235 -13.637 1.00 23.98 ? 64  ALA E N     1 
ATOM   487  C CA    . ALA A 1 64  ? 1.862   -10.112 -14.444 1.00 25.41 ? 64  ALA E CA    1 
ATOM   488  C C     . ALA A 1 64  ? 1.128   -9.099  -13.530 1.00 25.62 ? 64  ALA E C     1 
ATOM   489  O O     . ALA A 1 64  ? 0.498   -9.469  -12.522 1.00 22.56 ? 64  ALA E O     1 
ATOM   490  C CB    . ALA A 1 64  ? 0.785   -10.586 -15.436 1.00 22.95 ? 64  ALA E CB    1 
ATOM   491  N N     . CYS A 1 65  ? 1.235   -7.819  -13.878 1.00 25.09 ? 65  CYS E N     1 
ATOM   492  C CA    . CYS A 1 65  ? 0.509   -6.800  -13.087 1.00 26.32 ? 65  CYS E CA    1 
ATOM   493  C C     . CYS A 1 65  ? -0.923  -6.817  -13.615 1.00 27.43 ? 65  CYS E C     1 
ATOM   494  O O     . CYS A 1 65  ? -1.174  -7.460  -14.650 1.00 28.40 ? 65  CYS E O     1 
ATOM   495  C CB    . CYS A 1 65  ? 1.108   -5.413  -13.320 1.00 23.93 ? 65  CYS E CB    1 
ATOM   496  S SG    . CYS A 1 65  ? 2.870   -5.303  -12.890 1.00 28.06 ? 65  CYS E SG    1 
ATOM   497  N N     . LYS A 1 66  ? -1.867  -6.170  -12.954 1.00 29.03 ? 66  LYS E N     1 
ATOM   498  C CA    . LYS A 1 66  ? -3.244  -6.138  -13.411 1.00 32.10 ? 66  LYS E CA    1 
ATOM   499  C C     . LYS A 1 66  ? -3.337  -5.476  -14.783 1.00 31.99 ? 66  LYS E C     1 
ATOM   500  O O     . LYS A 1 66  ? -4.220  -5.758  -15.561 1.00 32.69 ? 66  LYS E O     1 
ATOM   501  C CB    . LYS A 1 66  ? -4.125  -5.334  -12.456 1.00 34.95 ? 66  LYS E CB    1 
ATOM   502  C CG    . LYS A 1 66  ? -4.786  -6.231  -11.416 1.00 43.23 ? 66  LYS E CG    1 
ATOM   503  C CD    . LYS A 1 66  ? -5.222  -5.409  -10.212 1.00 48.69 ? 66  LYS E CD    1 
ATOM   504  C CE    . LYS A 1 66  ? -5.744  -6.354  -9.116  1.00 52.14 ? 66  LYS E CE    1 
ATOM   505  N NZ    . LYS A 1 66  ? -6.449  -5.557  -8.053  1.00 55.22 ? 66  LYS E NZ    1 
ATOM   506  N N     . ASN A 1 67  ? -2.395  -4.600  -15.053 1.00 31.81 ? 67  ASN E N     1 
ATOM   507  C CA    . ASN A 1 67  ? -2.308  -3.861  -16.289 1.00 32.83 ? 67  ASN E CA    1 
ATOM   508  C C     . ASN A 1 67  ? -1.730  -4.718  -17.387 1.00 33.69 ? 67  ASN E C     1 
ATOM   509  O O     . ASN A 1 67  ? -1.617  -4.248  -18.527 1.00 37.44 ? 67  ASN E O     1 
ATOM   510  C CB    . ASN A 1 67  ? -1.465  -2.613  -16.105 1.00 32.50 ? 67  ASN E CB    1 
ATOM   511  C CG    . ASN A 1 67  ? 0.005   -2.650  -15.901 1.00 34.07 ? 67  ASN E CG    1 
ATOM   512  O OD1   . ASN A 1 67  ? 0.737   -3.609  -15.680 1.00 35.55 ? 67  ASN E OD1   1 
ATOM   513  N ND2   . ASN A 1 67  ? 0.641   -1.467  -15.986 1.00 34.89 ? 67  ASN E ND2   1 
ATOM   514  N N     . GLY A 1 68  ? -1.346  -5.952  -17.119 1.00 33.39 ? 68  GLY E N     1 
ATOM   515  C CA    . GLY A 1 68  ? -0.765  -6.727  -18.218 1.00 33.35 ? 68  GLY E CA    1 
ATOM   516  C C     . GLY A 1 68  ? 0.739   -6.543  -18.240 1.00 35.35 ? 68  GLY E C     1 
ATOM   517  O O     . GLY A 1 68  ? 1.389   -7.332  -18.939 1.00 37.24 ? 68  GLY E O     1 
ATOM   518  N N     . GLN A 1 69  ? 1.359   -5.577  -17.561 1.00 35.76 ? 69  GLN E N     1 
ATOM   519  C CA    . GLN A 1 69  ? 2.818   -5.512  -17.604 1.00 37.07 ? 69  GLN E CA    1 
ATOM   520  C C     . GLN A 1 69  ? 3.366   -6.718  -16.805 1.00 36.16 ? 69  GLN E C     1 
ATOM   521  O O     . GLN A 1 69  ? 2.648   -7.241  -15.949 1.00 35.29 ? 69  GLN E O     1 
ATOM   522  C CB    . GLN A 1 69  ? 3.395   -4.328  -16.877 1.00 41.65 ? 69  GLN E CB    1 
ATOM   523  C CG    . GLN A 1 69  ? 3.098   -2.935  -17.391 1.00 51.46 ? 69  GLN E CG    1 
ATOM   524  C CD    . GLN A 1 69  ? 3.688   -1.911  -16.407 1.00 58.81 ? 69  GLN E CD    1 
ATOM   525  O OE1   . GLN A 1 69  ? 3.491   -1.998  -15.174 1.00 63.55 ? 69  GLN E OE1   1 
ATOM   526  N NE2   . GLN A 1 69  ? 4.445   -0.939  -16.932 1.00 60.48 ? 69  GLN E NE2   1 
ATOM   527  N N     . THR A 1 70  ? 4.620   -7.101  -17.021 1.00 33.94 ? 70  THR E N     1 
ATOM   528  C CA    . THR A 1 70  ? 5.169   -8.229  -16.294 1.00 33.06 ? 70  THR E CA    1 
ATOM   529  C C     . THR A 1 70  ? 6.268   -7.880  -15.312 1.00 28.61 ? 70  THR E C     1 
ATOM   530  O O     . THR A 1 70  ? 7.157   -8.707  -15.077 1.00 28.09 ? 70  THR E O     1 
ATOM   531  C CB    . THR A 1 70  ? 5.739   -9.336  -17.206 1.00 35.47 ? 70  THR E CB    1 
ATOM   532  O OG1   . THR A 1 70  ? 6.268   -8.749  -18.385 1.00 39.09 ? 70  THR E OG1   1 
ATOM   533  C CG2   . THR A 1 70  ? 4.691   -10.369 -17.573 1.00 38.14 ? 70  THR E CG2   1 
ATOM   534  N N     . ASN A 1 71  ? 6.225   -6.700  -14.711 1.00 24.98 ? 71  ASN E N     1 
ATOM   535  C CA    . ASN A 1 71  ? 7.245   -6.331  -13.723 1.00 24.75 ? 71  ASN E CA    1 
ATOM   536  C C     . ASN A 1 71  ? 6.665   -6.338  -12.303 1.00 23.23 ? 71  ASN E C     1 
ATOM   537  O O     . ASN A 1 71  ? 7.022   -5.574  -11.413 1.00 22.34 ? 71  ASN E O     1 
ATOM   538  C CB    . ASN A 1 71  ? 7.856   -4.975  -14.073 1.00 23.74 ? 71  ASN E CB    1 
ATOM   539  C CG    . ASN A 1 71  ? 6.864   -3.828  -14.048 1.00 24.86 ? 71  ASN E CG    1 
ATOM   540  O OD1   . ASN A 1 71  ? 7.213   -2.784  -13.498 1.00 27.34 ? 71  ASN E OD1   1 
ATOM   541  N ND2   . ASN A 1 71  ? 5.671   -4.001  -14.583 1.00 23.38 ? 71  ASN E ND2   1 
ATOM   542  N N     . CYS A 1 72  ? 5.718   -7.244  -12.062 1.00 22.35 ? 72  CYS E N     1 
ATOM   543  C CA    . CYS A 1 72  ? 5.062   -7.422  -10.776 1.00 23.42 ? 72  CYS E CA    1 
ATOM   544  C C     . CYS A 1 72  ? 5.641   -8.663  -10.103 1.00 22.04 ? 72  CYS E C     1 
ATOM   545  O O     . CYS A 1 72  ? 6.113   -9.557  -10.804 1.00 20.98 ? 72  CYS E O     1 
ATOM   546  C CB    . CYS A 1 72  ? 3.548   -7.441  -10.843 1.00 24.66 ? 72  CYS E CB    1 
ATOM   547  S SG    . CYS A 1 72  ? 2.857   -5.739  -10.911 1.00 26.19 ? 72  CYS E SG    1 
ATOM   548  N N     . TYR A 1 73  ? 5.730   -8.645  -8.788  1.00 20.81 ? 73  TYR E N     1 
ATOM   549  C CA    . TYR A 1 73  ? 6.283   -9.683  -7.945  1.00 19.85 ? 73  TYR E CA    1 
ATOM   550  C C     . TYR A 1 73  ? 5.398   -9.912  -6.728  1.00 21.32 ? 73  TYR E C     1 
ATOM   551  O O     . TYR A 1 73  ? 4.974   -8.954  -6.065  1.00 21.33 ? 73  TYR E O     1 
ATOM   552  C CB    . TYR A 1 73  ? 7.668   -9.254  -7.386  1.00 17.57 ? 73  TYR E CB    1 
ATOM   553  C CG    . TYR A 1 73  ? 8.622   -9.111  -8.563  1.00 20.00 ? 73  TYR E CG    1 
ATOM   554  C CD1   . TYR A 1 73  ? 8.682   -7.905  -9.260  1.00 19.48 ? 73  TYR E CD1   1 
ATOM   555  C CD2   . TYR A 1 73  ? 9.347   -10.211 -9.018  1.00 21.35 ? 73  TYR E CD2   1 
ATOM   556  C CE1   . TYR A 1 73  ? 9.483   -7.767  -10.368 1.00 20.68 ? 73  TYR E CE1   1 
ATOM   557  C CE2   . TYR A 1 73  ? 10.149  -10.093 -10.146 1.00 22.67 ? 73  TYR E CE2   1 
ATOM   558  C CZ    . TYR A 1 73  ? 10.194  -8.877  -10.796 1.00 24.54 ? 73  TYR E CZ    1 
ATOM   559  O OH    . TYR A 1 73  ? 10.977  -8.750  -11.920 1.00 28.59 ? 73  TYR E OH    1 
ATOM   560  N N     . GLN A 1 74  ? 5.126   -11.175 -6.452  1.00 21.07 ? 74  GLN E N     1 
ATOM   561  C CA    . GLN A 1 74  ? 4.305   -11.534 -5.294  1.00 23.25 ? 74  GLN E CA    1 
ATOM   562  C C     . GLN A 1 74  ? 5.185   -12.060 -4.169  1.00 24.19 ? 74  GLN E C     1 
ATOM   563  O O     . GLN A 1 74  ? 6.100   -12.854 -4.413  1.00 24.51 ? 74  GLN E O     1 
ATOM   564  C CB    . GLN A 1 74  ? 3.246   -12.567 -5.677  1.00 22.75 ? 74  GLN E CB    1 
ATOM   565  C CG    . GLN A 1 74  ? 2.483   -13.147 -4.501  1.00 26.31 ? 74  GLN E CG    1 
ATOM   566  C CD    . GLN A 1 74  ? 1.298   -13.961 -4.960  1.00 34.68 ? 74  GLN E CD    1 
ATOM   567  O OE1   . GLN A 1 74  ? 0.928   -14.896 -4.241  1.00 39.66 ? 74  GLN E OE1   1 
ATOM   568  N NE2   . GLN A 1 74  ? 0.671   -13.647 -6.103  1.00 35.36 ? 74  GLN E NE2   1 
ATOM   569  N N     . SER A 1 75  ? 4.959   -11.585 -2.928  1.00 21.99 ? 75  SER E N     1 
ATOM   570  C CA    . SER A 1 75  ? 5.795   -12.056 -1.823  1.00 20.10 ? 75  SER E CA    1 
ATOM   571  C C     . SER A 1 75  ? 5.545   -13.548 -1.600  1.00 19.46 ? 75  SER E C     1 
ATOM   572  O O     . SER A 1 75  ? 4.426   -14.060 -1.747  1.00 18.93 ? 75  SER E O     1 
ATOM   573  C CB    . SER A 1 75  ? 5.502   -11.251 -0.571  1.00 19.92 ? 75  SER E CB    1 
ATOM   574  O OG    . SER A 1 75  ? 4.172   -11.379 -0.101  1.00 19.25 ? 75  SER E OG    1 
ATOM   575  N N     . TYR A 1 76  ? 6.592   -14.273 -1.239  1.00 20.02 ? 76  TYR E N     1 
ATOM   576  C CA    . TYR A 1 76  ? 6.436   -15.711 -0.975  1.00 20.40 ? 76  TYR E CA    1 
ATOM   577  C C     . TYR A 1 76  ? 5.635   -15.936 0.305   1.00 21.31 ? 76  TYR E C     1 
ATOM   578  O O     . TYR A 1 76  ? 4.902   -16.911 0.424   1.00 21.62 ? 76  TYR E O     1 
ATOM   579  C CB    . TYR A 1 76  ? 7.790   -16.351 -0.789  1.00 20.48 ? 76  TYR E CB    1 
ATOM   580  C CG    . TYR A 1 76  ? 8.687   -16.392 -1.990  1.00 24.42 ? 76  TYR E CG    1 
ATOM   581  C CD1   . TYR A 1 76  ? 8.189   -16.836 -3.217  1.00 26.01 ? 76  TYR E CD1   1 
ATOM   582  C CD2   . TYR A 1 76  ? 10.030  -16.045 -1.897  1.00 23.70 ? 76  TYR E CD2   1 
ATOM   583  C CE1   . TYR A 1 76  ? 9.012   -16.902 -4.333  1.00 25.87 ? 76  TYR E CE1   1 
ATOM   584  C CE2   . TYR A 1 76  ? 10.870  -16.139 -3.004  1.00 25.92 ? 76  TYR E CE2   1 
ATOM   585  C CZ    . TYR A 1 76  ? 10.343  -16.573 -4.203  1.00 24.77 ? 76  TYR E CZ    1 
ATOM   586  O OH    . TYR A 1 76  ? 11.165  -16.642 -5.314  1.00 29.42 ? 76  TYR E OH    1 
ATOM   587  N N     . SER A 1 77  ? 5.777   -15.061 1.319   1.00 21.87 ? 77  SER E N     1 
ATOM   588  C CA    . SER A 1 77  ? 4.996   -15.254 2.525   1.00 24.05 ? 77  SER E CA    1 
ATOM   589  C C     . SER A 1 77  ? 4.033   -14.082 2.734   1.00 22.34 ? 77  SER E C     1 
ATOM   590  O O     . SER A 1 77  ? 4.051   -13.097 2.012   1.00 22.42 ? 77  SER E O     1 
ATOM   591  C CB    . SER A 1 77  ? 5.799   -15.413 3.822   1.00 24.11 ? 77  SER E CB    1 
ATOM   592  O OG    . SER A 1 77  ? 6.531   -14.228 4.034   1.00 33.82 ? 77  SER E OG    1 
ATOM   593  N N     . THR A 1 78  ? 3.173   -14.252 3.729   1.00 23.39 ? 78  THR E N     1 
ATOM   594  C CA    . THR A 1 78  ? 2.206   -13.214 4.048   1.00 22.60 ? 78  THR E CA    1 
ATOM   595  C C     . THR A 1 78  ? 2.863   -12.154 4.898   1.00 21.78 ? 78  THR E C     1 
ATOM   596  O O     . THR A 1 78  ? 3.889   -12.372 5.538   1.00 22.42 ? 78  THR E O     1 
ATOM   597  C CB    . THR A 1 78  ? 0.998   -13.773 4.821   1.00 24.05 ? 78  THR E CB    1 
ATOM   598  O OG1   . THR A 1 78  ? 1.458   -14.387 6.012   1.00 24.96 ? 78  THR E OG1   1 
ATOM   599  C CG2   . THR A 1 78  ? 0.282   -14.791 3.937   1.00 22.86 ? 78  THR E CG2   1 
ATOM   600  N N     . MET A 1 79  ? 2.276   -10.955 4.862   1.00 21.29 ? 79  MET E N     1 
ATOM   601  C CA    . MET A 1 79  ? 2.780   -9.817  5.613   1.00 18.49 ? 79  MET E CA    1 
ATOM   602  C C     . MET A 1 79  ? 1.591   -9.127  6.274   1.00 17.72 ? 79  MET E C     1 
ATOM   603  O O     . MET A 1 79  ? 0.469   -9.279  5.822   1.00 17.29 ? 79  MET E O     1 
ATOM   604  C CB    . MET A 1 79  ? 3.393   -8.809  4.640   1.00 20.52 ? 79  MET E CB    1 
ATOM   605  C CG    . MET A 1 79  ? 4.611   -9.378  3.927   1.00 22.67 ? 79  MET E CG    1 
ATOM   606  S SD    . MET A 1 79  ? 5.489   -8.121  2.967   1.00 26.71 ? 79  MET E SD    1 
ATOM   607  C CE    . MET A 1 79  ? 6.867   -9.117  2.379   1.00 25.92 ? 79  MET E CE    1 
ATOM   608  N N     . SER A 1 80  ? 1.860   -8.385  7.336   1.00 18.47 ? 80  SER E N     1 
ATOM   609  C CA    . SER A 1 80  ? 0.791   -7.677  8.037   1.00 18.96 ? 80  SER E CA    1 
ATOM   610  C C     . SER A 1 80  ? 0.370   -6.486  7.194   1.00 18.82 ? 80  SER E C     1 
ATOM   611  O O     . SER A 1 80  ? 1.245   -5.652  6.925   1.00 19.97 ? 80  SER E O     1 
ATOM   612  C CB    . SER A 1 80  ? 1.282   -7.153  9.389   1.00 17.63 ? 80  SER E CB    1 
ATOM   613  O OG    . SER A 1 80  ? 0.317   -6.253  9.910   1.00 22.75 ? 80  SER E OG    1 
ATOM   614  N N     . ILE A 1 81  ? -0.882  -6.398  6.786   1.00 18.38 ? 81  ILE E N     1 
ATOM   615  C CA    . ILE A 1 81  ? -1.276  -5.241  5.974   1.00 19.53 ? 81  ILE E CA    1 
ATOM   616  C C     . ILE A 1 81  ? -2.594  -4.664  6.450   1.00 19.35 ? 81  ILE E C     1 
ATOM   617  O O     . ILE A 1 81  ? -3.333  -5.294  7.215   1.00 20.31 ? 81  ILE E O     1 
ATOM   618  C CB    . ILE A 1 81  ? -1.359  -5.561  4.476   1.00 20.47 ? 81  ILE E CB    1 
ATOM   619  C CG1   . ILE A 1 81  ? -2.345  -6.679  4.154   1.00 23.62 ? 81  ILE E CG1   1 
ATOM   620  C CG2   . ILE A 1 81  ? -0.017  -6.027  3.915   1.00 19.82 ? 81  ILE E CG2   1 
ATOM   621  C CD1   . ILE A 1 81  ? -3.651  -6.177  3.590   1.00 25.13 ? 81  ILE E CD1   1 
ATOM   622  N N     . THR A 1 82  ? -2.881  -3.418  6.090   1.00 19.05 ? 82  THR E N     1 
ATOM   623  C CA    . THR A 1 82  ? -4.129  -2.775  6.440   1.00 16.91 ? 82  THR E CA    1 
ATOM   624  C C     . THR A 1 82  ? -4.708  -2.219  5.139   1.00 16.87 ? 82  THR E C     1 
ATOM   625  O O     . THR A 1 82  ? -4.063  -1.392  4.499   1.00 18.71 ? 82  THR E O     1 
ATOM   626  C CB    . THR A 1 82  ? -4.096  -1.607  7.421   1.00 15.67 ? 82  THR E CB    1 
ATOM   627  O OG1   . THR A 1 82  ? -3.405  -2.028  8.595   1.00 16.48 ? 82  THR E OG1   1 
ATOM   628  C CG2   . THR A 1 82  ? -5.535  -1.218  7.787   1.00 13.37 ? 82  THR E CG2   1 
ATOM   629  N N     . ASP A 1 83  ? -5.873  -2.717  4.783   1.00 16.34 ? 83  ASP E N     1 
ATOM   630  C CA    . ASP A 1 83  ? -6.567  -2.271  3.587   1.00 17.04 ? 83  ASP E CA    1 
ATOM   631  C C     . ASP A 1 83  ? -7.504  -1.136  3.984   1.00 16.53 ? 83  ASP E C     1 
ATOM   632  O O     . ASP A 1 83  ? -8.266  -1.260  4.951   1.00 17.24 ? 83  ASP E O     1 
ATOM   633  C CB    . ASP A 1 83  ? -7.365  -3.491  3.088   1.00 22.93 ? 83  ASP E CB    1 
ATOM   634  C CG    . ASP A 1 83  ? -8.114  -3.158  1.815   1.00 30.30 ? 83  ASP E CG    1 
ATOM   635  O OD1   . ASP A 1 83  ? -9.262  -2.651  1.881   1.00 29.14 ? 83  ASP E OD1   1 
ATOM   636  O OD2   . ASP A 1 83  ? -7.501  -3.421  0.753   1.00 33.18 ? 83  ASP E OD2   1 
ATOM   637  N N     . CYS A 1 84  ? -7.465  -0.018  3.290   1.00 16.39 ? 84  CYS E N     1 
ATOM   638  C CA    . CYS A 1 84  ? -8.286  1.162   3.561   1.00 18.71 ? 84  CYS E CA    1 
ATOM   639  C C     . CYS A 1 84  ? -9.179  1.377   2.362   1.00 21.49 ? 84  CYS E C     1 
ATOM   640  O O     . CYS A 1 84  ? -8.683  1.523   1.239   1.00 24.78 ? 84  CYS E O     1 
ATOM   641  C CB    . CYS A 1 84  ? -7.417  2.419   3.756   1.00 15.75 ? 84  CYS E CB    1 
ATOM   642  S SG    . CYS A 1 84  ? -6.347  2.279   5.213   1.00 18.13 ? 84  CYS E SG    1 
ATOM   643  N N     . ARG A 1 85  ? -10.486 1.331   2.588   1.00 21.74 ? 85  ARG E N     1 
ATOM   644  C CA    . ARG A 1 85  ? -11.406 1.487   1.480   1.00 22.59 ? 85  ARG E CA    1 
ATOM   645  C C     . ARG A 1 85  ? -12.387 2.595   1.772   1.00 23.49 ? 85  ARG E C     1 
ATOM   646  O O     . ARG A 1 85  ? -12.965 2.637   2.853   1.00 23.46 ? 85  ARG E O     1 
ATOM   647  C CB    . ARG A 1 85  ? -12.164 0.140   1.241   1.00 23.45 ? 85  ARG E CB    1 
ATOM   648  C CG    . ARG A 1 85  ? -12.944 0.222   -0.038  1.00 27.18 ? 85  ARG E CG    1 
ATOM   649  C CD    . ARG A 1 85  ? -13.149 -0.897  -0.961  1.00 31.69 ? 85  ARG E CD    1 
ATOM   650  N NE    . ARG A 1 85  ? -12.014 -1.573  -1.598  1.00 29.78 ? 85  ARG E NE    1 
ATOM   651  C CZ    . ARG A 1 85  ? -12.070 -1.920  -2.894  1.00 26.98 ? 85  ARG E CZ    1 
ATOM   652  N NH1   . ARG A 1 85  ? -13.155 -1.604  -3.582  1.00 27.94 ? 85  ARG E NH1   1 
ATOM   653  N NH2   . ARG A 1 85  ? -11.064 -2.531  -3.473  1.00 27.49 ? 85  ARG E NH2   1 
ATOM   654  N N     . GLU A 1 86  ? -12.590 3.522   0.831   1.00 23.74 ? 86  GLU E N     1 
ATOM   655  C CA    . GLU A 1 86  ? -13.538 4.594   1.117   1.00 24.61 ? 86  GLU E CA    1 
ATOM   656  C C     . GLU A 1 86  ? -14.929 4.027   1.369   1.00 25.57 ? 86  GLU E C     1 
ATOM   657  O O     . GLU A 1 86  ? -15.282 3.089   0.653   1.00 23.08 ? 86  GLU E O     1 
ATOM   658  C CB    . GLU A 1 86  ? -13.603 5.461   -0.139  1.00 26.25 ? 86  GLU E CB    1 
ATOM   659  C CG    . GLU A 1 86  ? -14.257 6.804   0.113   1.00 32.87 ? 86  GLU E CG    1 
ATOM   660  C CD    . GLU A 1 86  ? -14.268 7.703   -1.116  1.00 38.07 ? 86  GLU E CD    1 
ATOM   661  O OE1   . GLU A 1 86  ? -13.899 7.246   -2.228  1.00 37.61 ? 86  GLU E OE1   1 
ATOM   662  O OE2   . GLU A 1 86  ? -14.638 8.893   -0.916  1.00 39.23 ? 86  GLU E OE2   1 
ATOM   663  N N     . THR A 1 87  ? -15.724 4.545   2.308   1.00 25.87 ? 87  THR E N     1 
ATOM   664  C CA    . THR A 1 87  ? -17.068 3.977   2.474   1.00 28.52 ? 87  THR E CA    1 
ATOM   665  C C     . THR A 1 87  ? -18.014 4.553   1.438   1.00 28.95 ? 87  THR E C     1 
ATOM   666  O O     . THR A 1 87  ? -17.679 5.523   0.777   1.00 29.38 ? 87  THR E O     1 
ATOM   667  C CB    . THR A 1 87  ? -17.659 4.264   3.860   1.00 29.67 ? 87  THR E CB    1 
ATOM   668  O OG1   . THR A 1 87  ? -17.783 5.684   3.938   1.00 30.42 ? 87  THR E OG1   1 
ATOM   669  C CG2   . THR A 1 87  ? -16.688 3.790   4.920   1.00 28.07 ? 87  THR E CG2   1 
ATOM   670  N N     . GLY A 1 88  ? -19.171 3.939   1.239   1.00 31.65 ? 88  GLY E N     1 
ATOM   671  C CA    . GLY A 1 88  ? -20.135 4.404   0.237   1.00 36.53 ? 88  GLY E CA    1 
ATOM   672  C C     . GLY A 1 88  ? -20.679 5.781   0.612   1.00 39.04 ? 88  GLY E C     1 
ATOM   673  O O     . GLY A 1 88  ? -21.082 6.560   -0.254  1.00 42.01 ? 88  GLY E O     1 
ATOM   674  N N     . SER A 1 89  ? -20.680 6.135   1.883   1.00 40.51 ? 89  SER E N     1 
ATOM   675  C CA    . SER A 1 89  ? -21.192 7.428   2.311   1.00 45.36 ? 89  SER E CA    1 
ATOM   676  C C     . SER A 1 89  ? -20.189 8.581   2.253   1.00 46.92 ? 89  SER E C     1 
ATOM   677  O O     . SER A 1 89  ? -20.617 9.742   2.151   1.00 49.28 ? 89  SER E O     1 
ATOM   678  C CB    . SER A 1 89  ? -21.701 7.290   3.751   1.00 46.58 ? 89  SER E CB    1 
ATOM   679  O OG    . SER A 1 89  ? -20.684 6.723   4.582   1.00 53.35 ? 89  SER E OG    1 
ATOM   680  N N     . SER A 1 90  ? -18.899 8.325   2.325   1.00 46.21 ? 90  SER E N     1 
ATOM   681  C CA    . SER A 1 90  ? -17.807 9.283   2.278   1.00 43.25 ? 90  SER E CA    1 
ATOM   682  C C     . SER A 1 90  ? -17.975 10.315  1.181   1.00 45.47 ? 90  SER E C     1 
ATOM   683  O O     . SER A 1 90  ? -18.419 10.022  0.061   1.00 46.23 ? 90  SER E O     1 
ATOM   684  C CB    . SER A 1 90  ? -16.509 8.499   2.079   1.00 39.75 ? 90  SER E CB    1 
ATOM   685  O OG    . SER A 1 90  ? -15.385 9.293   1.787   1.00 37.25 ? 90  SER E OG    1 
ATOM   686  N N     . LYS A 1 91  ? -17.615 11.581  1.444   1.00 47.13 ? 91  LYS E N     1 
ATOM   687  C CA    . LYS A 1 91  ? -17.765 12.620  0.423   1.00 49.72 ? 91  LYS E CA    1 
ATOM   688  C C     . LYS A 1 91  ? -16.679 13.683  0.574   1.00 47.20 ? 91  LYS E C     1 
ATOM   689  O O     . LYS A 1 91  ? -16.590 14.311  1.624   1.00 45.90 ? 91  LYS E O     1 
ATOM   690  C CB    . LYS A 1 91  ? -19.123 13.334  0.540   1.00 55.09 ? 91  LYS E CB    1 
ATOM   691  C CG    . LYS A 1 91  ? -19.431 13.770  1.985   1.00 62.22 ? 91  LYS E CG    1 
ATOM   692  C CD    . LYS A 1 91  ? -20.002 12.641  2.823   1.00 65.43 ? 91  LYS E CD    1 
ATOM   693  C CE    . LYS A 1 91  ? -19.600 12.710  4.287   1.00 68.12 ? 91  LYS E CE    1 
ATOM   694  N NZ    . LYS A 1 91  ? -18.308 12.023  4.581   1.00 68.62 ? 91  LYS E NZ    1 
ATOM   695  N N     . TYR A 1 92  ? -15.876 13.828  -0.478  1.00 46.26 ? 92  TYR E N     1 
ATOM   696  C CA    . TYR A 1 92  ? -14.812 14.837  -0.418  1.00 47.28 ? 92  TYR E CA    1 
ATOM   697  C C     . TYR A 1 92  ? -15.478 16.158  -0.070  1.00 47.28 ? 92  TYR E C     1 
ATOM   698  O O     . TYR A 1 92  ? -16.497 16.499  -0.676  1.00 48.00 ? 92  TYR E O     1 
ATOM   699  C CB    . TYR A 1 92  ? -14.093 14.958  -1.766  1.00 47.42 ? 92  TYR E CB    1 
ATOM   700  C CG    . TYR A 1 92  ? -12.935 15.931  -1.632  1.00 50.17 ? 92  TYR E CG    1 
ATOM   701  C CD1   . TYR A 1 92  ? -11.884 15.634  -0.766  1.00 50.94 ? 92  TYR E CD1   1 
ATOM   702  C CD2   . TYR A 1 92  ? -12.894 17.137  -2.316  1.00 51.60 ? 92  TYR E CD2   1 
ATOM   703  C CE1   . TYR A 1 92  ? -10.832 16.503  -0.561  1.00 51.92 ? 92  TYR E CE1   1 
ATOM   704  C CE2   . TYR A 1 92  ? -11.834 18.010  -2.146  1.00 52.30 ? 92  TYR E CE2   1 
ATOM   705  C CZ    . TYR A 1 92  ? -10.820 17.691  -1.266  1.00 53.24 ? 92  TYR E CZ    1 
ATOM   706  O OH    . TYR A 1 92  ? -9.785  18.566  -1.076  1.00 56.96 ? 92  TYR E OH    1 
ATOM   707  N N     . PRO A 1 93  ? -14.936 16.905  0.869   1.00 46.78 ? 93  PRO E N     1 
ATOM   708  C CA    . PRO A 1 93  ? -13.717 16.568  1.556   1.00 46.43 ? 93  PRO E CA    1 
ATOM   709  C C     . PRO A 1 93  ? -13.861 15.870  2.879   1.00 46.49 ? 93  PRO E C     1 
ATOM   710  O O     . PRO A 1 93  ? -12.900 15.885  3.657   1.00 47.74 ? 93  PRO E O     1 
ATOM   711  C CB    . PRO A 1 93  ? -13.135 17.991  1.787   1.00 49.10 ? 93  PRO E CB    1 
ATOM   712  C CG    . PRO A 1 93  ? -14.377 18.728  2.186   1.00 47.47 ? 93  PRO E CG    1 
ATOM   713  C CD    . PRO A 1 93  ? -15.458 18.209  1.301   1.00 47.62 ? 93  PRO E CD    1 
ATOM   714  N N     . ASN A 1 94  ? -15.028 15.316  3.139   1.00 46.44 ? 94  ASN E N     1 
ATOM   715  C CA    . ASN A 1 94  ? -15.243 14.563  4.390   1.00 46.35 ? 94  ASN E CA    1 
ATOM   716  C C     . ASN A 1 94  ? -15.102 13.086  3.972   1.00 44.17 ? 94  ASN E C     1 
ATOM   717  O O     . ASN A 1 94  ? -16.112 12.451  3.679   1.00 43.23 ? 94  ASN E O     1 
ATOM   718  C CB    . ASN A 1 94  ? -16.678 14.756  4.879   1.00 51.29 ? 94  ASN E CB    1 
ATOM   719  C CG    . ASN A 1 94  ? -16.993 16.252  4.984   1.00 56.41 ? 94  ASN E CG    1 
ATOM   720  O OD1   . ASN A 1 94  ? -16.288 16.974  5.702   1.00 57.44 ? 94  ASN E OD1   1 
ATOM   721  N ND2   . ASN A 1 94  ? -18.004 16.662  4.221   1.00 58.11 ? 94  ASN E ND2   1 
ATOM   722  N N     . CYS A 1 95  ? -13.856 12.667  3.840   1.00 40.91 ? 95  CYS E N     1 
ATOM   723  C CA    . CYS A 1 95  ? -13.494 11.315  3.418   1.00 36.86 ? 95  CYS E CA    1 
ATOM   724  C C     . CYS A 1 95  ? -13.610 10.332  4.577   1.00 34.47 ? 95  CYS E C     1 
ATOM   725  O O     . CYS A 1 95  ? -13.119 10.612  5.670   1.00 35.67 ? 95  CYS E O     1 
ATOM   726  C CB    . CYS A 1 95  ? -12.014 11.291  2.976   1.00 34.28 ? 95  CYS E CB    1 
ATOM   727  S SG    . CYS A 1 95  ? -11.674 12.401  1.607   1.00 31.47 ? 95  CYS E SG    1 
ATOM   728  N N     . ALA A 1 96  ? -14.256 9.203   4.365   1.00 31.16 ? 96  ALA E N     1 
ATOM   729  C CA    . ALA A 1 96  ? -14.396 8.228   5.461   1.00 28.90 ? 96  ALA E CA    1 
ATOM   730  C C     . ALA A 1 96  ? -13.957 6.871   4.905   1.00 26.55 ? 96  ALA E C     1 
ATOM   731  O O     . ALA A 1 96  ? -14.281 6.535   3.761   1.00 28.15 ? 96  ALA E O     1 
ATOM   732  C CB    . ALA A 1 96  ? -15.821 8.223   5.939   1.00 27.47 ? 96  ALA E CB    1 
ATOM   733  N N     . TYR A 1 97  ? -13.202 6.135   5.691   1.00 22.67 ? 97  TYR E N     1 
ATOM   734  C CA    . TYR A 1 97  ? -12.696 4.861   5.225   1.00 22.95 ? 97  TYR E CA    1 
ATOM   735  C C     . TYR A 1 97  ? -12.996 3.715   6.172   1.00 22.15 ? 97  TYR E C     1 
ATOM   736  O O     . TYR A 1 97  ? -13.075 3.872   7.381   1.00 24.02 ? 97  TYR E O     1 
ATOM   737  C CB    . TYR A 1 97  ? -11.134 4.961   5.137   1.00 20.40 ? 97  TYR E CB    1 
ATOM   738  C CG    . TYR A 1 97  ? -10.687 5.868   4.012   1.00 19.87 ? 97  TYR E CG    1 
ATOM   739  C CD1   . TYR A 1 97  ? -10.504 5.377   2.732   1.00 16.45 ? 97  TYR E CD1   1 
ATOM   740  C CD2   . TYR A 1 97  ? -10.466 7.234   4.211   1.00 21.88 ? 97  TYR E CD2   1 
ATOM   741  C CE1   . TYR A 1 97  ? -10.150 6.210   1.700   1.00 19.24 ? 97  TYR E CE1   1 
ATOM   742  C CE2   . TYR A 1 97  ? -10.097 8.081   3.168   1.00 20.29 ? 97  TYR E CE2   1 
ATOM   743  C CZ    . TYR A 1 97  ? -9.956  7.554   1.913   1.00 18.44 ? 97  TYR E CZ    1 
ATOM   744  O OH    . TYR A 1 97  ? -9.625  8.355   0.857   1.00 21.42 ? 97  TYR E OH    1 
ATOM   745  N N     . LYS A 1 98  ? -13.097 2.523   5.629   1.00 22.65 ? 98  LYS E N     1 
ATOM   746  C CA    . LYS A 1 98  ? -13.290 1.278   6.346   1.00 20.63 ? 98  LYS E CA    1 
ATOM   747  C C     . LYS A 1 98  ? -11.916 0.614   6.411   1.00 19.28 ? 98  LYS E C     1 
ATOM   748  O O     . LYS A 1 98  ? -11.182 0.456   5.444   1.00 21.11 ? 98  LYS E O     1 
ATOM   749  C CB    . LYS A 1 98  ? -14.261 0.360   5.616   1.00 21.67 ? 98  LYS E CB    1 
ATOM   750  C CG    . LYS A 1 98  ? -14.377 -1.021  6.224   1.00 25.35 ? 98  LYS E CG    1 
ATOM   751  C CD    . LYS A 1 98  ? -15.113 -1.991  5.314   1.00 28.73 ? 98  LYS E CD    1 
ATOM   752  C CE    . LYS A 1 98  ? -14.978 -3.411  5.875   1.00 29.34 ? 98  LYS E CE    1 
ATOM   753  N NZ    . LYS A 1 98  ? -15.893 -3.605  7.024   1.00 34.96 ? 98  LYS E NZ    1 
ATOM   754  N N     . THR A 1 99  ? -11.494 0.254   7.607   1.00 19.71 ? 99  THR E N     1 
ATOM   755  C CA    . THR A 1 99  ? -10.236 -0.363  7.895   1.00 19.54 ? 99  THR E CA    1 
ATOM   756  C C     . THR A 1 99  ? -10.307 -1.872  8.005   1.00 19.61 ? 99  THR E C     1 
ATOM   757  O O     . THR A 1 99  ? -11.089 -2.377  8.809   1.00 19.21 ? 99  THR E O     1 
ATOM   758  C CB    . THR A 1 99  ? -9.718  0.129   9.287   1.00 20.23 ? 99  THR E CB    1 
ATOM   759  O OG1   . THR A 1 99  ? -9.582  1.556   9.199   1.00 20.26 ? 99  THR E OG1   1 
ATOM   760  C CG2   . THR A 1 99  ? -8.445  -0.566  9.742   1.00 18.91 ? 99  THR E CG2   1 
ATOM   761  N N     . THR A 1 100 ? -9.464  -2.558  7.241   1.00 18.67 ? 100 THR E N     1 
ATOM   762  C CA    . THR A 1 100 ? -9.398  -4.015  7.313   1.00 20.98 ? 100 THR E CA    1 
ATOM   763  C C     . THR A 1 100 ? -7.955  -4.493  7.487   1.00 20.66 ? 100 THR E C     1 
ATOM   764  O O     . THR A 1 100 ? -7.122  -4.380  6.585   1.00 20.27 ? 100 THR E O     1 
ATOM   765  C CB    . THR A 1 100 ? -9.983  -4.715  6.073   1.00 23.31 ? 100 THR E CB    1 
ATOM   766  O OG1   . THR A 1 100 ? -11.310 -4.200  5.837   1.00 22.97 ? 100 THR E OG1   1 
ATOM   767  C CG2   . THR A 1 100 ? -10.067 -6.228  6.288   1.00 24.98 ? 100 THR E CG2   1 
ATOM   768  N N     . GLN A 1 101 ? -7.675  -5.048  8.658   1.00 21.14 ? 101 GLN E N     1 
ATOM   769  C CA    . GLN A 1 101 ? -6.356  -5.562  9.007   1.00 22.90 ? 101 GLN E CA    1 
ATOM   770  C C     . GLN A 1 101 ? -6.296  -7.048  8.640   1.00 24.25 ? 101 GLN E C     1 
ATOM   771  O O     . GLN A 1 101 ? -7.258  -7.765  8.899   1.00 24.80 ? 101 GLN E O     1 
ATOM   772  C CB    . GLN A 1 101 ? -6.039  -5.401  10.493  1.00 22.76 ? 101 GLN E CB    1 
ATOM   773  C CG    . GLN A 1 101 ? -4.784  -6.115  10.995  1.00 25.87 ? 101 GLN E CG    1 
ATOM   774  C CD    . GLN A 1 101 ? -3.497  -5.514  10.441  1.00 28.06 ? 101 GLN E CD    1 
ATOM   775  O OE1   . GLN A 1 101 ? -3.419  -4.288  10.244  1.00 27.79 ? 101 GLN E OE1   1 
ATOM   776  N NE2   . GLN A 1 101 ? -2.512  -6.383  10.159  1.00 24.61 ? 101 GLN E NE2   1 
ATOM   777  N N     . ALA A 1 102 ? -5.202  -7.470  8.015   1.00 23.54 ? 102 ALA E N     1 
ATOM   778  C CA    . ALA A 1 102 ? -5.059  -8.868  7.608   1.00 22.20 ? 102 ALA E CA    1 
ATOM   779  C C     . ALA A 1 102 ? -3.613  -9.232  7.357   1.00 21.75 ? 102 ALA E C     1 
ATOM   780  O O     . ALA A 1 102 ? -2.753  -8.354  7.400   1.00 20.99 ? 102 ALA E O     1 
ATOM   781  C CB    . ALA A 1 102 ? -5.806  -9.007  6.273   1.00 22.13 ? 102 ALA E CB    1 
ATOM   782  N N     . ASN A 1 103 ? -3.371  -10.513 7.136   1.00 22.02 ? 103 ASN E N     1 
ATOM   783  C CA    . ASN A 1 103 ? -2.048  -11.027 6.821   1.00 23.31 ? 103 ASN E CA    1 
ATOM   784  C C     . ASN A 1 103 ? -2.164  -11.677 5.435   1.00 23.06 ? 103 ASN E C     1 
ATOM   785  O O     . ASN A 1 103 ? -2.784  -12.731 5.293   1.00 24.08 ? 103 ASN E O     1 
ATOM   786  C CB    . ASN A 1 103 ? -1.530  -12.095 7.771   1.00 28.55 ? 103 ASN E CB    1 
ATOM   787  C CG    . ASN A 1 103 ? -1.157  -11.455 9.090   1.00 35.02 ? 103 ASN E CG    1 
ATOM   788  O OD1   . ASN A 1 103 ? -0.105  -10.853 9.258   1.00 37.69 ? 103 ASN E OD1   1 
ATOM   789  N ND2   . ASN A 1 103 ? -2.050  -11.579 10.065  1.00 40.77 ? 103 ASN E ND2   1 
ATOM   790  N N     . LYS A 1 104 ? -1.599  -11.041 4.417   1.00 21.69 ? 104 LYS E N     1 
ATOM   791  C CA    . LYS A 1 104 ? -1.737  -11.624 3.078   1.00 21.73 ? 104 LYS E CA    1 
ATOM   792  C C     . LYS A 1 104 ? -0.459  -11.406 2.292   1.00 20.03 ? 104 LYS E C     1 
ATOM   793  O O     . LYS A 1 104 ? 0.401   -10.694 2.789   1.00 19.64 ? 104 LYS E O     1 
ATOM   794  C CB    . LYS A 1 104 ? -2.820  -10.833 2.329   1.00 25.15 ? 104 LYS E CB    1 
ATOM   795  C CG    . LYS A 1 104 ? -4.070  -10.564 3.139   1.00 29.19 ? 104 LYS E CG    1 
ATOM   796  C CD    . LYS A 1 104 ? -5.339  -10.462 2.342   1.00 33.89 ? 104 LYS E CD    1 
ATOM   797  C CE    . LYS A 1 104 ? -5.548  -9.188  1.553   1.00 35.73 ? 104 LYS E CE    1 
ATOM   798  N NZ    . LYS A 1 104 ? -6.414  -9.383  0.342   1.00 31.41 ? 104 LYS E NZ    1 
ATOM   799  N N     . HIS A 1 105 ? -0.368  -11.976 1.102   1.00 19.45 ? 105 HIS E N     1 
ATOM   800  C CA    . HIS A 1 105 ? 0.853   -11.759 0.303   1.00 18.42 ? 105 HIS E CA    1 
ATOM   801  C C     . HIS A 1 105 ? 0.673   -10.425 -0.418  1.00 19.12 ? 105 HIS E C     1 
ATOM   802  O O     . HIS A 1 105 ? -0.488  -10.068 -0.687  1.00 20.18 ? 105 HIS E O     1 
ATOM   803  C CB    . HIS A 1 105 ? 0.895   -12.794 -0.841  1.00 20.29 ? 105 HIS E CB    1 
ATOM   804  C CG    . HIS A 1 105 ? 0.987   -14.188 -0.309  1.00 21.66 ? 105 HIS E CG    1 
ATOM   805  N ND1   . HIS A 1 105 ? -0.122  -14.958 -0.037  1.00 24.38 ? 105 HIS E ND1   1 
ATOM   806  C CD2   . HIS A 1 105 ? 2.065   -14.930 0.021   1.00 21.49 ? 105 HIS E CD2   1 
ATOM   807  C CE1   . HIS A 1 105 ? 0.272   -16.145 0.424   1.00 23.95 ? 105 HIS E CE1   1 
ATOM   808  N NE2   . HIS A 1 105 ? 1.591   -16.130 0.476   1.00 23.70 ? 105 HIS E NE2   1 
ATOM   809  N N     . ILE A 1 106 ? 1.725   -9.699  -0.713  1.00 17.16 ? 106 ILE E N     1 
ATOM   810  C CA    . ILE A 1 106 ? 1.480   -8.437  -1.429  1.00 18.29 ? 106 ILE E CA    1 
ATOM   811  C C     . ILE A 1 106 ? 2.034   -8.607  -2.846  1.00 18.86 ? 106 ILE E C     1 
ATOM   812  O O     . ILE A 1 106 ? 2.859   -9.510  -3.049  1.00 17.87 ? 106 ILE E O     1 
ATOM   813  C CB    . ILE A 1 106 ? 2.146   -7.234  -0.740  1.00 17.71 ? 106 ILE E CB    1 
ATOM   814  C CG1   . ILE A 1 106 ? 3.655   -7.387  -0.614  1.00 19.28 ? 106 ILE E CG1   1 
ATOM   815  C CG2   . ILE A 1 106 ? 1.538   -7.103  0.670   1.00 17.27 ? 106 ILE E CG2   1 
ATOM   816  C CD1   . ILE A 1 106 ? 4.461   -6.168  -0.228  1.00 16.80 ? 106 ILE E CD1   1 
ATOM   817  N N     . ILE A 1 107 ? 1.573   -7.817  -3.794  1.00 18.55 ? 107 ILE E N     1 
ATOM   818  C CA    . ILE A 1 107 ? 2.025   -7.799  -5.186  1.00 19.29 ? 107 ILE E CA    1 
ATOM   819  C C     . ILE A 1 107 ? 2.413   -6.353  -5.486  1.00 19.09 ? 107 ILE E C     1 
ATOM   820  O O     . ILE A 1 107 ? 1.602   -5.430  -5.344  1.00 18.55 ? 107 ILE E O     1 
ATOM   821  C CB    . ILE A 1 107 ? 1.002   -8.314  -6.200  1.00 19.11 ? 107 ILE E CB    1 
ATOM   822  C CG1   . ILE A 1 107 ? 0.691   -9.782  -5.860  1.00 21.59 ? 107 ILE E CG1   1 
ATOM   823  C CG2   . ILE A 1 107 ? 1.577   -8.310  -7.618  1.00 17.28 ? 107 ILE E CG2   1 
ATOM   824  C CD1   . ILE A 1 107 ? -0.659  -10.240 -6.314  1.00 23.24 ? 107 ILE E CD1   1 
ATOM   825  N N     . VAL A 1 108 ? 3.669   -6.136  -5.839  1.00 20.09 ? 108 VAL E N     1 
ATOM   826  C CA    . VAL A 1 108 ? 4.196   -4.810  -6.124  1.00 19.75 ? 108 VAL E CA    1 
ATOM   827  C C     . VAL A 1 108 ? 4.853   -4.799  -7.505  1.00 20.42 ? 108 VAL E C     1 
ATOM   828  O O     . VAL A 1 108 ? 5.290   -5.835  -7.994  1.00 20.66 ? 108 VAL E O     1 
ATOM   829  C CB    . VAL A 1 108 ? 5.251   -4.356  -5.097  1.00 18.83 ? 108 VAL E CB    1 
ATOM   830  C CG1   . VAL A 1 108 ? 4.679   -4.110  -3.694  1.00 19.46 ? 108 VAL E CG1   1 
ATOM   831  C CG2   . VAL A 1 108 ? 6.401   -5.324  -4.928  1.00 15.73 ? 108 VAL E CG2   1 
ATOM   832  N N     . ALA A 1 109 ? 4.881   -3.640  -8.146  1.00 20.20 ? 109 ALA E N     1 
ATOM   833  C CA    . ALA A 1 109 ? 5.533   -3.467  -9.439  1.00 20.48 ? 109 ALA E CA    1 
ATOM   834  C C     . ALA A 1 109 ? 6.904   -2.868  -9.104  1.00 22.17 ? 109 ALA E C     1 
ATOM   835  O O     . ALA A 1 109 ? 6.964   -1.952  -8.253  1.00 22.05 ? 109 ALA E O     1 
ATOM   836  C CB    . ALA A 1 109 ? 4.794   -2.480  -10.331 1.00 20.29 ? 109 ALA E CB    1 
ATOM   837  N N     . CYS A 1 110 ? 7.978   -3.359  -9.708  1.00 23.16 ? 110 CYS E N     1 
ATOM   838  C CA    . CYS A 1 110 ? 9.302   -2.824  -9.392  1.00 23.34 ? 110 CYS E CA    1 
ATOM   839  C C     . CYS A 1 110 ? 9.968   -2.206  -10.613 1.00 25.09 ? 110 CYS E C     1 
ATOM   840  O O     . CYS A 1 110 ? 9.710   -2.574  -11.755 1.00 23.06 ? 110 CYS E O     1 
ATOM   841  C CB    . CYS A 1 110 ? 10.238  -3.922  -8.846  1.00 22.97 ? 110 CYS E CB    1 
ATOM   842  S SG    . CYS A 1 110 ? 9.537   -4.743  -7.378  1.00 22.00 ? 110 CYS E SG    1 
ATOM   843  N N     . GLU A 1 111 ? 10.854  -1.260  -10.317 1.00 25.50 ? 111 GLU E N     1 
ATOM   844  C CA    . GLU A 1 111 ? 11.577  -0.554  -11.333 1.00 30.47 ? 111 GLU E CA    1 
ATOM   845  C C     . GLU A 1 111 ? 12.875  0.090   -10.829 1.00 29.55 ? 111 GLU E C     1 
ATOM   846  O O     . GLU A 1 111 ? 13.127  0.214   -9.660  1.00 29.73 ? 111 GLU E O     1 
ATOM   847  C CB    . GLU A 1 111 ? 10.812  0.664   -11.878 1.00 33.54 ? 111 GLU E CB    1 
ATOM   848  C CG    . GLU A 1 111 ? 10.140  0.413   -13.214 1.00 41.75 ? 111 GLU E CG    1 
ATOM   849  C CD    . GLU A 1 111 ? 9.204   1.584   -13.528 1.00 48.53 ? 111 GLU E CD    1 
ATOM   850  O OE1   . GLU A 1 111 ? 9.552   2.723   -13.114 1.00 52.20 ? 111 GLU E OE1   1 
ATOM   851  O OE2   . GLU A 1 111 ? 8.139   1.337   -14.150 1.00 51.01 ? 111 GLU E OE2   1 
ATOM   852  N N     . GLY A 1 112 ? 13.650  0.485   -11.826 1.00 29.37 ? 112 GLY E N     1 
ATOM   853  C CA    . GLY A 1 112 ? 14.887  1.138   -11.693 1.00 29.42 ? 112 GLY E CA    1 
ATOM   854  C C     . GLY A 1 112 ? 16.091  0.422   -11.200 1.00 31.58 ? 112 GLY E C     1 
ATOM   855  O O     . GLY A 1 112 ? 16.229  -0.787  -11.209 1.00 32.41 ? 112 GLY E O     1 
ATOM   856  N N     . ASN A 1 113 ? 17.027  1.246   -10.743 1.00 34.73 ? 113 ASN E N     1 
ATOM   857  C CA    . ASN A 1 113 ? 18.298  0.778   -10.204 1.00 37.65 ? 113 ASN E CA    1 
ATOM   858  C C     . ASN A 1 113 ? 18.696  1.709   -9.060  1.00 35.89 ? 113 ASN E C     1 
ATOM   859  O O     . ASN A 1 113 ? 19.008  2.878   -9.280  1.00 38.68 ? 113 ASN E O     1 
ATOM   860  C CB    . ASN A 1 113 ? 19.365  0.903   -11.310 1.00 42.74 ? 113 ASN E CB    1 
ATOM   861  C CG    . ASN A 1 113 ? 20.490  -0.063  -10.993 1.00 49.90 ? 113 ASN E CG    1 
ATOM   862  O OD1   . ASN A 1 113 ? 20.868  -0.844  -11.875 1.00 54.95 ? 113 ASN E OD1   1 
ATOM   863  N ND2   . ASN A 1 113 ? 20.977  -0.036  -9.750  1.00 53.45 ? 113 ASN E ND2   1 
ATOM   864  N N     . PRO A 1 114 ? 18.664  1.206   -7.844  1.00 34.91 ? 114 PRO E N     1 
ATOM   865  C CA    . PRO A 1 114 ? 18.272  -0.181  -7.574  1.00 33.26 ? 114 PRO E CA    1 
ATOM   866  C C     . PRO A 1 114 ? 16.818  -0.474  -7.945  1.00 32.39 ? 114 PRO E C     1 
ATOM   867  O O     . PRO A 1 114 ? 15.974  0.417   -8.079  1.00 31.78 ? 114 PRO E O     1 
ATOM   868  C CB    . PRO A 1 114 ? 18.528  -0.295  -6.078  1.00 33.17 ? 114 PRO E CB    1 
ATOM   869  C CG    . PRO A 1 114 ? 18.274  1.113   -5.602  1.00 33.72 ? 114 PRO E CG    1 
ATOM   870  C CD    . PRO A 1 114 ? 18.968  1.966   -6.629  1.00 32.30 ? 114 PRO E CD    1 
ATOM   871  N N     . TYR A 1 115 ? 16.524  -1.743  -8.175  1.00 29.10 ? 115 TYR E N     1 
ATOM   872  C CA    . TYR A 1 115 ? 15.183  -2.199  -8.564  1.00 26.12 ? 115 TYR E CA    1 
ATOM   873  C C     . TYR A 1 115 ? 14.345  -2.288  -7.296  1.00 24.54 ? 115 TYR E C     1 
ATOM   874  O O     . TYR A 1 115 ? 14.558  -3.183  -6.497  1.00 22.82 ? 115 TYR E O     1 
ATOM   875  C CB    . TYR A 1 115 ? 15.368  -3.611  -9.085  1.00 26.12 ? 115 TYR E CB    1 
ATOM   876  C CG    . TYR A 1 115 ? 14.259  -4.177  -9.923  1.00 23.04 ? 115 TYR E CG    1 
ATOM   877  C CD1   . TYR A 1 115 ? 13.837  -3.493  -11.058 1.00 22.47 ? 115 TYR E CD1   1 
ATOM   878  C CD2   . TYR A 1 115 ? 13.712  -5.416  -9.604  1.00 22.52 ? 115 TYR E CD2   1 
ATOM   879  C CE1   . TYR A 1 115 ? 12.849  -4.021  -11.868 1.00 23.82 ? 115 TYR E CE1   1 
ATOM   880  C CE2   . TYR A 1 115 ? 12.733  -5.953  -10.420 1.00 22.57 ? 115 TYR E CE2   1 
ATOM   881  C CZ    . TYR A 1 115 ? 12.330  -5.258  -11.539 1.00 22.74 ? 115 TYR E CZ    1 
ATOM   882  O OH    . TYR A 1 115 ? 11.356  -5.796  -12.343 1.00 27.12 ? 115 TYR E OH    1 
ATOM   883  N N     . VAL A 1 116 ? 13.444  -1.334  -7.155  1.00 23.55 ? 116 VAL E N     1 
ATOM   884  C CA    . VAL A 1 116 ? 12.622  -1.247  -5.946  1.00 22.74 ? 116 VAL E CA    1 
ATOM   885  C C     . VAL A 1 116 ? 11.141  -1.083  -6.268  1.00 22.77 ? 116 VAL E C     1 
ATOM   886  O O     . VAL A 1 116 ? 10.776  -0.802  -7.426  1.00 21.62 ? 116 VAL E O     1 
ATOM   887  C CB    . VAL A 1 116 ? 13.113  -0.029  -5.116  1.00 19.89 ? 116 VAL E CB    1 
ATOM   888  C CG1   . VAL A 1 116 ? 14.541  -0.220  -4.603  1.00 23.55 ? 116 VAL E CG1   1 
ATOM   889  C CG2   . VAL A 1 116 ? 13.150  1.245   -5.949  1.00 17.90 ? 116 VAL E CG2   1 
ATOM   890  N N     . PRO A 1 117 ? 10.280  -1.259  -5.254  1.00 20.89 ? 117 PRO E N     1 
ATOM   891  C CA    . PRO A 1 117 ? 8.855   -1.099  -5.452  1.00 20.30 ? 117 PRO E CA    1 
ATOM   892  C C     . PRO A 1 117 ? 8.461   0.338   -5.803  1.00 22.07 ? 117 PRO E C     1 
ATOM   893  O O     . PRO A 1 117 ? 8.882   1.328   -5.174  1.00 23.62 ? 117 PRO E O     1 
ATOM   894  C CB    . PRO A 1 117 ? 8.255   -1.583  -4.141  1.00 18.04 ? 117 PRO E CB    1 
ATOM   895  C CG    . PRO A 1 117 ? 9.367   -2.268  -3.414  1.00 21.52 ? 117 PRO E CG    1 
ATOM   896  C CD    . PRO A 1 117 ? 10.632  -1.582  -3.867  1.00 18.80 ? 117 PRO E CD    1 
ATOM   897  N N     . VAL A 1 118 ? 7.639   0.486   -6.848  1.00 19.80 ? 118 VAL E N     1 
ATOM   898  C CA    . VAL A 1 118 ? 7.187   1.801   -7.235  1.00 19.66 ? 118 VAL E CA    1 
ATOM   899  C C     . VAL A 1 118 ? 5.670   1.800   -7.283  1.00 22.50 ? 118 VAL E C     1 
ATOM   900  O O     . VAL A 1 118 ? 5.067   2.850   -7.498  1.00 26.03 ? 118 VAL E O     1 
ATOM   901  C CB    . VAL A 1 118 ? 7.744   2.266   -8.586  1.00 19.31 ? 118 VAL E CB    1 
ATOM   902  C CG1   . VAL A 1 118 ? 9.256   2.393   -8.479  1.00 15.49 ? 118 VAL E CG1   1 
ATOM   903  C CG2   . VAL A 1 118 ? 7.389   1.317   -9.718  1.00 17.05 ? 118 VAL E CG2   1 
ATOM   904  N N     . HIS A 1 119 ? 5.004   0.665   -7.058  1.00 22.53 ? 119 HIS E N     1 
ATOM   905  C CA    . HIS A 1 119 ? 3.524   0.692   -7.125  1.00 21.93 ? 119 HIS E CA    1 
ATOM   906  C C     . HIS A 1 119 ? 2.953   -0.514  -6.414  1.00 22.40 ? 119 HIS E C     1 
ATOM   907  O O     . HIS A 1 119 ? 3.521   -1.610  -6.482  1.00 19.90 ? 119 HIS E O     1 
ATOM   908  C CB    . HIS A 1 119 ? 3.153   0.695   -8.609  1.00 22.34 ? 119 HIS E CB    1 
ATOM   909  C CG    . HIS A 1 119 ? 1.828   0.139   -8.976  1.00 27.81 ? 119 HIS E CG    1 
ATOM   910  N ND1   . HIS A 1 119 ? 0.659   0.873   -9.004  1.00 30.85 ? 119 HIS E ND1   1 
ATOM   911  C CD2   . HIS A 1 119 ? 1.485   -1.132  -9.354  1.00 31.61 ? 119 HIS E CD2   1 
ATOM   912  C CE1   . HIS A 1 119 ? -0.348  0.073   -9.369  1.00 31.12 ? 119 HIS E CE1   1 
ATOM   913  N NE2   . HIS A 1 119 ? 0.131   -1.149  -9.580  1.00 32.93 ? 119 HIS E NE2   1 
ATOM   914  N N     . PHE A 1 120 ? 1.859   -0.328  -5.692  1.00 19.90 ? 120 PHE E N     1 
ATOM   915  C CA    . PHE A 1 120 ? 1.185   -1.405  -4.973  1.00 20.17 ? 120 PHE E CA    1 
ATOM   916  C C     . PHE A 1 120 ? 0.031   -1.874  -5.876  1.00 21.10 ? 120 PHE E C     1 
ATOM   917  O O     . PHE A 1 120 ? -0.914  -1.129  -6.119  1.00 20.88 ? 120 PHE E O     1 
ATOM   918  C CB    . PHE A 1 120 ? 0.585   -0.961  -3.644  1.00 17.39 ? 120 PHE E CB    1 
ATOM   919  C CG    . PHE A 1 120 ? 0.223   -2.128  -2.763  1.00 17.77 ? 120 PHE E CG    1 
ATOM   920  C CD1   . PHE A 1 120 ? -0.972  -2.808  -2.941  1.00 14.29 ? 120 PHE E CD1   1 
ATOM   921  C CD2   . PHE A 1 120 ? 1.120   -2.540  -1.791  1.00 18.01 ? 120 PHE E CD2   1 
ATOM   922  C CE1   . PHE A 1 120 ? -1.268  -3.899  -2.134  1.00 15.58 ? 120 PHE E CE1   1 
ATOM   923  C CE2   . PHE A 1 120 ? 0.811   -3.626  -0.986  1.00 15.71 ? 120 PHE E CE2   1 
ATOM   924  C CZ    . PHE A 1 120 ? -0.372  -4.304  -1.172  1.00 13.87 ? 120 PHE E CZ    1 
ATOM   925  N N     . ASP A 1 121 ? 0.144   -3.097  -6.392  1.00 21.32 ? 121 ASP E N     1 
ATOM   926  C CA    . ASP A 1 121 ? -0.855  -3.677  -7.285  1.00 20.42 ? 121 ASP E CA    1 
ATOM   927  C C     . ASP A 1 121 ? -2.004  -4.356  -6.606  1.00 19.90 ? 121 ASP E C     1 
ATOM   928  O O     . ASP A 1 121 ? -3.178  -4.160  -6.961  1.00 20.78 ? 121 ASP E O     1 
ATOM   929  C CB    . ASP A 1 121 ? -0.110  -4.650  -8.231  1.00 20.92 ? 121 ASP E CB    1 
ATOM   930  C CG    . ASP A 1 121 ? -0.890  -4.828  -9.511  1.00 25.08 ? 121 ASP E CG    1 
ATOM   931  O OD1   . ASP A 1 121 ? -1.153  -3.826  -10.215 1.00 27.43 ? 121 ASP E OD1   1 
ATOM   932  O OD2   . ASP A 1 121 ? -1.333  -5.966  -9.774  1.00 26.78 ? 121 ASP E OD2   1 
ATOM   933  N N     . ALA A 1 122 ? -1.793  -5.204  -5.611  1.00 20.59 ? 122 ALA E N     1 
ATOM   934  C CA    . ALA A 1 122 ? -2.860  -5.916  -4.910  1.00 20.44 ? 122 ALA E CA    1 
ATOM   935  C C     . ALA A 1 122 ? -2.332  -6.719  -3.735  1.00 21.67 ? 122 ALA E C     1 
ATOM   936  O O     . ALA A 1 122 ? -1.119  -6.806  -3.528  1.00 21.89 ? 122 ALA E O     1 
ATOM   937  C CB    . ALA A 1 122 ? -3.426  -6.984  -5.860  1.00 21.25 ? 122 ALA E CB    1 
ATOM   938  N N     . SER A 1 123 ? -3.225  -7.302  -2.956  1.00 23.44 ? 123 SER E N     1 
ATOM   939  C CA    . SER A 1 123 ? -2.828  -8.180  -1.852  1.00 22.61 ? 123 SER E CA    1 
ATOM   940  C C     . SER A 1 123 ? -3.674  -9.449  -2.108  1.00 24.24 ? 123 SER E C     1 
ATOM   941  O O     . SER A 1 123 ? -4.801  -9.365  -2.605  1.00 23.99 ? 123 SER E O     1 
ATOM   942  C CB    . SER A 1 123 ? -3.089  -7.639  -0.474  1.00 22.63 ? 123 SER E CB    1 
ATOM   943  O OG    . SER A 1 123 ? -4.450  -7.285  -0.364  1.00 26.93 ? 123 SER E OG    1 
ATOM   944  N N     . VAL A 1 124 ? -3.087  -10.605 -1.879  1.00 24.40 ? 124 VAL E N     1 
ATOM   945  C CA    . VAL A 1 124 ? -3.757  -11.871 -2.105  1.00 27.21 ? 124 VAL E CA    1 
ATOM   946  C C     . VAL A 1 124 ? -3.716  -12.700 -0.819  1.00 27.06 ? 124 VAL E C     1 
ATOM   947  O O     . VAL A 1 124 ? -4.792  -13.126 -0.377  1.00 28.29 ? 124 VAL E O     1 
ATOM   948  C CB    . VAL A 1 124 ? -3.048  -12.713 -3.196  1.00 27.75 ? 124 VAL E CB    1 
ATOM   949  C CG1   . VAL A 1 124 ? -3.869  -13.976 -3.427  1.00 30.06 ? 124 VAL E CG1   1 
ATOM   950  C CG2   . VAL A 1 124 ? -2.978  -11.949 -4.482  1.00 28.70 ? 124 VAL E CG2   1 
ATOM   951  O OXT   . VAL A 1 124 ? -2.606  -12.860 -0.268  1.00 26.75 ? 124 VAL E OXT   1 
HETATM 952  O O3P   . C5P B 2 .   ? -6.705  -0.130  -9.370  1.00 68.66 ? 200 C5P E O3P   1 
HETATM 953  P P     . C5P B 2 .   ? -5.255  0.205   -9.397  1.00 68.09 ? 200 C5P E P     1 
HETATM 954  O O1P   . C5P B 2 .   ? -4.294  -0.921  -9.137  1.00 72.72 ? 200 C5P E O1P   1 
HETATM 955  O O2P   . C5P B 2 .   ? -4.760  1.126   -10.464 1.00 68.80 ? 200 C5P E O2P   1 
HETATM 956  O "O5'" . C5P B 2 .   ? -5.199  1.051   -8.019  1.00 61.79 ? 200 C5P E "O5'" 1 
HETATM 957  C "C5'" . C5P B 2 .   ? -4.701  2.391   -7.980  1.00 49.08 ? 200 C5P E "C5'" 1 
HETATM 958  C "C4'" . C5P B 2 .   ? -3.896  2.570   -6.755  1.00 41.65 ? 200 C5P E "C4'" 1 
HETATM 959  O "O4'" . C5P B 2 .   ? -4.665  2.048   -5.695  1.00 34.03 ? 200 C5P E "O4'" 1 
HETATM 960  C "C3'" . C5P B 2 .   ? -2.598  1.778   -6.760  1.00 39.23 ? 200 C5P E "C3'" 1 
HETATM 961  O "O3'" . C5P B 2 .   ? -1.560  2.524   -7.429  1.00 47.50 ? 200 C5P E "O3'" 1 
HETATM 962  C "C2'" . C5P B 2 .   ? -2.288  1.665   -5.316  1.00 34.78 ? 200 C5P E "C2'" 1 
HETATM 963  O "O2'" . C5P B 2 .   ? -1.707  2.894   -4.835  1.00 33.42 ? 200 C5P E "O2'" 1 
HETATM 964  C "C1'" . C5P B 2 .   ? -3.709  1.565   -4.782  1.00 31.45 ? 200 C5P E "C1'" 1 
HETATM 965  N N1    . C5P B 2 .   ? -4.088  0.191   -4.416  1.00 27.23 ? 200 C5P E N1    1 
HETATM 966  C C2    . C5P B 2 .   ? -3.701  -0.192  -3.142  1.00 24.26 ? 200 C5P E C2    1 
HETATM 967  N N3    . C5P B 2 .   ? -4.084  -1.388  -2.718  1.00 23.10 ? 200 C5P E N3    1 
HETATM 968  C C4    . C5P B 2 .   ? -4.824  -2.203  -3.486  1.00 26.55 ? 200 C5P E C4    1 
HETATM 969  C C5    . C5P B 2 .   ? -5.230  -1.812  -4.810  1.00 27.43 ? 200 C5P E C5    1 
HETATM 970  C C6    . C5P B 2 .   ? -4.838  -0.604  -5.234  1.00 26.91 ? 200 C5P E C6    1 
HETATM 971  O O2    . C5P B 2 .   ? -2.993  0.510   -2.398  1.00 22.13 ? 200 C5P E O2    1 
HETATM 972  N N4    . C5P B 2 .   ? -5.142  -3.408  -2.969  1.00 26.32 ? 200 C5P E N4    1 
HETATM 973  C C     . FMT C 3 .   ? 1.337   3.278   -6.151  1.00 34.42 ? 131 FMT E C     1 
HETATM 974  O O1    . FMT C 3 .   ? 2.104   3.890   -5.334  1.00 44.40 ? 131 FMT E O1    1 
HETATM 975  O O2    . FMT C 3 .   ? 0.741   2.302   -5.681  1.00 31.65 ? 131 FMT E O2    1 
HETATM 976  O O     . HOH D 4 .   ? -10.932 4.383   9.393   1.00 19.26 ? 201 HOH E O     1 
HETATM 977  O O     . HOH D 4 .   ? 10.010  2.142   -2.744  1.00 24.88 ? 202 HOH E O     1 
HETATM 978  O O     . HOH D 4 .   ? -11.104 -2.040  4.118   1.00 24.92 ? 203 HOH E O     1 
HETATM 979  O O     . HOH D 4 .   ? 8.090   -13.054 1.456   1.00 26.35 ? 204 HOH E O     1 
HETATM 980  O O     . HOH D 4 .   ? 12.300  5.820   -7.677  1.00 26.64 ? 205 HOH E O     1 
HETATM 981  O O     . HOH D 4 .   ? -13.367 0.987   9.988   1.00 26.71 ? 206 HOH E O     1 
HETATM 982  O O     . HOH D 4 .   ? 11.514  12.156  -3.666  1.00 26.81 ? 207 HOH E O     1 
HETATM 983  O O     . HOH D 4 .   ? -7.298  3.890   -5.096  1.00 26.89 ? 208 HOH E O     1 
HETATM 984  O O     . HOH D 4 .   ? 9.759   -15.772 -10.733 1.00 28.40 ? 209 HOH E O     1 
HETATM 985  O O     . HOH D 4 .   ? -5.219  -4.646  0.003   1.00 28.60 ? 210 HOH E O     1 
HETATM 986  O O     . HOH D 4 .   ? 8.544   9.559   0.747   1.00 29.10 ? 211 HOH E O     1 
HETATM 987  O O     . HOH D 4 .   ? 9.213   1.740   6.938   1.00 29.42 ? 212 HOH E O     1 
HETATM 988  O O     . HOH D 4 .   ? -9.783  -4.948  10.676  1.00 29.51 ? 213 HOH E O     1 
HETATM 989  O O     . HOH D 4 .   ? 10.109  -10.281 2.100   1.00 30.05 ? 214 HOH E O     1 
HETATM 990  O O     . HOH D 4 .   ? 9.325   -6.831  8.441   1.00 30.63 ? 215 HOH E O     1 
HETATM 991  O O     . HOH D 4 .   ? -9.468  -3.477  -1.721  1.00 31.46 ? 216 HOH E O     1 
HETATM 992  O O     . HOH D 4 .   ? 14.457  -14.735 -8.256  1.00 32.33 ? 217 HOH E O     1 
HETATM 993  O O     . HOH D 4 .   ? 5.052   5.495   -7.130  1.00 32.39 ? 218 HOH E O     1 
HETATM 994  O O     . HOH D 4 .   ? 3.616   14.568  1.581   1.00 32.59 ? 219 HOH E O     1 
HETATM 995  O O     . HOH D 4 .   ? 15.669  3.119   -7.928  1.00 33.25 ? 220 HOH E O     1 
HETATM 996  O O     . HOH D 4 .   ? 5.802   4.652   10.044  1.00 33.37 ? 221 HOH E O     1 
HETATM 997  O O     . HOH D 4 .   ? 7.125   3.314   8.414   1.00 33.40 ? 222 HOH E O     1 
HETATM 998  O O     . HOH D 4 .   ? -17.275 -1.890  8.884   1.00 34.73 ? 223 HOH E O     1 
HETATM 999  O O     . HOH D 4 .   ? 10.234  13.464  -1.680  1.00 35.36 ? 224 HOH E O     1 
HETATM 1000 O O     . HOH D 4 .   ? 13.284  3.397   -8.816  1.00 35.91 ? 225 HOH E O     1 
HETATM 1001 O O     . HOH D 4 .   ? 11.275  8.519   1.007   1.00 35.93 ? 226 HOH E O     1 
HETATM 1002 O O     . HOH D 4 .   ? 5.807   -0.103  -13.362 1.00 36.32 ? 227 HOH E O     1 
HETATM 1003 O O     . HOH D 4 .   ? -13.643 -2.943  8.952   1.00 39.12 ? 228 HOH E O     1 
HETATM 1004 O O     . HOH D 4 .   ? -6.228  -6.868  -3.081  1.00 39.14 ? 229 HOH E O     1 
HETATM 1005 O O     . HOH D 4 .   ? 14.157  7.710   -3.762  1.00 39.19 ? 230 HOH E O     1 
HETATM 1006 O O     . HOH D 4 .   ? 7.709   11.862  0.008   1.00 39.29 ? 231 HOH E O     1 
HETATM 1007 O O     . HOH D 4 .   ? 2.011   -1.649  -13.007 1.00 39.56 ? 232 HOH E O     1 
HETATM 1008 O O     . HOH D 4 .   ? 1.215   -18.024 -2.799  1.00 39.59 ? 233 HOH E O     1 
HETATM 1009 O O     . HOH D 4 .   ? 16.110  -6.065  1.022   1.00 40.69 ? 234 HOH E O     1 
HETATM 1010 O O     . HOH D 4 .   ? -0.962  -2.738  -12.608 1.00 40.86 ? 235 HOH E O     1 
HETATM 1011 O O     . HOH D 4 .   ? 14.238  -1.508  6.673   1.00 41.41 ? 236 HOH E O     1 
HETATM 1012 O O     . HOH D 4 .   ? -9.258  10.607  6.392   1.00 41.93 ? 237 HOH E O     1 
HETATM 1013 O O     . HOH D 4 .   ? 15.152  -7.354  -4.337  1.00 42.46 ? 238 HOH E O     1 
HETATM 1014 O O     . HOH D 4 .   ? 3.469   0.918   -12.245 1.00 42.67 ? 239 HOH E O     1 
HETATM 1015 O O     . HOH D 4 .   ? 11.526  8.347   -10.404 1.00 43.40 ? 240 HOH E O     1 
HETATM 1016 O O     . HOH D 4 .   ? 12.261  1.953   -1.765  1.00 44.07 ? 241 HOH E O     1 
HETATM 1017 O O     . HOH D 4 .   ? 14.748  3.087   -2.752  1.00 44.62 ? 242 HOH E O     1 
HETATM 1018 O O     . HOH D 4 .   ? 18.567  -3.298  -7.797  1.00 44.91 ? 243 HOH E O     1 
HETATM 1019 O O     . HOH D 4 .   ? -4.602  1.774   15.138  1.00 45.57 ? 244 HOH E O     1 
HETATM 1020 O O     . HOH D 4 .   ? 1.333   15.061  7.762   1.00 46.14 ? 245 HOH E O     1 
HETATM 1021 O O     . HOH D 4 .   ? 7.211   -16.909 -12.839 1.00 46.28 ? 246 HOH E O     1 
HETATM 1022 O O     . HOH D 4 .   ? 8.510   -11.958 4.015   1.00 46.35 ? 247 HOH E O     1 
HETATM 1023 O O     . HOH D 4 .   ? 6.370   14.185  0.139   1.00 46.59 ? 248 HOH E O     1 
HETATM 1024 O O     . HOH D 4 .   ? -3.605  -15.368 1.545   1.00 46.63 ? 249 HOH E O     1 
HETATM 1025 O O     . HOH D 4 .   ? 17.538  4.916   -9.176  1.00 46.73 ? 250 HOH E O     1 
HETATM 1026 O O     . HOH D 4 .   ? -5.512  -12.441 8.201   1.00 47.98 ? 251 HOH E O     1 
HETATM 1027 O O     . HOH D 4 .   ? -3.179  -8.883  11.291  1.00 48.14 ? 252 HOH E O     1 
HETATM 1028 O O     . HOH D 4 .   ? 13.917  -9.851  -9.584  1.00 48.50 ? 253 HOH E O     1 
HETATM 1029 O O     . HOH D 4 .   ? 10.618  -2.357  -15.200 1.00 48.55 ? 254 HOH E O     1 
HETATM 1030 O O     . HOH D 4 .   ? -7.340  -7.374  -6.280  1.00 49.10 ? 255 HOH E O     1 
HETATM 1031 O O     . HOH D 4 .   ? 12.350  -13.589 -9.425  1.00 52.57 ? 256 HOH E O     1 
HETATM 1032 O O     . HOH D 4 .   ? -6.122  -6.872  -14.515 1.00 53.36 ? 257 HOH E O     1 
HETATM 1033 O O     . HOH D 4 .   ? -0.722  -2.761  17.011  1.00 53.45 ? 258 HOH E O     1 
HETATM 1034 O O     . HOH D 4 .   ? 16.087  -5.946  -6.167  1.00 53.47 ? 259 HOH E O     1 
HETATM 1035 O O     . HOH D 4 .   ? 0.345   -15.713 8.791   1.00 53.91 ? 260 HOH E O     1 
HETATM 1036 O O     . HOH D 4 .   ? -13.472 8.664   -4.679  1.00 53.93 ? 261 HOH E O     1 
HETATM 1037 O O     . HOH D 4 .   ? -5.148  -2.974  -8.229  1.00 54.29 ? 262 HOH E O     1 
HETATM 1038 O O     . HOH D 4 .   ? 2.329   -12.816 8.344   1.00 54.76 ? 263 HOH E O     1 
HETATM 1039 O O     . HOH D 4 .   ? 5.976   -20.733 -8.522  1.00 54.94 ? 264 HOH E O     1 
HETATM 1040 O O     . HOH D 4 .   ? -8.975  -3.841  13.659  1.00 55.16 ? 265 HOH E O     1 
HETATM 1041 O O     . HOH D 4 .   ? 15.243  4.956   -5.910  1.00 55.22 ? 266 HOH E O     1 
HETATM 1042 O O     . HOH D 4 .   ? -9.592  11.304  11.744  1.00 55.35 ? 267 HOH E O     1 
HETATM 1043 O O     . HOH D 4 .   ? 13.943  -6.686  8.321   1.00 56.24 ? 268 HOH E O     1 
HETATM 1044 O O     . HOH D 4 .   ? 3.610   -20.571 -11.330 1.00 56.70 ? 269 HOH E O     1 
HETATM 1045 O O     . HOH D 4 .   ? 8.412   -10.257 5.936   1.00 58.39 ? 270 HOH E O     1 
HETATM 1046 O O     . HOH D 4 .   ? -0.860  5.666   -6.986  1.00 58.52 ? 271 HOH E O     1 
HETATM 1047 O O     . HOH D 4 .   ? 6.200   -4.898  -18.528 1.00 58.76 ? 272 HOH E O     1 
HETATM 1048 O O     . HOH D 4 .   ? -4.672  15.065  3.474   1.00 58.87 ? 273 HOH E O     1 
HETATM 1049 O O     . HOH D 4 .   ? 16.253  -12.891 -8.181  1.00 58.95 ? 274 HOH E O     1 
HETATM 1050 O O     . HOH D 4 .   ? 3.451   7.260   10.835  1.00 59.38 ? 275 HOH E O     1 
HETATM 1051 O O     . HOH D 4 .   ? -1.226  11.248  -3.443  1.00 59.89 ? 276 HOH E O     1 
HETATM 1052 O O     . HOH D 4 .   ? -18.435 5.875   7.658   1.00 60.38 ? 277 HOH E O     1 
HETATM 1053 O O     . HOH D 4 .   ? -1.256  15.811  7.094   1.00 62.03 ? 278 HOH E O     1 
HETATM 1054 O O     . HOH D 4 .   ? 2.311   9.516   9.290   1.00 62.52 ? 279 HOH E O     1 
HETATM 1055 O O     . HOH D 4 .   ? 14.320  -3.624  -3.997  1.00 62.54 ? 280 HOH E O     1 
HETATM 1056 O O     . HOH D 4 .   ? 18.007  -2.725  -11.847 1.00 62.68 ? 281 HOH E O     1 
HETATM 1057 O O     . HOH D 4 .   ? -13.657 12.441  -3.868  1.00 63.26 ? 282 HOH E O     1 
HETATM 1058 O O     . HOH D 4 .   ? -7.171  -6.450  -0.807  1.00 63.49 ? 283 HOH E O     1 
HETATM 1059 O O     . HOH D 4 .   ? 2.765   -2.020  17.330  1.00 63.71 ? 284 HOH E O     1 
HETATM 1060 O O     . HOH D 4 .   ? 9.181   16.048  -1.947  1.00 63.92 ? 285 HOH E O     1 
HETATM 1061 O O     . HOH D 4 .   ? 0.521   4.013   12.662  1.00 63.96 ? 286 HOH E O     1 
HETATM 1062 O O     . HOH D 4 .   ? 8.410   -0.829  -16.143 1.00 64.51 ? 287 HOH E O     1 
HETATM 1063 O O     . HOH D 4 .   ? 6.573   -4.135  11.803  1.00 64.61 ? 288 HOH E O     1 
HETATM 1064 O O     . HOH D 4 .   ? 12.823  -11.814 -12.014 1.00 65.01 ? 289 HOH E O     1 
HETATM 1065 O O     . HOH D 4 .   ? 4.280   3.250   -11.499 1.00 65.10 ? 290 HOH E O     1 
HETATM 1066 O O     . HOH D 4 .   ? 15.102  -8.621  3.683   1.00 66.15 ? 291 HOH E O     1 
HETATM 1067 O O     . HOH D 4 .   ? 22.152  3.451   -8.066  1.00 66.56 ? 292 HOH E O     1 
HETATM 1068 O O     . HOH D 4 .   ? 16.767  -5.583  -1.851  1.00 66.74 ? 293 HOH E O     1 
HETATM 1069 O O     . HOH D 4 .   ? 4.073   -9.805  10.079  1.00 67.62 ? 294 HOH E O     1 
HETATM 1070 O O     . HOH D 4 .   ? -24.247 6.987   -0.474  1.00 67.70 ? 295 HOH E O     1 
HETATM 1071 O O     . HOH D 4 .   ? 13.550  -1.233  -14.317 1.00 67.81 ? 296 HOH E O     1 
HETATM 1072 O O     . HOH D 4 .   ? 9.746   -14.441 -15.264 1.00 69.61 ? 297 HOH E O     1 
HETATM 1073 O O     . HOH D 4 .   ? -7.541  12.895  11.667  1.00 72.02 ? 298 HOH E O     1 
HETATM 1074 O O     . HOH D 4 .   ? -4.403  12.684  11.439  1.00 72.39 ? 299 HOH E O     1 
HETATM 1075 O O     . HOH D 4 .   ? -6.456  -11.344 10.867  1.00 74.29 ? 300 HOH E O     1 
HETATM 1076 O O     . HOH D 4 .   ? 8.700   -18.836 -12.307 1.00 74.46 ? 301 HOH E O     1 
HETATM 1077 O O     . HOH D 4 .   ? -20.938 8.859   -1.904  1.00 78.99 ? 302 HOH E O     1 
HETATM 1078 O O     . HOH D 4 .   ? 18.911  5.526   -6.698  1.00 83.82 ? 303 HOH E O     1 
# 
